data_2MCF
#
_entry.id   2MCF
#
_entity_poly.entity_id   1
_entity_poly.type   'polypeptide(L)'
_entity_poly.pdbx_seq_one_letter_code
;MKYDVVIIPESFHRFDKHNMEHICPPMVIGDRSYDIAMEIVNGVDRVIKASFNASVEELEGEDCDVLYRKYTLEKEGKKG
IVHVKLRKITENCPPVDGNRCSVLEFERDIECIVKAIEECLAKGELNSKLEGKPIPNPLLGLDSTRTG
;
_entity_poly.pdbx_strand_id   A
#
# COMPACT_ATOMS: atom_id res chain seq x y z
N MET A 1 22.33 -7.04 -0.16
CA MET A 1 21.27 -6.07 -0.43
C MET A 1 19.97 -6.74 -0.71
N LYS A 2 18.95 -6.23 -0.10
CA LYS A 2 17.60 -6.63 -0.32
C LYS A 2 16.75 -5.42 -0.28
N TYR A 3 15.52 -5.57 -0.58
CA TYR A 3 14.58 -4.51 -0.57
C TYR A 3 13.47 -4.83 0.41
N ASP A 4 13.14 -3.84 1.17
CA ASP A 4 12.18 -3.93 2.23
C ASP A 4 11.01 -3.04 1.89
N VAL A 5 9.87 -3.64 1.78
CA VAL A 5 8.69 -2.96 1.36
C VAL A 5 7.83 -2.54 2.54
N VAL A 6 7.52 -1.28 2.59
CA VAL A 6 6.60 -0.80 3.56
C VAL A 6 5.33 -0.34 2.84
N ILE A 7 4.26 -1.01 3.11
CA ILE A 7 3.01 -0.67 2.51
C ILE A 7 2.16 0.03 3.54
N ILE A 8 1.72 1.20 3.19
CA ILE A 8 0.91 2.00 4.07
C ILE A 8 -0.49 2.16 3.48
N PRO A 9 -1.44 1.32 3.89
CA PRO A 9 -2.81 1.41 3.47
C PRO A 9 -3.59 2.31 4.43
N GLU A 10 -4.25 3.30 3.90
CA GLU A 10 -5.04 4.18 4.73
C GLU A 10 -6.22 4.73 3.95
N SER A 11 -7.38 4.59 4.51
CA SER A 11 -8.56 5.16 3.95
C SER A 11 -8.52 6.65 4.22
N PHE A 12 -8.35 7.46 3.17
CA PHE A 12 -8.17 8.87 3.38
C PHE A 12 -9.41 9.55 3.90
N HIS A 13 -9.26 10.15 5.04
CA HIS A 13 -10.33 10.84 5.67
C HIS A 13 -9.88 12.22 6.07
N ARG A 14 -10.46 13.22 5.47
CA ARG A 14 -10.26 14.55 5.93
C ARG A 14 -11.14 14.68 7.12
N PHE A 15 -10.51 14.94 8.22
CA PHE A 15 -11.14 15.12 9.49
C PHE A 15 -12.30 16.09 9.37
N ASP A 16 -13.45 15.51 9.40
CA ASP A 16 -14.74 16.14 9.27
C ASP A 16 -15.17 16.65 10.66
N LYS A 17 -16.46 16.63 10.96
CA LYS A 17 -16.96 17.10 12.25
C LYS A 17 -16.41 16.24 13.39
N HIS A 18 -16.67 14.95 13.36
CA HIS A 18 -16.19 14.12 14.43
C HIS A 18 -15.60 12.80 13.98
N ASN A 19 -16.34 12.07 13.21
CA ASN A 19 -15.96 10.72 12.87
C ASN A 19 -15.50 10.56 11.43
N MET A 20 -14.25 10.92 11.21
CA MET A 20 -13.55 10.81 9.91
C MET A 20 -12.04 10.92 10.13
N GLU A 21 -11.48 9.87 10.71
CA GLU A 21 -10.05 9.75 10.97
C GLU A 21 -9.71 8.28 10.82
N HIS A 22 -9.36 7.85 9.65
CA HIS A 22 -9.06 6.44 9.47
C HIS A 22 -7.60 6.24 9.14
N ILE A 23 -6.92 5.53 10.02
CA ILE A 23 -5.51 5.24 9.86
C ILE A 23 -5.24 3.78 10.11
N CYS A 24 -4.57 3.15 9.17
CA CYS A 24 -4.11 1.79 9.34
C CYS A 24 -2.58 1.81 9.42
N PRO A 25 -1.98 1.17 10.45
CA PRO A 25 -0.51 1.14 10.63
C PRO A 25 0.21 0.43 9.48
N PRO A 26 1.43 0.89 9.15
CA PRO A 26 2.23 0.38 8.03
C PRO A 26 2.64 -1.09 8.20
N MET A 27 2.75 -1.78 7.10
CA MET A 27 3.19 -3.16 7.08
C MET A 27 4.54 -3.21 6.43
N VAL A 28 5.46 -3.90 7.05
CA VAL A 28 6.87 -3.89 6.64
C VAL A 28 7.38 -5.32 6.41
N ILE A 29 7.92 -5.58 5.22
CA ILE A 29 8.47 -6.90 4.84
C ILE A 29 9.79 -6.70 4.09
N GLY A 30 10.89 -7.16 4.64
CA GLY A 30 12.15 -6.94 3.98
C GLY A 30 12.96 -8.14 3.75
N ASP A 31 12.64 -8.87 2.71
CA ASP A 31 13.42 -10.06 2.38
C ASP A 31 13.58 -10.25 0.88
N ARG A 32 13.17 -9.29 0.12
CA ARG A 32 13.07 -9.49 -1.31
C ARG A 32 14.21 -8.81 -1.98
N SER A 33 14.83 -9.45 -2.89
CA SER A 33 15.81 -8.81 -3.67
C SER A 33 15.10 -7.99 -4.72
N TYR A 34 15.80 -7.07 -5.34
CA TYR A 34 15.25 -6.13 -6.32
C TYR A 34 14.47 -6.87 -7.42
N ASP A 35 15.04 -7.94 -7.86
CA ASP A 35 14.44 -8.76 -8.91
C ASP A 35 13.14 -9.38 -8.46
N ILE A 36 13.11 -9.86 -7.25
CA ILE A 36 11.94 -10.51 -6.74
C ILE A 36 10.92 -9.47 -6.31
N ALA A 37 11.43 -8.33 -5.88
CA ALA A 37 10.62 -7.20 -5.48
C ALA A 37 9.83 -6.69 -6.66
N MET A 38 10.48 -6.54 -7.81
CA MET A 38 9.79 -6.05 -8.97
C MET A 38 8.77 -7.03 -9.48
N GLU A 39 9.03 -8.32 -9.31
CA GLU A 39 8.07 -9.30 -9.73
C GLU A 39 6.85 -9.27 -8.83
N ILE A 40 7.07 -9.21 -7.52
CA ILE A 40 5.96 -9.20 -6.58
C ILE A 40 5.15 -7.93 -6.73
N VAL A 41 5.83 -6.80 -6.90
CA VAL A 41 5.17 -5.52 -7.05
C VAL A 41 4.36 -5.49 -8.34
N ASN A 42 4.93 -6.00 -9.43
CA ASN A 42 4.22 -6.00 -10.73
C ASN A 42 2.98 -6.86 -10.68
N GLY A 43 3.10 -7.99 -10.02
CA GLY A 43 1.98 -8.89 -9.88
C GLY A 43 0.90 -8.28 -9.04
N VAL A 44 1.30 -7.69 -7.92
CA VAL A 44 0.37 -7.05 -7.01
C VAL A 44 -0.31 -5.86 -7.70
N ASP A 45 0.47 -5.15 -8.47
CA ASP A 45 0.04 -3.98 -9.24
C ASP A 45 -1.09 -4.36 -10.18
N ARG A 46 -0.91 -5.46 -10.90
CA ARG A 46 -1.92 -5.93 -11.82
C ARG A 46 -3.16 -6.40 -11.08
N VAL A 47 -2.97 -7.03 -9.95
CA VAL A 47 -4.08 -7.50 -9.17
C VAL A 47 -4.87 -6.31 -8.61
N ILE A 48 -4.18 -5.31 -8.12
CA ILE A 48 -4.85 -4.14 -7.57
C ILE A 48 -5.61 -3.38 -8.66
N LYS A 49 -5.04 -3.31 -9.84
CA LYS A 49 -5.68 -2.60 -10.92
C LYS A 49 -6.83 -3.39 -11.55
N ALA A 50 -6.86 -4.70 -11.32
CA ALA A 50 -7.91 -5.51 -11.88
C ALA A 50 -8.94 -5.98 -10.86
N SER A 51 -8.52 -6.23 -9.64
CA SER A 51 -9.40 -6.74 -8.63
C SER A 51 -10.10 -5.59 -7.91
N PHE A 52 -9.63 -4.39 -8.19
CA PHE A 52 -10.13 -3.19 -7.59
C PHE A 52 -10.26 -2.17 -8.66
N ASN A 53 -10.77 -1.05 -8.32
CA ASN A 53 -10.85 0.06 -9.21
C ASN A 53 -9.77 0.99 -8.78
N ALA A 54 -8.58 0.66 -9.13
CA ALA A 54 -7.46 1.37 -8.66
C ALA A 54 -6.73 2.09 -9.75
N SER A 55 -6.38 3.29 -9.47
CA SER A 55 -5.57 4.07 -10.34
C SER A 55 -4.20 4.19 -9.68
N VAL A 56 -3.18 3.79 -10.39
CA VAL A 56 -1.85 3.73 -9.85
C VAL A 56 -1.04 4.92 -10.31
N GLU A 57 -0.08 5.31 -9.51
CA GLU A 57 0.82 6.39 -9.81
C GLU A 57 2.22 5.99 -9.31
N GLU A 58 3.25 6.30 -10.07
CA GLU A 58 4.59 5.95 -9.65
C GLU A 58 5.38 7.20 -9.26
N LEU A 59 6.09 7.11 -8.17
CA LEU A 59 6.91 8.19 -7.68
C LEU A 59 8.25 7.60 -7.26
N GLU A 60 9.20 8.44 -7.02
CA GLU A 60 10.47 8.00 -6.53
C GLU A 60 10.48 8.26 -5.05
N GLY A 61 11.08 7.37 -4.31
CA GLY A 61 11.11 7.51 -2.87
C GLY A 61 12.24 8.38 -2.40
N GLU A 62 12.29 8.63 -1.13
CA GLU A 62 13.36 9.38 -0.56
C GLU A 62 14.50 8.44 -0.31
N ASP A 63 15.67 8.83 -0.78
CA ASP A 63 16.98 8.08 -0.77
C ASP A 63 16.91 6.59 -0.47
N CYS A 64 16.68 6.28 0.79
CA CYS A 64 16.56 4.93 1.29
C CYS A 64 15.45 4.19 0.54
N ASP A 65 14.40 4.90 0.25
CA ASP A 65 13.31 4.38 -0.52
C ASP A 65 13.64 4.57 -1.97
N VAL A 66 13.63 3.52 -2.70
CA VAL A 66 14.00 3.56 -4.09
C VAL A 66 12.78 3.76 -4.99
N LEU A 67 11.66 3.29 -4.56
CA LEU A 67 10.48 3.35 -5.38
C LEU A 67 9.29 3.58 -4.51
N TYR A 68 8.38 4.38 -4.99
CA TYR A 68 7.18 4.69 -4.28
C TYR A 68 6.02 4.49 -5.26
N ARG A 69 5.27 3.47 -5.04
CA ARG A 69 4.16 3.12 -5.87
C ARG A 69 2.88 3.52 -5.13
N LYS A 70 2.17 4.46 -5.68
CA LYS A 70 0.95 4.98 -5.08
C LYS A 70 -0.25 4.37 -5.78
N TYR A 71 -1.20 3.91 -5.02
CA TYR A 71 -2.41 3.36 -5.56
C TYR A 71 -3.59 4.05 -4.93
N THR A 72 -4.45 4.58 -5.72
CA THR A 72 -5.68 5.13 -5.23
C THR A 72 -6.76 4.06 -5.44
N LEU A 73 -7.28 3.56 -4.36
CA LEU A 73 -8.20 2.43 -4.37
C LEU A 73 -9.62 2.86 -4.27
N GLU A 74 -10.43 2.18 -5.02
CA GLU A 74 -11.85 2.28 -4.95
C GLU A 74 -12.36 0.86 -5.12
N LYS A 75 -13.17 0.46 -4.23
CA LYS A 75 -13.79 -0.82 -4.28
C LYS A 75 -15.23 -0.57 -3.95
N GLU A 76 -16.04 -1.60 -3.86
CA GLU A 76 -17.49 -1.44 -3.65
C GLU A 76 -17.86 -0.60 -2.38
N GLY A 77 -18.03 0.70 -2.59
CA GLY A 77 -18.47 1.62 -1.55
C GLY A 77 -17.36 2.03 -0.61
N LYS A 78 -16.13 1.82 -1.02
CA LYS A 78 -14.97 2.06 -0.19
C LYS A 78 -13.88 2.69 -1.01
N LYS A 79 -13.12 3.60 -0.44
CA LYS A 79 -12.03 4.25 -1.13
C LYS A 79 -10.91 4.55 -0.14
N GLY A 80 -9.69 4.34 -0.59
CA GLY A 80 -8.53 4.58 0.23
C GLY A 80 -7.32 4.77 -0.62
N ILE A 81 -6.25 5.10 -0.01
CA ILE A 81 -4.99 5.31 -0.69
C ILE A 81 -3.97 4.30 -0.14
N VAL A 82 -3.25 3.67 -1.01
CA VAL A 82 -2.25 2.71 -0.63
C VAL A 82 -0.91 3.12 -1.21
N HIS A 83 0.00 3.42 -0.34
CA HIS A 83 1.34 3.82 -0.71
C HIS A 83 2.31 2.73 -0.40
N VAL A 84 2.94 2.21 -1.42
CA VAL A 84 3.92 1.17 -1.28
C VAL A 84 5.29 1.74 -1.61
N LYS A 85 6.14 1.87 -0.64
CA LYS A 85 7.48 2.39 -0.89
C LYS A 85 8.54 1.36 -0.52
N LEU A 86 9.54 1.23 -1.37
CA LEU A 86 10.53 0.19 -1.23
C LEU A 86 11.83 0.75 -0.73
N ARG A 87 12.26 0.32 0.40
CA ARG A 87 13.52 0.74 0.95
C ARG A 87 14.58 -0.25 0.65
N LYS A 88 15.73 0.23 0.35
CA LYS A 88 16.85 -0.64 0.16
C LYS A 88 17.43 -1.04 1.53
N ILE A 89 17.05 -2.23 2.02
CA ILE A 89 17.51 -2.68 3.33
C ILE A 89 19.01 -2.99 3.26
N THR A 90 19.72 -2.17 3.94
CA THR A 90 21.14 -2.10 3.91
C THR A 90 21.62 -1.85 5.32
N GLU A 91 22.89 -1.58 5.51
CA GLU A 91 23.39 -1.26 6.83
C GLU A 91 23.09 0.19 7.19
N ASN A 92 22.52 0.91 6.25
CA ASN A 92 22.09 2.29 6.45
C ASN A 92 20.59 2.30 6.67
N CYS A 93 19.92 1.34 6.09
CA CYS A 93 18.51 1.17 6.26
C CYS A 93 18.23 -0.20 6.83
N PRO A 94 18.12 -0.31 8.16
CA PRO A 94 17.83 -1.59 8.81
C PRO A 94 16.34 -1.95 8.67
N PRO A 95 15.96 -3.21 8.99
CA PRO A 95 14.56 -3.62 8.94
C PRO A 95 13.73 -2.81 9.94
N VAL A 96 12.71 -2.16 9.44
CA VAL A 96 11.91 -1.29 10.26
C VAL A 96 10.81 -2.10 10.94
N ASP A 97 10.30 -1.59 12.01
CA ASP A 97 9.24 -2.23 12.75
C ASP A 97 7.91 -1.76 12.26
N GLY A 98 7.02 -2.68 12.11
CA GLY A 98 5.70 -2.40 11.65
C GLY A 98 4.92 -3.67 11.67
N ASN A 99 3.75 -3.63 11.09
CA ASN A 99 2.91 -4.82 11.01
C ASN A 99 3.51 -5.79 10.03
N ARG A 100 3.47 -7.05 10.34
CA ARG A 100 4.05 -8.03 9.49
C ARG A 100 3.01 -8.69 8.62
N CYS A 101 3.19 -8.56 7.35
CA CYS A 101 2.32 -9.18 6.37
C CYS A 101 2.62 -10.69 6.34
N SER A 102 1.59 -11.51 6.26
CA SER A 102 1.72 -12.93 6.21
C SER A 102 2.24 -13.38 4.83
N VAL A 103 3.54 -13.47 4.74
CA VAL A 103 4.23 -13.82 3.52
C VAL A 103 4.41 -15.31 3.45
N LEU A 104 4.16 -15.84 2.31
CA LEU A 104 4.27 -17.25 2.03
C LEU A 104 4.69 -17.46 0.59
N GLU A 105 3.73 -17.52 -0.23
CA GLU A 105 3.88 -17.62 -1.67
C GLU A 105 3.20 -16.42 -2.27
N PHE A 106 3.46 -16.17 -3.55
CA PHE A 106 2.88 -15.01 -4.29
C PHE A 106 1.39 -14.82 -4.01
N GLU A 107 0.66 -15.90 -4.08
CA GLU A 107 -0.77 -15.89 -3.92
C GLU A 107 -1.18 -15.52 -2.50
N ARG A 108 -0.36 -15.88 -1.55
CA ARG A 108 -0.65 -15.61 -0.17
C ARG A 108 -0.26 -14.18 0.14
N ASP A 109 0.82 -13.76 -0.48
CA ASP A 109 1.34 -12.41 -0.30
C ASP A 109 0.32 -11.42 -0.84
N ILE A 110 -0.22 -11.71 -2.02
CA ILE A 110 -1.22 -10.83 -2.60
C ILE A 110 -2.51 -10.86 -1.78
N GLU A 111 -2.89 -12.03 -1.25
CA GLU A 111 -4.07 -12.12 -0.42
C GLU A 111 -3.86 -11.33 0.88
N CYS A 112 -2.64 -11.31 1.34
CA CYS A 112 -2.24 -10.52 2.49
C CYS A 112 -2.38 -9.03 2.18
N ILE A 113 -2.04 -8.64 0.97
CA ILE A 113 -2.22 -7.26 0.54
C ILE A 113 -3.72 -6.94 0.42
N VAL A 114 -4.47 -7.87 -0.16
CA VAL A 114 -5.91 -7.71 -0.33
C VAL A 114 -6.61 -7.55 1.02
N LYS A 115 -6.23 -8.36 2.00
CA LYS A 115 -6.88 -8.31 3.31
C LYS A 115 -6.56 -6.99 4.00
N ALA A 116 -5.39 -6.45 3.72
CA ALA A 116 -5.00 -5.18 4.30
C ALA A 116 -5.83 -4.05 3.74
N ILE A 117 -5.99 -4.07 2.44
CA ILE A 117 -6.78 -3.05 1.78
C ILE A 117 -8.24 -3.21 2.16
N GLU A 118 -8.72 -4.43 2.16
CA GLU A 118 -10.10 -4.71 2.49
C GLU A 118 -10.43 -4.42 3.92
N GLU A 119 -9.48 -4.58 4.80
CA GLU A 119 -9.73 -4.28 6.17
C GLU A 119 -9.79 -2.78 6.36
N CYS A 120 -8.88 -2.08 5.74
CA CYS A 120 -8.79 -0.66 5.93
C CYS A 120 -9.97 0.02 5.26
N LEU A 121 -10.32 -0.45 4.10
CA LEU A 121 -11.39 0.13 3.36
C LEU A 121 -12.74 -0.23 3.94
N ALA A 122 -12.88 -1.43 4.46
CA ALA A 122 -14.16 -1.85 4.97
C ALA A 122 -14.42 -1.38 6.38
N LYS A 123 -13.39 -0.93 7.11
CA LYS A 123 -13.67 -0.40 8.43
C LYS A 123 -14.26 1.00 8.36
N GLY A 124 -13.82 1.74 7.39
CA GLY A 124 -14.39 3.04 7.09
C GLY A 124 -14.29 4.07 8.17
N GLU A 125 -15.22 5.00 8.11
CA GLU A 125 -15.32 6.14 9.00
C GLU A 125 -15.27 5.75 10.47
N LEU A 126 -14.15 5.98 11.06
CA LEU A 126 -13.87 5.71 12.43
C LEU A 126 -13.01 6.82 12.92
N ASN A 127 -12.63 6.73 14.15
CA ASN A 127 -11.69 7.62 14.73
C ASN A 127 -10.41 6.85 14.99
N SER A 128 -9.29 7.47 14.72
CA SER A 128 -8.02 6.84 14.82
C SER A 128 -6.98 7.91 15.05
N LYS A 129 -5.73 7.56 14.86
CA LYS A 129 -4.59 8.47 14.96
C LYS A 129 -4.79 9.66 14.01
N LEU A 130 -4.35 10.84 14.42
CA LEU A 130 -4.52 12.01 13.61
C LEU A 130 -3.44 12.06 12.53
N GLU A 131 -3.77 11.45 11.42
CA GLU A 131 -3.01 11.45 10.20
C GLU A 131 -4.02 11.27 9.09
N GLY A 132 -3.58 10.94 7.92
CA GLY A 132 -4.47 10.72 6.85
C GLY A 132 -4.15 11.64 5.74
N LYS A 133 -3.57 11.11 4.70
CA LYS A 133 -3.20 11.93 3.58
C LYS A 133 -4.18 11.77 2.42
N PRO A 134 -5.10 12.72 2.25
CA PRO A 134 -6.03 12.69 1.17
C PRO A 134 -5.40 13.24 -0.08
N ILE A 135 -4.72 12.37 -0.79
CA ILE A 135 -4.05 12.72 -1.97
C ILE A 135 -5.02 12.59 -3.15
N PRO A 136 -5.41 13.73 -3.74
CA PRO A 136 -6.31 13.75 -4.89
C PRO A 136 -5.68 13.11 -6.12
N ASN A 137 -6.44 12.30 -6.78
CA ASN A 137 -5.98 11.63 -7.98
C ASN A 137 -7.01 11.89 -9.06
N PRO A 138 -6.65 12.67 -10.10
CA PRO A 138 -7.57 13.01 -11.20
C PRO A 138 -7.94 11.82 -12.09
N LEU A 139 -7.25 10.72 -11.92
CA LEU A 139 -7.51 9.54 -12.71
C LEU A 139 -8.41 8.60 -11.94
N LEU A 140 -9.53 8.26 -12.53
CA LEU A 140 -10.47 7.32 -11.94
C LEU A 140 -10.74 6.20 -12.91
N GLY A 141 -9.95 5.16 -12.85
CA GLY A 141 -10.13 4.04 -13.74
C GLY A 141 -9.20 2.92 -13.40
N LEU A 142 -9.61 1.71 -13.69
CA LEU A 142 -8.80 0.54 -13.40
C LEU A 142 -8.02 0.13 -14.65
N ASP A 143 -7.27 -0.93 -14.56
CA ASP A 143 -6.47 -1.39 -15.69
C ASP A 143 -6.71 -2.86 -15.90
N SER A 144 -7.34 -3.18 -17.00
CA SER A 144 -7.75 -4.53 -17.32
C SER A 144 -6.56 -5.48 -17.50
N THR A 145 -6.50 -6.47 -16.64
CA THR A 145 -5.52 -7.54 -16.68
C THR A 145 -6.06 -8.69 -15.82
N ARG A 146 -6.72 -9.62 -16.43
CA ARG A 146 -7.27 -10.70 -15.67
C ARG A 146 -6.20 -11.76 -15.52
N THR A 147 -6.23 -12.47 -14.44
CA THR A 147 -5.31 -13.53 -14.26
C THR A 147 -5.78 -14.73 -15.09
N GLY A 148 -4.88 -15.27 -15.87
CA GLY A 148 -5.22 -16.36 -16.73
C GLY A 148 -4.12 -17.36 -16.71
N MET A 1 21.57 -8.56 0.23
CA MET A 1 21.01 -7.47 -0.56
C MET A 1 19.53 -7.69 -0.73
N LYS A 2 18.76 -7.12 0.16
CA LYS A 2 17.33 -7.26 0.14
C LYS A 2 16.70 -5.90 0.21
N TYR A 3 15.42 -5.87 0.01
CA TYR A 3 14.64 -4.67 0.10
C TYR A 3 13.48 -4.83 1.11
N ASP A 4 13.17 -3.75 1.78
CA ASP A 4 12.08 -3.64 2.76
C ASP A 4 10.90 -3.04 2.08
N VAL A 5 9.96 -3.85 1.75
CA VAL A 5 8.76 -3.39 1.10
C VAL A 5 7.80 -2.94 2.17
N VAL A 6 7.54 -1.67 2.19
CA VAL A 6 6.63 -1.09 3.13
C VAL A 6 5.37 -0.71 2.39
N ILE A 7 4.34 -1.45 2.62
CA ILE A 7 3.11 -1.18 1.97
C ILE A 7 2.10 -0.67 2.98
N ILE A 8 1.79 0.58 2.84
CA ILE A 8 0.96 1.29 3.75
C ILE A 8 -0.41 1.55 3.13
N PRO A 9 -1.42 0.81 3.53
CA PRO A 9 -2.77 1.12 3.14
C PRO A 9 -3.30 2.23 4.05
N GLU A 10 -3.97 3.17 3.47
CA GLU A 10 -4.56 4.30 4.19
C GLU A 10 -5.92 4.54 3.61
N SER A 11 -6.80 5.15 4.33
CA SER A 11 -8.08 5.49 3.80
C SER A 11 -8.11 6.99 3.52
N PHE A 12 -8.47 7.40 2.29
CA PHE A 12 -8.44 8.82 1.94
C PHE A 12 -9.56 9.64 2.56
N HIS A 13 -9.44 9.91 3.81
CA HIS A 13 -10.46 10.61 4.51
C HIS A 13 -9.91 11.77 5.26
N ARG A 14 -10.26 12.93 4.79
CA ARG A 14 -9.90 14.16 5.42
C ARG A 14 -10.70 14.31 6.69
N PHE A 15 -10.08 14.89 7.67
CA PHE A 15 -10.60 15.03 8.98
C PHE A 15 -11.94 15.64 9.12
N ASP A 16 -12.77 14.85 9.69
CA ASP A 16 -14.01 15.25 10.22
C ASP A 16 -13.79 15.36 11.72
N LYS A 17 -14.70 15.94 12.44
CA LYS A 17 -14.58 16.12 13.87
C LYS A 17 -14.51 14.79 14.61
N HIS A 18 -15.18 13.78 14.10
CA HIS A 18 -15.16 12.46 14.74
C HIS A 18 -14.97 11.32 13.76
N ASN A 19 -15.53 11.48 12.60
CA ASN A 19 -15.42 10.49 11.56
C ASN A 19 -14.32 10.87 10.64
N MET A 20 -14.13 10.06 9.62
CA MET A 20 -13.18 10.33 8.55
C MET A 20 -11.75 10.55 9.03
N GLU A 21 -11.18 9.46 9.45
CA GLU A 21 -9.82 9.33 9.80
C GLU A 21 -9.62 7.86 9.87
N HIS A 22 -8.80 7.35 9.03
CA HIS A 22 -8.41 5.98 9.13
C HIS A 22 -7.07 5.77 8.53
N ILE A 23 -6.15 5.62 9.40
CA ILE A 23 -4.82 5.28 9.07
C ILE A 23 -4.76 3.77 9.27
N CYS A 24 -4.29 3.04 8.32
CA CYS A 24 -4.45 1.59 8.37
C CYS A 24 -3.11 0.93 8.67
N PRO A 25 -3.12 -0.33 9.17
CA PRO A 25 -1.90 -1.06 9.50
C PRO A 25 -0.94 -1.18 8.31
N PRO A 26 0.26 -0.60 8.40
CA PRO A 26 1.26 -0.70 7.36
C PRO A 26 2.04 -1.99 7.45
N MET A 27 2.11 -2.69 6.36
CA MET A 27 2.82 -3.94 6.28
C MET A 27 4.24 -3.71 5.85
N VAL A 28 5.14 -4.21 6.62
CA VAL A 28 6.56 -4.04 6.37
C VAL A 28 7.20 -5.39 6.28
N ILE A 29 7.71 -5.71 5.12
CA ILE A 29 8.36 -6.97 4.89
C ILE A 29 9.75 -6.73 4.34
N GLY A 30 10.74 -6.87 5.20
CA GLY A 30 12.08 -6.63 4.79
C GLY A 30 12.87 -7.88 4.72
N ASP A 31 12.68 -8.58 3.65
CA ASP A 31 13.46 -9.76 3.34
C ASP A 31 13.26 -10.14 1.86
N ARG A 32 12.82 -9.21 1.06
CA ARG A 32 12.49 -9.53 -0.29
C ARG A 32 13.63 -9.03 -1.13
N SER A 33 14.11 -9.80 -2.04
CA SER A 33 15.10 -9.33 -2.92
C SER A 33 14.43 -8.48 -3.98
N TYR A 34 15.19 -7.72 -4.73
CA TYR A 34 14.67 -6.76 -5.71
C TYR A 34 13.68 -7.42 -6.67
N ASP A 35 14.06 -8.59 -7.12
CA ASP A 35 13.25 -9.37 -8.06
C ASP A 35 11.99 -9.92 -7.44
N ILE A 36 12.04 -10.22 -6.16
CA ILE A 36 10.87 -10.72 -5.47
C ILE A 36 9.96 -9.55 -5.08
N ALA A 37 10.58 -8.44 -4.75
CA ALA A 37 9.87 -7.23 -4.38
C ALA A 37 9.07 -6.73 -5.56
N MET A 38 9.68 -6.70 -6.72
CA MET A 38 8.99 -6.25 -7.93
C MET A 38 7.93 -7.25 -8.33
N GLU A 39 8.19 -8.51 -8.02
CA GLU A 39 7.29 -9.58 -8.35
C GLU A 39 6.00 -9.47 -7.56
N ILE A 40 6.13 -9.18 -6.27
CA ILE A 40 4.96 -9.05 -5.45
C ILE A 40 4.21 -7.78 -5.83
N VAL A 41 4.95 -6.71 -6.09
CA VAL A 41 4.35 -5.44 -6.45
C VAL A 41 3.61 -5.54 -7.79
N ASN A 42 4.22 -6.22 -8.75
CA ASN A 42 3.63 -6.35 -10.09
C ASN A 42 2.33 -7.15 -9.98
N GLY A 43 2.36 -8.21 -9.19
CA GLY A 43 1.19 -9.02 -9.02
C GLY A 43 0.10 -8.30 -8.28
N VAL A 44 0.48 -7.53 -7.26
CA VAL A 44 -0.49 -6.76 -6.47
C VAL A 44 -1.13 -5.69 -7.37
N ASP A 45 -0.29 -5.07 -8.19
CA ASP A 45 -0.69 -4.00 -9.13
C ASP A 45 -1.82 -4.48 -10.02
N ARG A 46 -1.66 -5.66 -10.55
CA ARG A 46 -2.63 -6.19 -11.46
C ARG A 46 -3.92 -6.53 -10.74
N VAL A 47 -3.79 -7.01 -9.52
CA VAL A 47 -4.95 -7.38 -8.73
C VAL A 47 -5.71 -6.13 -8.28
N ILE A 48 -4.98 -5.08 -7.98
CA ILE A 48 -5.57 -3.81 -7.61
C ILE A 48 -6.38 -3.21 -8.75
N LYS A 49 -5.83 -3.23 -9.94
CA LYS A 49 -6.51 -2.70 -11.10
C LYS A 49 -7.69 -3.60 -11.50
N ALA A 50 -7.60 -4.87 -11.15
CA ALA A 50 -8.63 -5.83 -11.45
C ALA A 50 -9.78 -5.83 -10.43
N SER A 51 -9.44 -5.71 -9.17
CA SER A 51 -10.41 -5.82 -8.11
C SER A 51 -10.99 -4.48 -7.71
N PHE A 52 -10.37 -3.41 -8.14
CA PHE A 52 -10.76 -2.10 -7.74
C PHE A 52 -10.80 -1.19 -8.91
N ASN A 53 -11.06 0.02 -8.60
CA ASN A 53 -11.06 1.09 -9.53
C ASN A 53 -9.91 1.93 -9.08
N ALA A 54 -8.83 1.79 -9.74
CA ALA A 54 -7.60 2.32 -9.28
C ALA A 54 -7.04 3.42 -10.13
N SER A 55 -6.29 4.25 -9.49
CA SER A 55 -5.46 5.22 -10.13
C SER A 55 -4.06 5.00 -9.57
N VAL A 56 -3.12 4.66 -10.41
CA VAL A 56 -1.79 4.37 -9.94
C VAL A 56 -0.89 5.58 -10.16
N GLU A 57 -0.38 6.10 -9.08
CA GLU A 57 0.45 7.26 -9.10
C GLU A 57 1.86 6.88 -8.65
N GLU A 58 2.83 7.13 -9.49
CA GLU A 58 4.20 6.81 -9.18
C GLU A 58 4.88 8.00 -8.54
N LEU A 59 5.70 7.75 -7.57
CA LEU A 59 6.40 8.79 -6.85
C LEU A 59 7.83 8.36 -6.64
N GLU A 60 8.63 9.28 -6.22
CA GLU A 60 9.96 8.97 -5.88
C GLU A 60 10.05 9.00 -4.40
N GLY A 61 10.54 7.94 -3.84
CA GLY A 61 10.64 7.82 -2.43
C GLY A 61 11.71 8.70 -1.83
N GLU A 62 11.79 8.67 -0.53
CA GLU A 62 12.78 9.39 0.24
C GLU A 62 14.19 8.88 -0.08
N ASP A 63 15.18 9.54 0.48
CA ASP A 63 16.60 9.19 0.31
C ASP A 63 16.86 7.72 0.55
N CYS A 64 16.21 7.22 1.55
CA CYS A 64 16.35 5.86 1.98
C CYS A 64 15.54 4.88 1.08
N ASP A 65 14.57 5.40 0.38
CA ASP A 65 13.66 4.58 -0.39
C ASP A 65 14.22 4.37 -1.77
N VAL A 66 13.59 3.51 -2.50
CA VAL A 66 13.95 3.20 -3.84
C VAL A 66 12.85 3.63 -4.77
N LEU A 67 11.63 3.48 -4.33
CA LEU A 67 10.49 3.70 -5.22
C LEU A 67 9.22 3.76 -4.42
N TYR A 68 8.43 4.75 -4.67
CA TYR A 68 7.24 4.95 -3.94
C TYR A 68 6.09 5.02 -4.92
N ARG A 69 5.04 4.33 -4.67
CA ARG A 69 3.86 4.44 -5.51
C ARG A 69 2.61 4.45 -4.67
N LYS A 70 1.65 5.23 -5.05
CA LYS A 70 0.40 5.29 -4.35
C LYS A 70 -0.72 4.93 -5.29
N TYR A 71 -1.45 3.96 -4.92
CA TYR A 71 -2.62 3.57 -5.66
C TYR A 71 -3.79 4.20 -4.98
N THR A 72 -4.49 5.01 -5.66
CA THR A 72 -5.69 5.57 -5.13
C THR A 72 -6.85 4.69 -5.57
N LEU A 73 -7.52 4.06 -4.63
CA LEU A 73 -8.56 3.10 -4.93
C LEU A 73 -9.87 3.55 -4.41
N GLU A 74 -10.87 3.30 -5.15
CA GLU A 74 -12.18 3.44 -4.66
C GLU A 74 -13.05 2.45 -5.38
N LYS A 75 -13.36 1.36 -4.74
CA LYS A 75 -14.21 0.41 -5.35
C LYS A 75 -15.56 0.54 -4.75
N GLU A 76 -16.36 1.39 -5.37
CA GLU A 76 -17.77 1.53 -5.05
C GLU A 76 -17.98 1.83 -3.54
N GLY A 77 -17.55 2.99 -3.14
CA GLY A 77 -17.71 3.41 -1.76
C GLY A 77 -16.53 3.01 -0.89
N LYS A 78 -15.78 1.98 -1.29
CA LYS A 78 -14.60 1.55 -0.53
C LYS A 78 -13.44 2.40 -0.96
N LYS A 79 -13.11 3.36 -0.14
CA LYS A 79 -12.12 4.37 -0.49
C LYS A 79 -10.82 4.08 0.23
N GLY A 80 -9.71 4.15 -0.48
CA GLY A 80 -8.43 3.95 0.16
C GLY A 80 -7.28 4.25 -0.75
N ILE A 81 -6.10 4.30 -0.18
CA ILE A 81 -4.89 4.53 -0.92
C ILE A 81 -3.88 3.48 -0.47
N VAL A 82 -3.16 2.93 -1.39
CA VAL A 82 -2.14 1.97 -1.07
C VAL A 82 -0.79 2.55 -1.44
N HIS A 83 0.00 2.87 -0.45
CA HIS A 83 1.31 3.43 -0.63
C HIS A 83 2.34 2.34 -0.54
N VAL A 84 2.89 1.96 -1.65
CA VAL A 84 3.92 0.96 -1.67
C VAL A 84 5.25 1.66 -1.82
N LYS A 85 6.08 1.56 -0.82
CA LYS A 85 7.40 2.16 -0.87
C LYS A 85 8.46 1.08 -0.63
N LEU A 86 9.48 1.07 -1.43
CA LEU A 86 10.47 0.03 -1.38
C LEU A 86 11.74 0.60 -0.78
N ARG A 87 12.09 0.15 0.38
CA ARG A 87 13.25 0.65 1.07
C ARG A 87 14.40 -0.29 0.81
N LYS A 88 15.55 0.23 0.59
CA LYS A 88 16.71 -0.62 0.38
C LYS A 88 17.44 -0.90 1.70
N ILE A 89 17.21 -2.06 2.31
CA ILE A 89 17.90 -2.40 3.56
C ILE A 89 19.40 -2.59 3.27
N THR A 90 20.15 -1.68 3.80
CA THR A 90 21.54 -1.51 3.52
C THR A 90 22.25 -1.04 4.77
N GLU A 91 23.50 -0.64 4.66
CA GLU A 91 24.21 -0.05 5.79
C GLU A 91 23.64 1.37 5.99
N ASN A 92 23.02 1.86 4.96
CA ASN A 92 22.42 3.18 4.93
C ASN A 92 20.98 3.10 5.48
N CYS A 93 20.30 2.04 5.19
CA CYS A 93 18.93 1.90 5.62
C CYS A 93 18.69 0.66 6.45
N PRO A 94 18.13 0.84 7.64
CA PRO A 94 17.79 -0.27 8.51
C PRO A 94 16.42 -0.86 8.13
N PRO A 95 16.12 -2.09 8.57
CA PRO A 95 14.82 -2.70 8.33
C PRO A 95 13.74 -1.88 9.03
N VAL A 96 12.62 -1.77 8.41
CA VAL A 96 11.56 -0.95 8.95
C VAL A 96 10.69 -1.79 9.92
N ASP A 97 9.98 -1.13 10.78
CA ASP A 97 9.13 -1.79 11.77
C ASP A 97 7.69 -1.55 11.40
N GLY A 98 6.91 -2.60 11.38
CA GLY A 98 5.54 -2.50 10.99
C GLY A 98 4.85 -3.80 11.18
N ASN A 99 3.75 -3.96 10.52
CA ASN A 99 2.98 -5.17 10.59
C ASN A 99 3.59 -6.20 9.69
N ARG A 100 3.88 -7.32 10.26
CA ARG A 100 4.49 -8.41 9.55
C ARG A 100 3.45 -9.26 8.89
N CYS A 101 3.38 -9.11 7.62
CA CYS A 101 2.46 -9.83 6.77
C CYS A 101 2.88 -11.30 6.70
N SER A 102 1.93 -12.18 6.47
CA SER A 102 2.19 -13.58 6.32
C SER A 102 2.83 -13.82 4.96
N VAL A 103 4.12 -14.05 4.96
CA VAL A 103 4.88 -14.21 3.73
C VAL A 103 5.38 -15.61 3.59
N LEU A 104 5.34 -16.08 2.41
CA LEU A 104 5.77 -17.40 2.04
C LEU A 104 6.25 -17.34 0.64
N GLU A 105 5.35 -17.08 -0.17
CA GLU A 105 5.53 -16.94 -1.59
C GLU A 105 4.36 -16.11 -2.10
N PHE A 106 4.50 -15.56 -3.30
CA PHE A 106 3.58 -14.60 -3.94
C PHE A 106 2.10 -14.79 -3.60
N GLU A 107 1.58 -15.95 -3.82
CA GLU A 107 0.16 -16.23 -3.65
C GLU A 107 -0.32 -16.09 -2.19
N ARG A 108 0.58 -16.31 -1.27
CA ARG A 108 0.30 -16.25 0.13
C ARG A 108 0.49 -14.82 0.57
N ASP A 109 1.50 -14.21 0.02
CA ASP A 109 1.88 -12.85 0.35
C ASP A 109 0.78 -11.93 -0.12
N ILE A 110 0.34 -12.15 -1.35
CA ILE A 110 -0.66 -11.30 -1.96
C ILE A 110 -2.01 -11.50 -1.28
N GLU A 111 -2.22 -12.67 -0.69
CA GLU A 111 -3.44 -12.93 0.03
C GLU A 111 -3.46 -12.02 1.22
N CYS A 112 -2.36 -12.02 1.93
CA CYS A 112 -2.20 -11.21 3.10
C CYS A 112 -2.27 -9.72 2.75
N ILE A 113 -1.67 -9.36 1.64
CA ILE A 113 -1.69 -7.99 1.18
C ILE A 113 -3.10 -7.53 0.82
N VAL A 114 -3.83 -8.35 0.08
CA VAL A 114 -5.15 -7.95 -0.37
C VAL A 114 -6.11 -7.91 0.81
N LYS A 115 -5.90 -8.81 1.74
CA LYS A 115 -6.72 -8.88 2.92
C LYS A 115 -6.53 -7.63 3.80
N ALA A 116 -5.30 -7.13 3.86
CA ALA A 116 -5.02 -5.94 4.63
C ALA A 116 -5.65 -4.72 3.97
N ILE A 117 -5.57 -4.68 2.66
CA ILE A 117 -6.17 -3.60 1.88
C ILE A 117 -7.69 -3.64 2.06
N GLU A 118 -8.24 -4.83 1.95
CA GLU A 118 -9.67 -5.02 2.09
C GLU A 118 -10.17 -4.65 3.47
N GLU A 119 -9.39 -4.94 4.49
CA GLU A 119 -9.78 -4.58 5.85
C GLU A 119 -9.73 -3.06 6.02
N CYS A 120 -8.71 -2.44 5.47
CA CYS A 120 -8.56 -0.99 5.50
C CYS A 120 -9.77 -0.33 4.85
N LEU A 121 -10.11 -0.79 3.68
CA LEU A 121 -11.21 -0.25 2.92
C LEU A 121 -12.56 -0.69 3.48
N ALA A 122 -12.56 -1.70 4.32
CA ALA A 122 -13.76 -2.15 4.98
C ALA A 122 -14.05 -1.31 6.19
N LYS A 123 -13.00 -0.84 6.87
CA LYS A 123 -13.19 0.02 8.02
C LYS A 123 -13.50 1.41 7.57
N GLY A 124 -12.87 1.76 6.49
CA GLY A 124 -13.16 3.00 5.81
C GLY A 124 -12.95 4.21 6.62
N GLU A 125 -13.87 5.07 6.50
CA GLU A 125 -13.88 6.37 7.17
C GLU A 125 -14.18 6.32 8.67
N LEU A 126 -13.64 5.32 9.32
CA LEU A 126 -13.85 5.10 10.75
C LEU A 126 -12.79 4.23 11.41
N ASN A 127 -11.67 4.85 11.86
CA ASN A 127 -10.69 4.21 12.78
C ASN A 127 -9.49 5.11 12.98
N SER A 128 -9.54 5.86 14.06
CA SER A 128 -8.55 6.82 14.41
C SER A 128 -7.33 6.13 15.03
N LYS A 129 -6.14 6.39 14.47
CA LYS A 129 -4.89 5.79 14.96
C LYS A 129 -3.63 6.34 14.25
N LEU A 130 -3.09 7.42 14.82
CA LEU A 130 -1.82 8.03 14.40
C LEU A 130 -1.84 8.62 12.99
N GLU A 131 -2.24 9.86 12.90
CA GLU A 131 -2.22 10.56 11.65
C GLU A 131 -1.04 11.51 11.65
N GLY A 132 -0.12 11.26 10.78
CA GLY A 132 1.01 12.11 10.61
C GLY A 132 1.50 12.02 9.20
N LYS A 133 0.56 12.11 8.28
CA LYS A 133 0.85 11.92 6.89
C LYS A 133 -0.25 12.54 6.02
N PRO A 134 -0.07 13.80 5.56
CA PRO A 134 -1.02 14.47 4.68
C PRO A 134 -0.86 13.99 3.24
N ILE A 135 -1.89 13.37 2.71
CA ILE A 135 -1.82 12.83 1.37
C ILE A 135 -2.96 13.39 0.50
N PRO A 136 -2.64 14.34 -0.38
CA PRO A 136 -3.59 14.83 -1.38
C PRO A 136 -3.71 13.83 -2.55
N ASN A 137 -4.76 13.96 -3.33
CA ASN A 137 -4.97 13.08 -4.48
C ASN A 137 -5.07 13.88 -5.75
N PRO A 138 -3.96 14.02 -6.47
CA PRO A 138 -3.92 14.77 -7.73
C PRO A 138 -4.59 14.04 -8.86
N LEU A 139 -4.68 12.75 -8.75
CA LEU A 139 -5.21 11.96 -9.82
C LEU A 139 -6.55 11.33 -9.46
N LEU A 140 -7.52 11.64 -10.27
CA LEU A 140 -8.80 10.98 -10.24
C LEU A 140 -8.96 10.31 -11.58
N GLY A 141 -8.34 9.19 -11.72
CA GLY A 141 -8.37 8.50 -12.96
C GLY A 141 -9.19 7.26 -12.87
N LEU A 142 -8.81 6.26 -13.59
CA LEU A 142 -9.47 4.98 -13.55
C LEU A 142 -8.57 3.95 -14.16
N ASP A 143 -8.92 2.73 -13.96
CA ASP A 143 -8.20 1.62 -14.51
C ASP A 143 -8.93 1.17 -15.77
N SER A 144 -8.37 0.24 -16.44
CA SER A 144 -9.00 -0.41 -17.53
C SER A 144 -8.56 -1.86 -17.50
N THR A 145 -8.89 -2.50 -16.41
CA THR A 145 -8.51 -3.85 -16.19
C THR A 145 -9.73 -4.67 -15.75
N ARG A 146 -9.93 -5.81 -16.39
CA ARG A 146 -11.02 -6.69 -16.03
C ARG A 146 -10.64 -7.46 -14.77
N THR A 147 -11.60 -8.03 -14.09
CA THR A 147 -11.33 -8.75 -12.88
C THR A 147 -10.63 -10.08 -13.20
N GLY A 148 -9.33 -10.03 -13.17
CA GLY A 148 -8.52 -11.19 -13.41
C GLY A 148 -7.29 -10.78 -14.15
N MET A 1 21.13 -7.24 -3.20
CA MET A 1 20.56 -6.47 -2.09
C MET A 1 19.07 -6.66 -2.01
N LYS A 2 18.55 -6.56 -0.82
CA LYS A 2 17.15 -6.78 -0.60
C LYS A 2 16.43 -5.51 -0.24
N TYR A 3 15.15 -5.57 -0.35
CA TYR A 3 14.28 -4.48 -0.07
C TYR A 3 13.32 -4.82 1.03
N ASP A 4 13.10 -3.86 1.86
CA ASP A 4 12.18 -3.90 2.94
C ASP A 4 10.96 -3.15 2.44
N VAL A 5 9.95 -3.89 2.08
CA VAL A 5 8.77 -3.35 1.44
C VAL A 5 7.77 -2.95 2.49
N VAL A 6 7.47 -1.69 2.55
CA VAL A 6 6.51 -1.16 3.47
C VAL A 6 5.27 -0.78 2.71
N ILE A 7 4.18 -1.43 3.00
CA ILE A 7 2.97 -1.17 2.33
C ILE A 7 1.93 -0.67 3.32
N ILE A 8 1.44 0.50 3.08
CA ILE A 8 0.49 1.11 3.95
C ILE A 8 -0.84 1.22 3.22
N PRO A 9 -1.78 0.32 3.51
CA PRO A 9 -3.11 0.45 3.00
C PRO A 9 -3.88 1.33 3.97
N GLU A 10 -4.39 2.43 3.50
CA GLU A 10 -5.06 3.35 4.37
C GLU A 10 -6.22 3.99 3.64
N SER A 11 -7.37 3.98 4.26
CA SER A 11 -8.53 4.56 3.68
C SER A 11 -8.42 6.09 3.73
N PHE A 12 -8.47 6.75 2.56
CA PHE A 12 -8.26 8.18 2.51
C PHE A 12 -9.27 8.98 3.27
N HIS A 13 -8.80 9.57 4.34
CA HIS A 13 -9.61 10.38 5.19
C HIS A 13 -8.83 11.54 5.70
N ARG A 14 -9.12 12.68 5.17
CA ARG A 14 -8.55 13.92 5.64
C ARG A 14 -9.15 14.16 7.00
N PHE A 15 -8.29 14.27 7.96
CA PHE A 15 -8.64 14.33 9.35
C PHE A 15 -9.45 15.56 9.61
N ASP A 16 -10.70 15.34 9.76
CA ASP A 16 -11.66 16.38 9.95
C ASP A 16 -11.83 16.70 11.47
N LYS A 17 -12.95 17.28 11.85
CA LYS A 17 -13.22 17.71 13.19
C LYS A 17 -13.48 16.53 14.12
N HIS A 18 -14.29 15.60 13.67
CA HIS A 18 -14.62 14.48 14.51
C HIS A 18 -14.48 13.19 13.74
N ASN A 19 -15.09 13.18 12.62
CA ASN A 19 -15.09 12.06 11.74
C ASN A 19 -14.04 12.21 10.70
N MET A 20 -14.00 11.24 9.80
CA MET A 20 -13.04 11.20 8.72
C MET A 20 -11.66 10.90 9.25
N GLU A 21 -11.47 9.63 9.51
CA GLU A 21 -10.29 9.09 10.04
C GLU A 21 -10.42 7.62 9.87
N HIS A 22 -9.51 7.05 9.17
CA HIS A 22 -9.30 5.63 9.14
C HIS A 22 -8.00 5.31 8.48
N ILE A 23 -6.98 5.37 9.24
CA ILE A 23 -5.70 4.99 8.76
C ILE A 23 -5.41 3.62 9.31
N CYS A 24 -4.90 2.76 8.49
CA CYS A 24 -4.62 1.41 8.90
C CYS A 24 -3.12 1.20 9.05
N PRO A 25 -2.71 0.37 10.04
CA PRO A 25 -1.29 0.08 10.33
C PRO A 25 -0.53 -0.43 9.09
N PRO A 26 0.69 0.09 8.88
CA PRO A 26 1.52 -0.28 7.74
C PRO A 26 2.11 -1.70 7.88
N MET A 27 2.15 -2.42 6.79
CA MET A 27 2.73 -3.74 6.77
C MET A 27 4.12 -3.67 6.24
N VAL A 28 5.01 -4.42 6.84
CA VAL A 28 6.40 -4.37 6.45
C VAL A 28 6.94 -5.77 6.22
N ILE A 29 7.33 -6.05 5.00
CA ILE A 29 7.90 -7.33 4.63
C ILE A 29 9.23 -7.05 3.97
N GLY A 30 10.30 -7.25 4.68
CA GLY A 30 11.57 -6.90 4.13
C GLY A 30 12.55 -8.01 4.06
N ASP A 31 12.39 -8.78 3.03
CA ASP A 31 13.32 -9.87 2.73
C ASP A 31 13.31 -10.17 1.22
N ARG A 32 12.78 -9.26 0.44
CA ARG A 32 12.61 -9.51 -0.97
C ARG A 32 13.68 -8.80 -1.73
N SER A 33 14.28 -9.43 -2.70
CA SER A 33 15.21 -8.76 -3.55
C SER A 33 14.38 -7.87 -4.46
N TYR A 34 15.00 -6.97 -5.18
CA TYR A 34 14.25 -6.02 -5.98
C TYR A 34 13.44 -6.73 -7.03
N ASP A 35 14.01 -7.75 -7.58
CA ASP A 35 13.34 -8.56 -8.61
C ASP A 35 12.07 -9.16 -8.07
N ILE A 36 12.17 -9.78 -6.91
CA ILE A 36 11.03 -10.44 -6.31
C ILE A 36 10.05 -9.40 -5.83
N ALA A 37 10.58 -8.31 -5.28
CA ALA A 37 9.76 -7.24 -4.77
C ALA A 37 9.00 -6.56 -5.88
N MET A 38 9.65 -6.35 -6.99
CA MET A 38 9.05 -5.66 -8.10
C MET A 38 7.97 -6.52 -8.70
N GLU A 39 8.23 -7.81 -8.81
CA GLU A 39 7.26 -8.70 -9.38
C GLU A 39 6.11 -8.98 -8.46
N ILE A 40 6.37 -9.00 -7.15
CA ILE A 40 5.31 -9.23 -6.23
C ILE A 40 4.46 -7.96 -6.13
N VAL A 41 5.10 -6.79 -6.08
CA VAL A 41 4.38 -5.55 -5.97
C VAL A 41 3.64 -5.23 -7.26
N ASN A 42 4.27 -5.53 -8.39
CA ASN A 42 3.61 -5.32 -9.66
C ASN A 42 2.56 -6.37 -9.88
N GLY A 43 2.74 -7.53 -9.28
CA GLY A 43 1.73 -8.56 -9.35
C GLY A 43 0.50 -8.11 -8.61
N VAL A 44 0.70 -7.57 -7.41
CA VAL A 44 -0.38 -7.01 -6.60
C VAL A 44 -1.06 -5.91 -7.42
N ASP A 45 -0.23 -5.06 -8.02
CA ASP A 45 -0.62 -3.94 -8.89
C ASP A 45 -1.59 -4.38 -9.94
N ARG A 46 -1.24 -5.45 -10.61
CA ARG A 46 -2.03 -5.95 -11.70
C ARG A 46 -3.36 -6.47 -11.17
N VAL A 47 -3.33 -7.07 -9.99
CA VAL A 47 -4.53 -7.59 -9.37
C VAL A 47 -5.43 -6.45 -8.87
N ILE A 48 -4.81 -5.39 -8.34
CA ILE A 48 -5.55 -4.23 -7.85
C ILE A 48 -6.26 -3.53 -8.99
N LYS A 49 -5.58 -3.33 -10.08
CA LYS A 49 -6.18 -2.62 -11.18
C LYS A 49 -7.12 -3.53 -11.97
N ALA A 50 -7.01 -4.82 -11.73
CA ALA A 50 -7.88 -5.78 -12.32
C ALA A 50 -9.19 -5.89 -11.55
N SER A 51 -9.08 -6.04 -10.25
CA SER A 51 -10.21 -6.32 -9.41
C SER A 51 -10.86 -5.07 -8.85
N PHE A 52 -10.17 -3.96 -8.92
CA PHE A 52 -10.65 -2.74 -8.34
C PHE A 52 -10.58 -1.63 -9.33
N ASN A 53 -10.95 -0.49 -8.88
CA ASN A 53 -10.85 0.71 -9.62
C ASN A 53 -9.76 1.48 -8.96
N ALA A 54 -8.65 1.57 -9.62
CA ALA A 54 -7.50 2.14 -9.01
C ALA A 54 -6.81 3.10 -9.92
N SER A 55 -6.06 3.96 -9.31
CA SER A 55 -5.18 4.85 -10.00
C SER A 55 -3.82 4.70 -9.34
N VAL A 56 -2.83 4.32 -10.09
CA VAL A 56 -1.51 4.14 -9.55
C VAL A 56 -0.63 5.34 -9.87
N GLU A 57 -0.08 5.95 -8.86
CA GLU A 57 0.82 7.04 -9.05
C GLU A 57 2.15 6.71 -8.38
N GLU A 58 3.22 7.17 -8.94
CA GLU A 58 4.52 6.83 -8.43
C GLU A 58 5.28 8.06 -8.00
N LEU A 59 5.74 8.00 -6.79
CA LEU A 59 6.52 9.03 -6.17
C LEU A 59 7.85 8.41 -5.81
N GLU A 60 8.73 9.21 -5.28
CA GLU A 60 9.97 8.70 -4.83
C GLU A 60 10.02 8.81 -3.33
N GLY A 61 10.50 7.77 -2.70
CA GLY A 61 10.51 7.71 -1.27
C GLY A 61 11.72 8.39 -0.67
N GLU A 62 11.76 8.43 0.63
CA GLU A 62 12.81 9.09 1.38
C GLU A 62 14.11 8.30 1.36
N ASP A 63 15.20 8.99 1.09
CA ASP A 63 16.59 8.49 1.12
C ASP A 63 16.82 7.15 0.41
N CYS A 64 16.59 6.08 1.12
CA CYS A 64 16.81 4.75 0.65
C CYS A 64 15.54 4.08 0.11
N ASP A 65 14.40 4.76 0.18
CA ASP A 65 13.19 4.25 -0.45
C ASP A 65 13.33 4.50 -1.91
N VAL A 66 13.34 3.46 -2.67
CA VAL A 66 13.60 3.56 -4.09
C VAL A 66 12.35 3.87 -4.88
N LEU A 67 11.24 3.41 -4.40
CA LEU A 67 10.01 3.58 -5.13
C LEU A 67 8.88 3.69 -4.16
N TYR A 68 8.03 4.64 -4.37
CA TYR A 68 6.88 4.83 -3.53
C TYR A 68 5.68 4.95 -4.46
N ARG A 69 4.88 3.94 -4.53
CA ARG A 69 3.72 3.99 -5.36
C ARG A 69 2.45 4.11 -4.54
N LYS A 70 1.69 5.11 -4.87
CA LYS A 70 0.45 5.47 -4.21
C LYS A 70 -0.70 5.02 -5.12
N TYR A 71 -1.47 4.10 -4.65
CA TYR A 71 -2.63 3.64 -5.37
C TYR A 71 -3.87 4.25 -4.77
N THR A 72 -4.57 5.02 -5.52
CA THR A 72 -5.84 5.52 -5.08
C THR A 72 -6.91 4.49 -5.46
N LEU A 73 -7.65 4.02 -4.48
CA LEU A 73 -8.67 3.02 -4.65
C LEU A 73 -10.04 3.57 -4.44
N GLU A 74 -10.95 3.16 -5.28
CA GLU A 74 -12.36 3.42 -5.11
C GLU A 74 -13.15 2.30 -5.75
N LYS A 75 -13.31 1.23 -5.02
CA LYS A 75 -14.06 0.10 -5.48
C LYS A 75 -15.51 0.29 -5.12
N GLU A 76 -16.12 1.24 -5.83
CA GLU A 76 -17.53 1.60 -5.71
C GLU A 76 -17.95 1.74 -4.24
N GLY A 77 -17.48 2.79 -3.61
CA GLY A 77 -17.79 3.03 -2.23
C GLY A 77 -16.67 2.63 -1.30
N LYS A 78 -15.84 1.71 -1.74
CA LYS A 78 -14.67 1.32 -0.98
C LYS A 78 -13.52 2.22 -1.34
N LYS A 79 -13.22 3.17 -0.50
CA LYS A 79 -12.20 4.14 -0.82
C LYS A 79 -10.95 3.87 -0.03
N GLY A 80 -9.81 4.14 -0.61
CA GLY A 80 -8.58 3.97 0.10
C GLY A 80 -7.40 4.29 -0.73
N ILE A 81 -6.26 4.20 -0.14
CA ILE A 81 -5.00 4.40 -0.81
C ILE A 81 -4.11 3.25 -0.41
N VAL A 82 -3.28 2.81 -1.30
CA VAL A 82 -2.28 1.83 -0.97
C VAL A 82 -0.91 2.41 -1.31
N HIS A 83 -0.17 2.73 -0.30
CA HIS A 83 1.17 3.26 -0.41
C HIS A 83 2.19 2.15 -0.32
N VAL A 84 2.79 1.80 -1.41
CA VAL A 84 3.81 0.77 -1.40
C VAL A 84 5.16 1.41 -1.61
N LYS A 85 6.00 1.38 -0.61
CA LYS A 85 7.33 1.93 -0.73
C LYS A 85 8.38 0.84 -0.57
N LEU A 86 9.36 0.85 -1.43
CA LEU A 86 10.37 -0.18 -1.43
C LEU A 86 11.63 0.43 -0.88
N ARG A 87 11.95 0.09 0.33
CA ARG A 87 13.10 0.64 0.99
C ARG A 87 14.25 -0.31 0.88
N LYS A 88 15.31 0.13 0.25
CA LYS A 88 16.48 -0.72 0.04
C LYS A 88 17.18 -0.93 1.37
N ILE A 89 17.01 -2.09 1.94
CA ILE A 89 17.63 -2.36 3.19
C ILE A 89 19.09 -2.68 2.98
N THR A 90 19.91 -1.80 3.42
CA THR A 90 21.30 -1.93 3.26
C THR A 90 21.91 -1.49 4.56
N GLU A 91 23.19 -1.48 4.67
CA GLU A 91 23.82 -1.19 5.96
C GLU A 91 23.72 0.28 6.29
N ASN A 92 23.54 1.05 5.27
CA ASN A 92 23.39 2.49 5.38
C ASN A 92 21.88 2.85 5.38
N CYS A 93 21.03 1.86 5.51
CA CYS A 93 19.60 2.13 5.53
C CYS A 93 18.88 1.26 6.56
N PRO A 94 18.28 1.91 7.55
CA PRO A 94 17.49 1.23 8.56
C PRO A 94 16.07 0.92 8.02
N PRO A 95 15.60 -0.32 8.18
CA PRO A 95 14.27 -0.75 7.73
C PRO A 95 13.17 -0.17 8.63
N VAL A 96 11.96 -0.21 8.15
CA VAL A 96 10.85 0.35 8.91
C VAL A 96 10.19 -0.76 9.71
N ASP A 97 9.52 -0.41 10.76
CA ASP A 97 8.85 -1.36 11.58
C ASP A 97 7.36 -1.22 11.36
N GLY A 98 6.68 -2.32 11.32
CA GLY A 98 5.29 -2.32 11.10
C GLY A 98 4.78 -3.71 11.19
N ASN A 99 3.55 -3.90 10.84
CA ASN A 99 2.91 -5.16 10.86
C ASN A 99 3.59 -6.09 9.87
N ARG A 100 4.36 -6.99 10.37
CA ARG A 100 5.02 -7.92 9.53
C ARG A 100 4.12 -9.12 9.35
N CYS A 101 3.49 -9.18 8.21
CA CYS A 101 2.55 -10.22 7.90
C CYS A 101 3.26 -11.58 7.68
N SER A 102 2.47 -12.63 7.49
CA SER A 102 2.95 -13.96 7.28
C SER A 102 3.83 -14.05 6.02
N VAL A 103 5.11 -14.25 6.23
CA VAL A 103 6.06 -14.34 5.14
C VAL A 103 6.09 -15.77 4.63
N LEU A 104 6.16 -15.89 3.35
CA LEU A 104 6.17 -17.15 2.62
C LEU A 104 6.29 -16.74 1.15
N GLU A 105 5.92 -17.61 0.22
CA GLU A 105 5.98 -17.26 -1.19
C GLU A 105 4.76 -16.46 -1.61
N PHE A 106 4.82 -15.97 -2.86
CA PHE A 106 3.85 -15.02 -3.52
C PHE A 106 2.40 -15.27 -3.12
N GLU A 107 2.01 -16.51 -3.19
CA GLU A 107 0.63 -16.93 -2.98
C GLU A 107 0.13 -16.58 -1.56
N ARG A 108 1.01 -16.52 -0.61
CA ARG A 108 0.60 -16.22 0.73
C ARG A 108 0.58 -14.73 0.94
N ASP A 109 1.55 -14.05 0.42
CA ASP A 109 1.65 -12.64 0.68
C ASP A 109 0.72 -11.83 -0.20
N ILE A 110 0.37 -12.37 -1.37
CA ILE A 110 -0.65 -11.73 -2.21
C ILE A 110 -2.00 -11.76 -1.49
N GLU A 111 -2.30 -12.87 -0.79
CA GLU A 111 -3.56 -13.00 -0.09
C GLU A 111 -3.59 -12.01 1.04
N CYS A 112 -2.48 -11.92 1.73
CA CYS A 112 -2.35 -11.01 2.84
C CYS A 112 -2.60 -9.57 2.42
N ILE A 113 -2.02 -9.17 1.30
CA ILE A 113 -2.17 -7.82 0.82
C ILE A 113 -3.62 -7.54 0.45
N VAL A 114 -4.27 -8.50 -0.19
CA VAL A 114 -5.67 -8.33 -0.58
C VAL A 114 -6.53 -8.20 0.66
N LYS A 115 -6.26 -9.02 1.66
CA LYS A 115 -6.99 -9.00 2.91
C LYS A 115 -6.82 -7.66 3.60
N ALA A 116 -5.62 -7.13 3.59
CA ALA A 116 -5.32 -5.86 4.25
C ALA A 116 -6.08 -4.72 3.60
N ILE A 117 -6.14 -4.73 2.29
CA ILE A 117 -6.84 -3.69 1.56
C ILE A 117 -8.33 -3.82 1.84
N GLU A 118 -8.82 -5.04 1.79
CA GLU A 118 -10.24 -5.31 2.00
C GLU A 118 -10.65 -4.97 3.42
N GLU A 119 -9.76 -5.17 4.35
CA GLU A 119 -10.01 -4.88 5.76
C GLU A 119 -10.09 -3.38 5.98
N CYS A 120 -9.18 -2.66 5.37
CA CYS A 120 -9.11 -1.23 5.56
C CYS A 120 -10.31 -0.56 4.88
N LEU A 121 -10.63 -1.05 3.71
CA LEU A 121 -11.69 -0.48 2.92
C LEU A 121 -13.06 -0.91 3.43
N ALA A 122 -13.09 -1.96 4.24
CA ALA A 122 -14.33 -2.42 4.82
C ALA A 122 -14.68 -1.63 6.05
N LYS A 123 -13.68 -1.27 6.86
CA LYS A 123 -13.94 -0.53 8.09
C LYS A 123 -14.53 0.81 7.77
N GLY A 124 -13.91 1.47 6.84
CA GLY A 124 -14.39 2.72 6.32
C GLY A 124 -14.27 3.88 7.29
N GLU A 125 -14.98 4.94 6.98
CA GLU A 125 -14.99 6.16 7.76
C GLU A 125 -15.58 5.90 9.14
N LEU A 126 -14.71 5.86 10.11
CA LEU A 126 -15.06 5.70 11.49
C LEU A 126 -13.78 5.82 12.29
N ASN A 127 -13.63 6.95 12.99
CA ASN A 127 -12.47 7.20 13.85
C ASN A 127 -12.31 6.05 14.82
N SER A 128 -11.27 5.28 14.66
CA SER A 128 -11.11 4.10 15.45
C SER A 128 -9.66 3.89 15.82
N LYS A 129 -8.93 4.92 15.68
CA LYS A 129 -7.51 4.94 15.95
C LYS A 129 -7.05 6.39 15.90
N LEU A 130 -5.82 6.65 16.22
CA LEU A 130 -5.32 7.97 16.11
C LEU A 130 -4.04 7.97 15.32
N GLU A 131 -4.17 8.02 14.02
CA GLU A 131 -3.06 8.09 13.13
C GLU A 131 -3.07 9.39 12.37
N GLY A 132 -2.51 10.39 12.97
CA GLY A 132 -2.50 11.69 12.38
C GLY A 132 -1.29 11.91 11.51
N LYS A 133 -1.15 11.13 10.48
CA LYS A 133 -0.07 11.33 9.56
C LYS A 133 -0.59 11.99 8.30
N PRO A 134 -0.07 13.18 7.95
CA PRO A 134 -0.52 13.93 6.79
C PRO A 134 -0.18 13.25 5.49
N ILE A 135 -1.16 13.14 4.62
CA ILE A 135 -0.98 12.55 3.32
C ILE A 135 -1.47 13.54 2.27
N PRO A 136 -0.56 14.23 1.60
CA PRO A 136 -0.91 15.16 0.53
C PRO A 136 -1.35 14.41 -0.72
N ASN A 137 -2.48 14.84 -1.29
CA ASN A 137 -3.07 14.25 -2.49
C ASN A 137 -3.44 12.79 -2.29
N PRO A 138 -4.64 12.53 -1.74
CA PRO A 138 -5.12 11.17 -1.54
C PRO A 138 -5.50 10.51 -2.87
N LEU A 139 -5.87 11.36 -3.79
CA LEU A 139 -6.22 10.96 -5.11
C LEU A 139 -5.48 11.86 -6.07
N LEU A 140 -4.87 11.27 -7.05
CA LEU A 140 -4.12 12.01 -8.03
C LEU A 140 -4.15 11.24 -9.34
N GLY A 141 -4.43 11.95 -10.42
CA GLY A 141 -4.51 11.37 -11.73
C GLY A 141 -5.58 10.32 -11.85
N LEU A 142 -5.45 9.49 -12.85
CA LEU A 142 -6.33 8.37 -13.04
C LEU A 142 -5.68 7.37 -13.96
N ASP A 143 -4.81 6.57 -13.39
CA ASP A 143 -4.17 5.51 -14.16
C ASP A 143 -4.89 4.23 -13.91
N SER A 144 -5.85 3.97 -14.72
CA SER A 144 -6.56 2.75 -14.64
C SER A 144 -6.17 1.86 -15.81
N THR A 145 -4.99 1.32 -15.71
CA THR A 145 -4.49 0.43 -16.69
C THR A 145 -4.78 -0.98 -16.24
N ARG A 146 -5.29 -1.81 -17.15
CA ARG A 146 -5.72 -3.19 -16.87
C ARG A 146 -7.07 -3.23 -16.20
N THR A 147 -7.70 -4.35 -16.32
CA THR A 147 -8.93 -4.63 -15.67
C THR A 147 -9.06 -6.15 -15.70
N GLY A 148 -9.84 -6.70 -14.82
CA GLY A 148 -10.01 -8.11 -14.78
C GLY A 148 -11.42 -8.44 -14.42
N MET A 1 21.37 -8.21 -2.46
CA MET A 1 20.71 -7.04 -1.89
C MET A 1 19.28 -7.31 -1.56
N LYS A 2 18.91 -6.99 -0.35
CA LYS A 2 17.56 -7.12 0.11
C LYS A 2 16.92 -5.75 0.10
N TYR A 3 15.70 -5.69 -0.27
CA TYR A 3 14.93 -4.49 -0.21
C TYR A 3 13.74 -4.67 0.74
N ASP A 4 13.43 -3.63 1.46
CA ASP A 4 12.45 -3.63 2.53
C ASP A 4 11.18 -2.95 2.06
N VAL A 5 10.10 -3.68 1.97
CA VAL A 5 8.88 -3.15 1.40
C VAL A 5 7.90 -2.77 2.51
N VAL A 6 7.57 -1.52 2.60
CA VAL A 6 6.61 -1.07 3.55
C VAL A 6 5.35 -0.60 2.82
N ILE A 7 4.25 -1.17 3.19
CA ILE A 7 3.00 -0.88 2.55
C ILE A 7 1.96 -0.39 3.57
N ILE A 8 1.51 0.82 3.37
CA ILE A 8 0.56 1.47 4.24
C ILE A 8 -0.81 1.53 3.56
N PRO A 9 -1.79 0.78 4.05
CA PRO A 9 -3.16 0.91 3.59
C PRO A 9 -3.86 2.00 4.40
N GLU A 10 -4.40 2.98 3.74
CA GLU A 10 -5.08 4.04 4.43
C GLU A 10 -6.31 4.52 3.64
N SER A 11 -7.46 4.39 4.25
CA SER A 11 -8.68 4.79 3.63
C SER A 11 -8.83 6.30 3.68
N PHE A 12 -8.85 6.93 2.50
CA PHE A 12 -8.90 8.36 2.41
C PHE A 12 -10.20 8.92 2.97
N HIS A 13 -10.07 9.80 3.90
CA HIS A 13 -11.17 10.42 4.54
C HIS A 13 -10.88 11.86 4.77
N ARG A 14 -11.91 12.65 4.69
CA ARG A 14 -11.79 14.03 4.96
C ARG A 14 -11.84 14.27 6.42
N PHE A 15 -10.71 14.55 6.92
CA PHE A 15 -10.52 14.85 8.27
C PHE A 15 -11.18 16.17 8.58
N ASP A 16 -12.33 16.09 9.15
CA ASP A 16 -13.03 17.28 9.58
C ASP A 16 -12.62 17.69 10.96
N LYS A 17 -13.37 17.27 11.95
CA LYS A 17 -13.04 17.66 13.28
C LYS A 17 -12.58 16.50 14.15
N HIS A 18 -13.39 15.48 14.28
CA HIS A 18 -13.09 14.46 15.28
C HIS A 18 -12.96 13.07 14.68
N ASN A 19 -13.61 12.84 13.58
CA ASN A 19 -13.58 11.55 12.97
C ASN A 19 -13.43 11.71 11.46
N MET A 20 -13.18 10.59 10.79
CA MET A 20 -12.91 10.48 9.37
C MET A 20 -11.45 10.79 9.06
N GLU A 21 -10.62 9.86 9.45
CA GLU A 21 -9.21 9.85 9.17
C GLU A 21 -8.79 8.42 9.43
N HIS A 22 -8.73 7.64 8.40
CA HIS A 22 -8.51 6.24 8.59
C HIS A 22 -7.19 5.79 8.04
N ILE A 23 -6.18 5.84 8.86
CA ILE A 23 -4.89 5.36 8.47
C ILE A 23 -4.73 3.99 9.11
N CYS A 24 -4.33 3.01 8.36
CA CYS A 24 -4.16 1.69 8.93
C CYS A 24 -2.67 1.39 9.05
N PRO A 25 -2.24 0.92 10.26
CA PRO A 25 -0.84 0.63 10.58
C PRO A 25 -0.09 -0.11 9.45
N PRO A 26 1.14 0.34 9.13
CA PRO A 26 1.95 -0.19 8.03
C PRO A 26 2.26 -1.68 8.15
N MET A 27 2.13 -2.35 7.04
CA MET A 27 2.52 -3.73 6.93
C MET A 27 3.92 -3.70 6.34
N VAL A 28 4.84 -4.42 6.92
CA VAL A 28 6.21 -4.36 6.45
C VAL A 28 6.72 -5.75 6.14
N ILE A 29 7.28 -5.92 4.96
CA ILE A 29 7.91 -7.16 4.54
C ILE A 29 9.22 -6.79 3.87
N GLY A 30 10.30 -6.93 4.58
CA GLY A 30 11.58 -6.55 4.03
C GLY A 30 12.53 -7.70 3.98
N ASP A 31 12.39 -8.47 2.95
CA ASP A 31 13.21 -9.67 2.75
C ASP A 31 13.22 -10.09 1.28
N ARG A 32 13.02 -9.14 0.39
CA ARG A 32 12.90 -9.44 -1.02
C ARG A 32 14.02 -8.75 -1.75
N SER A 33 14.61 -9.36 -2.75
CA SER A 33 15.64 -8.72 -3.50
C SER A 33 15.03 -7.68 -4.43
N TYR A 34 15.86 -6.90 -5.08
CA TYR A 34 15.41 -5.76 -5.91
C TYR A 34 14.41 -6.20 -6.98
N ASP A 35 14.75 -7.25 -7.65
CA ASP A 35 13.90 -7.78 -8.73
C ASP A 35 12.63 -8.37 -8.17
N ILE A 36 12.75 -9.06 -7.05
CA ILE A 36 11.61 -9.72 -6.45
C ILE A 36 10.68 -8.68 -5.82
N ALA A 37 11.26 -7.61 -5.30
CA ALA A 37 10.50 -6.55 -4.70
C ALA A 37 9.65 -5.84 -5.74
N MET A 38 10.22 -5.56 -6.90
CA MET A 38 9.43 -4.90 -7.92
C MET A 38 8.44 -5.87 -8.54
N GLU A 39 8.83 -7.13 -8.63
CA GLU A 39 7.98 -8.16 -9.18
C GLU A 39 6.76 -8.38 -8.29
N ILE A 40 7.00 -8.44 -6.98
CA ILE A 40 5.93 -8.70 -6.05
C ILE A 40 4.92 -7.55 -6.06
N VAL A 41 5.43 -6.31 -6.17
CA VAL A 41 4.58 -5.15 -6.21
C VAL A 41 3.80 -5.12 -7.53
N ASN A 42 4.45 -5.48 -8.61
CA ASN A 42 3.80 -5.50 -9.92
C ASN A 42 2.75 -6.61 -9.96
N GLY A 43 2.97 -7.64 -9.17
CA GLY A 43 1.99 -8.69 -9.06
C GLY A 43 0.76 -8.20 -8.37
N VAL A 44 0.96 -7.49 -7.27
CA VAL A 44 -0.12 -6.90 -6.51
C VAL A 44 -0.83 -5.85 -7.38
N ASP A 45 -0.03 -5.10 -8.09
CA ASP A 45 -0.46 -4.05 -9.03
C ASP A 45 -1.43 -4.62 -10.02
N ARG A 46 -1.03 -5.69 -10.66
CA ARG A 46 -1.81 -6.27 -11.70
C ARG A 46 -3.06 -6.93 -11.18
N VAL A 47 -3.05 -7.32 -9.94
CA VAL A 47 -4.22 -7.88 -9.35
C VAL A 47 -5.21 -6.77 -8.96
N ILE A 48 -4.72 -5.69 -8.36
CA ILE A 48 -5.59 -4.64 -7.89
C ILE A 48 -6.15 -3.82 -9.05
N LYS A 49 -5.36 -3.64 -10.10
CA LYS A 49 -5.79 -2.83 -11.22
C LYS A 49 -6.83 -3.59 -12.06
N ALA A 50 -6.88 -4.88 -11.84
CA ALA A 50 -7.82 -5.71 -12.51
C ALA A 50 -9.07 -5.94 -11.66
N SER A 51 -8.86 -6.29 -10.42
CA SER A 51 -9.92 -6.64 -9.49
C SER A 51 -10.65 -5.40 -8.94
N PHE A 52 -10.00 -4.25 -8.96
CA PHE A 52 -10.54 -3.05 -8.38
C PHE A 52 -10.53 -1.92 -9.37
N ASN A 53 -10.86 -0.77 -8.88
CA ASN A 53 -10.76 0.44 -9.64
C ASN A 53 -9.56 1.13 -9.07
N ALA A 54 -8.45 0.83 -9.64
CA ALA A 54 -7.22 1.28 -9.10
C ALA A 54 -6.61 2.34 -9.94
N SER A 55 -6.13 3.35 -9.30
CA SER A 55 -5.39 4.36 -9.93
C SER A 55 -3.99 4.29 -9.33
N VAL A 56 -3.05 3.89 -10.11
CA VAL A 56 -1.71 3.72 -9.64
C VAL A 56 -0.87 4.92 -10.03
N GLU A 57 -0.37 5.60 -9.05
CA GLU A 57 0.44 6.75 -9.29
C GLU A 57 1.82 6.53 -8.66
N GLU A 58 2.84 6.61 -9.47
CA GLU A 58 4.20 6.33 -9.05
C GLU A 58 4.93 7.59 -8.65
N LEU A 59 5.54 7.55 -7.50
CA LEU A 59 6.29 8.66 -6.96
C LEU A 59 7.68 8.20 -6.62
N GLU A 60 8.49 9.10 -6.19
CA GLU A 60 9.83 8.77 -5.86
C GLU A 60 9.99 8.74 -4.36
N GLY A 61 10.71 7.77 -3.90
CA GLY A 61 10.96 7.64 -2.51
C GLY A 61 12.21 8.38 -2.12
N GLU A 62 12.51 8.39 -0.85
CA GLU A 62 13.69 9.03 -0.32
C GLU A 62 14.96 8.35 -0.78
N ASP A 63 16.05 8.83 -0.29
CA ASP A 63 17.34 8.23 -0.48
C ASP A 63 17.39 6.87 0.19
N CYS A 64 16.73 6.80 1.31
CA CYS A 64 16.61 5.59 2.06
C CYS A 64 15.58 4.67 1.38
N ASP A 65 14.71 5.28 0.59
CA ASP A 65 13.72 4.55 -0.16
C ASP A 65 14.26 4.26 -1.53
N VAL A 66 13.55 3.49 -2.25
CA VAL A 66 13.86 3.21 -3.62
C VAL A 66 12.75 3.68 -4.53
N LEU A 67 11.55 3.43 -4.12
CA LEU A 67 10.40 3.71 -4.98
C LEU A 67 9.16 3.87 -4.14
N TYR A 68 8.23 4.68 -4.59
CA TYR A 68 7.00 4.91 -3.89
C TYR A 68 5.83 4.77 -4.88
N ARG A 69 4.81 4.09 -4.49
CA ARG A 69 3.61 3.98 -5.27
C ARG A 69 2.41 4.24 -4.43
N LYS A 70 1.56 5.11 -4.90
CA LYS A 70 0.31 5.35 -4.25
C LYS A 70 -0.73 4.69 -5.12
N TYR A 71 -1.39 3.74 -4.60
CA TYR A 71 -2.47 3.14 -5.30
C TYR A 71 -3.74 3.68 -4.72
N THR A 72 -4.37 4.53 -5.44
CA THR A 72 -5.60 5.09 -4.99
C THR A 72 -6.73 4.21 -5.53
N LEU A 73 -7.44 3.52 -4.64
CA LEU A 73 -8.44 2.56 -5.06
C LEU A 73 -9.81 3.01 -4.63
N GLU A 74 -10.77 2.63 -5.41
CA GLU A 74 -12.15 2.76 -5.05
C GLU A 74 -12.96 1.68 -5.69
N LYS A 75 -13.22 0.65 -4.96
CA LYS A 75 -14.01 -0.42 -5.46
C LYS A 75 -15.37 -0.38 -4.83
N GLU A 76 -16.25 0.37 -5.51
CA GLU A 76 -17.66 0.54 -5.17
C GLU A 76 -17.97 0.59 -3.66
N GLY A 77 -17.62 1.71 -3.09
CA GLY A 77 -17.79 1.96 -1.68
C GLY A 77 -16.50 1.76 -0.90
N LYS A 78 -15.59 0.97 -1.44
CA LYS A 78 -14.32 0.75 -0.79
C LYS A 78 -13.29 1.69 -1.35
N LYS A 79 -13.12 2.79 -0.67
CA LYS A 79 -12.26 3.85 -1.10
C LYS A 79 -11.06 4.01 -0.17
N GLY A 80 -9.87 3.94 -0.71
CA GLY A 80 -8.68 4.06 0.09
C GLY A 80 -7.44 4.11 -0.75
N ILE A 81 -6.33 4.37 -0.13
CA ILE A 81 -5.07 4.45 -0.81
C ILE A 81 -4.11 3.44 -0.21
N VAL A 82 -3.28 2.89 -1.03
CA VAL A 82 -2.25 2.00 -0.60
C VAL A 82 -0.90 2.59 -0.98
N HIS A 83 -0.18 3.01 0.00
CA HIS A 83 1.12 3.59 -0.18
C HIS A 83 2.19 2.54 -0.03
N VAL A 84 2.78 2.16 -1.13
CA VAL A 84 3.81 1.16 -1.15
C VAL A 84 5.17 1.81 -1.36
N LYS A 85 6.04 1.67 -0.42
CA LYS A 85 7.40 2.14 -0.58
C LYS A 85 8.32 0.95 -0.65
N LEU A 86 9.31 1.04 -1.48
CA LEU A 86 10.34 0.04 -1.50
C LEU A 86 11.49 0.73 -0.88
N ARG A 87 12.03 0.18 0.12
CA ARG A 87 13.15 0.77 0.82
C ARG A 87 14.35 -0.08 0.62
N LYS A 88 15.49 0.50 0.74
CA LYS A 88 16.70 -0.26 0.62
C LYS A 88 17.24 -0.62 2.00
N ILE A 89 17.09 -1.87 2.39
CA ILE A 89 17.69 -2.31 3.62
C ILE A 89 19.14 -2.64 3.33
N THR A 90 20.00 -1.83 3.84
CA THR A 90 21.40 -1.95 3.65
C THR A 90 22.03 -1.47 4.95
N GLU A 91 23.34 -1.37 5.06
CA GLU A 91 23.95 -0.90 6.31
C GLU A 91 23.67 0.60 6.52
N ASN A 92 23.26 1.24 5.45
CA ASN A 92 22.84 2.64 5.46
C ASN A 92 21.41 2.81 5.97
N CYS A 93 20.60 1.78 5.84
CA CYS A 93 19.19 1.85 6.22
C CYS A 93 18.67 0.55 6.80
N PRO A 94 18.24 0.57 8.07
CA PRO A 94 17.62 -0.59 8.69
C PRO A 94 16.20 -0.80 8.15
N PRO A 95 15.66 -2.03 8.28
CA PRO A 95 14.30 -2.34 7.84
C PRO A 95 13.28 -1.70 8.76
N VAL A 96 12.08 -1.55 8.29
CA VAL A 96 11.04 -1.03 9.14
C VAL A 96 10.52 -2.19 9.96
N ASP A 97 10.08 -1.90 11.11
CA ASP A 97 9.52 -2.88 11.99
C ASP A 97 8.06 -2.56 12.12
N GLY A 98 7.25 -3.41 11.60
CA GLY A 98 5.85 -3.14 11.56
C GLY A 98 5.05 -4.35 11.60
N ASN A 99 3.86 -4.23 11.13
CA ASN A 99 2.93 -5.32 11.10
C ASN A 99 3.30 -6.25 9.98
N ARG A 100 3.88 -7.36 10.32
CA ARG A 100 4.24 -8.28 9.31
C ARG A 100 3.04 -9.14 8.98
N CYS A 101 2.57 -8.95 7.78
CA CYS A 101 1.41 -9.63 7.26
C CYS A 101 1.81 -11.10 7.04
N SER A 102 0.86 -12.02 7.09
CA SER A 102 1.10 -13.43 6.87
C SER A 102 1.43 -13.68 5.38
N VAL A 103 2.64 -13.35 5.06
CA VAL A 103 3.16 -13.35 3.73
C VAL A 103 4.40 -14.22 3.70
N LEU A 104 4.62 -14.81 2.56
CA LEU A 104 5.73 -15.71 2.27
C LEU A 104 5.90 -15.82 0.79
N GLU A 105 5.13 -16.65 0.23
CA GLU A 105 5.11 -16.90 -1.20
C GLU A 105 3.97 -16.11 -1.81
N PHE A 106 4.14 -15.70 -3.08
CA PHE A 106 3.21 -14.79 -3.80
C PHE A 106 1.75 -15.13 -3.64
N GLU A 107 1.44 -16.38 -3.75
CA GLU A 107 0.09 -16.83 -3.73
C GLU A 107 -0.62 -16.53 -2.40
N ARG A 108 0.11 -16.60 -1.30
CA ARG A 108 -0.45 -16.27 0.01
C ARG A 108 -0.21 -14.79 0.30
N ASP A 109 0.89 -14.30 -0.25
CA ASP A 109 1.34 -12.90 -0.15
C ASP A 109 0.26 -11.97 -0.65
N ILE A 110 -0.19 -12.22 -1.88
CA ILE A 110 -1.19 -11.39 -2.52
C ILE A 110 -2.47 -11.37 -1.72
N GLU A 111 -2.83 -12.51 -1.15
CA GLU A 111 -4.04 -12.59 -0.38
C GLU A 111 -3.92 -11.82 0.89
N CYS A 112 -2.76 -11.87 1.52
CA CYS A 112 -2.58 -11.17 2.78
C CYS A 112 -2.69 -9.67 2.53
N ILE A 113 -2.09 -9.23 1.44
CA ILE A 113 -2.12 -7.84 1.08
C ILE A 113 -3.56 -7.40 0.77
N VAL A 114 -4.26 -8.21 -0.01
CA VAL A 114 -5.63 -7.88 -0.38
C VAL A 114 -6.53 -7.85 0.84
N LYS A 115 -6.35 -8.81 1.74
CA LYS A 115 -7.17 -8.90 2.92
C LYS A 115 -6.93 -7.73 3.87
N ALA A 116 -5.72 -7.22 3.86
CA ALA A 116 -5.39 -6.08 4.69
C ALA A 116 -6.02 -4.82 4.13
N ILE A 117 -5.99 -4.71 2.82
CA ILE A 117 -6.60 -3.59 2.14
C ILE A 117 -8.12 -3.64 2.32
N GLU A 118 -8.68 -4.82 2.14
CA GLU A 118 -10.13 -5.06 2.29
C GLU A 118 -10.62 -4.67 3.67
N GLU A 119 -9.83 -5.04 4.67
CA GLU A 119 -10.14 -4.74 6.05
C GLU A 119 -10.11 -3.25 6.29
N CYS A 120 -9.13 -2.58 5.72
CA CYS A 120 -8.96 -1.17 5.92
C CYS A 120 -10.08 -0.42 5.20
N LEU A 121 -10.43 -0.87 4.01
CA LEU A 121 -11.44 -0.21 3.22
C LEU A 121 -12.82 -0.42 3.80
N ALA A 122 -13.08 -1.61 4.32
CA ALA A 122 -14.39 -1.93 4.82
C ALA A 122 -14.59 -1.44 6.25
N LYS A 123 -13.50 -1.08 6.94
CA LYS A 123 -13.59 -0.70 8.35
C LYS A 123 -14.38 0.61 8.56
N GLY A 124 -14.46 1.39 7.52
CA GLY A 124 -15.29 2.57 7.53
C GLY A 124 -14.70 3.77 8.24
N GLU A 125 -15.56 4.70 8.58
CA GLU A 125 -15.16 5.92 9.24
C GLU A 125 -14.86 5.71 10.74
N LEU A 126 -13.68 5.28 10.97
CA LEU A 126 -13.15 5.09 12.27
C LEU A 126 -11.83 5.84 12.29
N ASN A 127 -11.66 6.76 13.20
CA ASN A 127 -10.45 7.54 13.20
C ASN A 127 -9.29 6.76 13.74
N SER A 128 -8.27 6.71 12.97
CA SER A 128 -7.06 6.06 13.29
C SER A 128 -5.96 7.01 12.87
N LYS A 129 -5.48 7.73 13.84
CA LYS A 129 -4.56 8.79 13.62
C LYS A 129 -3.13 8.30 13.69
N LEU A 130 -2.52 8.16 12.55
CA LEU A 130 -1.20 7.64 12.42
C LEU A 130 -0.57 8.30 11.20
N GLU A 131 0.71 8.06 10.99
CA GLU A 131 1.43 8.62 9.87
C GLU A 131 1.00 8.00 8.55
N GLY A 132 0.33 8.80 7.78
CA GLY A 132 -0.07 8.45 6.46
C GLY A 132 0.02 9.70 5.63
N LYS A 133 -0.64 9.73 4.50
CA LYS A 133 -0.62 10.91 3.65
C LYS A 133 -1.75 10.83 2.62
N PRO A 134 -3.00 11.10 3.06
CA PRO A 134 -4.17 10.99 2.22
C PRO A 134 -4.21 12.03 1.10
N ILE A 135 -3.69 11.64 -0.05
CA ILE A 135 -3.71 12.44 -1.24
C ILE A 135 -4.55 11.71 -2.28
N PRO A 136 -5.80 12.18 -2.48
CA PRO A 136 -6.76 11.58 -3.42
C PRO A 136 -6.33 11.66 -4.90
N ASN A 137 -7.06 10.97 -5.72
CA ASN A 137 -6.85 10.87 -7.15
C ASN A 137 -8.23 10.99 -7.76
N PRO A 138 -8.39 11.52 -8.99
CA PRO A 138 -9.71 11.62 -9.65
C PRO A 138 -10.28 10.24 -10.09
N LEU A 139 -9.51 9.18 -9.83
CA LEU A 139 -9.85 7.79 -10.14
C LEU A 139 -9.78 7.49 -11.63
N LEU A 140 -8.84 6.68 -11.98
CA LEU A 140 -8.65 6.25 -13.33
C LEU A 140 -8.35 4.75 -13.30
N GLY A 141 -9.36 3.96 -13.56
CA GLY A 141 -9.21 2.53 -13.56
C GLY A 141 -10.46 1.88 -14.11
N LEU A 142 -10.46 0.58 -14.26
CA LEU A 142 -11.61 -0.14 -14.78
C LEU A 142 -11.49 -1.61 -14.41
N ASP A 143 -12.59 -2.19 -13.96
CA ASP A 143 -12.66 -3.62 -13.63
C ASP A 143 -12.25 -4.45 -14.80
N SER A 144 -11.14 -5.07 -14.68
CA SER A 144 -10.64 -5.91 -15.70
C SER A 144 -10.60 -7.31 -15.13
N THR A 145 -11.72 -7.96 -15.20
CA THR A 145 -11.91 -9.25 -14.57
C THR A 145 -11.04 -10.35 -15.22
N ARG A 146 -10.56 -10.08 -16.46
CA ARG A 146 -9.73 -11.00 -17.24
C ARG A 146 -10.57 -12.21 -17.64
N THR A 147 -9.97 -13.22 -18.20
CA THR A 147 -10.73 -14.39 -18.53
C THR A 147 -10.89 -15.28 -17.28
N GLY A 148 -12.03 -15.14 -16.66
CA GLY A 148 -12.35 -15.86 -15.48
C GLY A 148 -13.82 -15.96 -15.34
N MET A 1 21.77 -8.99 0.51
CA MET A 1 21.37 -7.77 -0.17
C MET A 1 19.88 -7.89 -0.45
N LYS A 2 19.08 -7.14 0.30
CA LYS A 2 17.63 -7.29 0.24
C LYS A 2 16.92 -5.95 0.27
N TYR A 3 15.67 -5.98 -0.12
CA TYR A 3 14.77 -4.85 -0.10
C TYR A 3 13.57 -5.14 0.81
N ASP A 4 13.12 -4.09 1.47
CA ASP A 4 12.04 -4.12 2.45
C ASP A 4 10.88 -3.29 1.90
N VAL A 5 9.79 -3.93 1.56
CA VAL A 5 8.66 -3.27 0.93
C VAL A 5 7.61 -2.90 1.97
N VAL A 6 7.21 -1.65 1.97
CA VAL A 6 6.23 -1.16 2.89
C VAL A 6 5.00 -0.65 2.14
N ILE A 7 3.86 -1.15 2.53
CA ILE A 7 2.61 -0.72 1.97
C ILE A 7 1.77 -0.04 3.06
N ILE A 8 1.56 1.24 2.90
CA ILE A 8 0.78 2.02 3.84
C ILE A 8 -0.63 2.18 3.27
N PRO A 9 -1.62 1.52 3.85
CA PRO A 9 -2.99 1.72 3.47
C PRO A 9 -3.65 2.77 4.38
N GLU A 10 -4.44 3.63 3.81
CA GLU A 10 -5.19 4.62 4.57
C GLU A 10 -6.36 5.12 3.77
N SER A 11 -7.51 5.13 4.37
CA SER A 11 -8.72 5.56 3.74
C SER A 11 -8.66 7.08 3.53
N PHE A 12 -8.77 7.54 2.29
CA PHE A 12 -8.66 8.96 2.01
C PHE A 12 -9.83 9.75 2.53
N HIS A 13 -9.64 10.40 3.65
CA HIS A 13 -10.69 11.15 4.26
C HIS A 13 -10.16 12.37 4.97
N ARG A 14 -10.98 13.37 5.04
CA ARG A 14 -10.68 14.54 5.79
C ARG A 14 -11.00 14.23 7.20
N PHE A 15 -10.00 14.32 7.99
CA PHE A 15 -10.09 14.11 9.38
C PHE A 15 -11.01 15.14 9.99
N ASP A 16 -12.17 14.68 10.30
CA ASP A 16 -13.18 15.49 10.90
C ASP A 16 -12.98 15.46 12.43
N LYS A 17 -14.02 15.69 13.19
CA LYS A 17 -13.87 15.79 14.61
C LYS A 17 -13.84 14.41 15.28
N HIS A 18 -14.87 13.61 15.06
CA HIS A 18 -14.97 12.30 15.73
C HIS A 18 -15.42 11.21 14.72
N ASN A 19 -15.35 11.54 13.46
CA ASN A 19 -15.84 10.69 12.42
C ASN A 19 -14.99 10.91 11.20
N MET A 20 -14.95 9.93 10.28
CA MET A 20 -14.19 10.05 9.04
C MET A 20 -12.69 10.18 9.38
N GLU A 21 -12.18 9.10 9.99
CA GLU A 21 -10.83 9.02 10.50
C GLU A 21 -10.41 7.57 10.39
N HIS A 22 -9.73 7.20 9.35
CA HIS A 22 -9.23 5.85 9.28
C HIS A 22 -7.86 5.81 8.67
N ILE A 23 -6.91 5.43 9.46
CA ILE A 23 -5.53 5.32 9.05
C ILE A 23 -5.08 3.92 9.43
N CYS A 24 -4.55 3.20 8.49
CA CYS A 24 -4.27 1.81 8.71
C CYS A 24 -2.77 1.54 8.85
N PRO A 25 -2.42 0.49 9.63
CA PRO A 25 -1.04 0.07 9.84
C PRO A 25 -0.38 -0.45 8.56
N PRO A 26 0.80 0.05 8.22
CA PRO A 26 1.53 -0.39 7.04
C PRO A 26 2.03 -1.83 7.19
N MET A 27 1.83 -2.62 6.17
CA MET A 27 2.36 -3.98 6.13
C MET A 27 3.75 -3.87 5.56
N VAL A 28 4.71 -4.48 6.19
CA VAL A 28 6.09 -4.38 5.73
C VAL A 28 6.68 -5.77 5.57
N ILE A 29 7.23 -6.04 4.42
CA ILE A 29 7.84 -7.33 4.14
C ILE A 29 9.26 -7.11 3.65
N GLY A 30 10.23 -7.56 4.42
CA GLY A 30 11.59 -7.28 4.04
C GLY A 30 12.47 -8.46 3.98
N ASP A 31 12.38 -9.14 2.88
CA ASP A 31 13.23 -10.28 2.58
C ASP A 31 13.30 -10.48 1.06
N ARG A 32 13.02 -9.43 0.33
CA ARG A 32 12.90 -9.52 -1.10
C ARG A 32 14.23 -9.13 -1.68
N SER A 33 14.63 -9.71 -2.77
CA SER A 33 15.75 -9.19 -3.46
C SER A 33 15.21 -8.09 -4.36
N TYR A 34 16.06 -7.37 -5.05
CA TYR A 34 15.61 -6.25 -5.89
C TYR A 34 14.65 -6.71 -6.96
N ASP A 35 14.98 -7.83 -7.52
CA ASP A 35 14.18 -8.44 -8.57
C ASP A 35 12.84 -8.93 -8.03
N ILE A 36 12.87 -9.54 -6.85
CA ILE A 36 11.66 -10.07 -6.25
C ILE A 36 10.81 -8.92 -5.71
N ALA A 37 11.46 -7.85 -5.33
CA ALA A 37 10.79 -6.66 -4.85
C ALA A 37 9.96 -6.07 -5.97
N MET A 38 10.54 -5.98 -7.15
CA MET A 38 9.82 -5.46 -8.28
C MET A 38 8.71 -6.41 -8.70
N GLU A 39 8.98 -7.70 -8.64
CA GLU A 39 7.98 -8.68 -8.99
C GLU A 39 6.83 -8.78 -8.01
N ILE A 40 7.09 -8.58 -6.72
CA ILE A 40 5.99 -8.60 -5.78
C ILE A 40 5.13 -7.36 -5.97
N VAL A 41 5.78 -6.20 -6.17
CA VAL A 41 5.05 -4.96 -6.41
C VAL A 41 4.24 -5.09 -7.70
N ASN A 42 4.87 -5.64 -8.72
CA ASN A 42 4.21 -5.89 -10.01
C ASN A 42 2.99 -6.78 -9.84
N GLY A 43 3.13 -7.81 -9.03
CA GLY A 43 2.04 -8.69 -8.76
C GLY A 43 0.91 -8.00 -8.04
N VAL A 44 1.27 -7.20 -7.04
CA VAL A 44 0.29 -6.46 -6.24
C VAL A 44 -0.39 -5.43 -7.13
N ASP A 45 0.40 -4.80 -7.95
CA ASP A 45 0.00 -3.76 -8.90
C ASP A 45 -1.05 -4.28 -9.83
N ARG A 46 -0.79 -5.45 -10.33
CA ARG A 46 -1.69 -6.11 -11.23
C ARG A 46 -2.98 -6.46 -10.52
N VAL A 47 -2.87 -6.97 -9.32
CA VAL A 47 -4.03 -7.37 -8.57
C VAL A 47 -4.88 -6.16 -8.20
N ILE A 48 -4.25 -5.08 -7.85
CA ILE A 48 -4.96 -3.89 -7.47
C ILE A 48 -5.70 -3.27 -8.65
N LYS A 49 -5.06 -3.21 -9.81
CA LYS A 49 -5.70 -2.55 -10.92
C LYS A 49 -6.73 -3.48 -11.59
N ALA A 50 -6.63 -4.76 -11.33
CA ALA A 50 -7.56 -5.72 -11.88
C ALA A 50 -8.70 -6.02 -10.92
N SER A 51 -8.41 -6.21 -9.64
CA SER A 51 -9.43 -6.60 -8.71
C SER A 51 -10.25 -5.41 -8.18
N PHE A 52 -9.73 -4.21 -8.38
CA PHE A 52 -10.37 -3.02 -7.82
C PHE A 52 -10.35 -1.90 -8.83
N ASN A 53 -10.80 -0.76 -8.40
CA ASN A 53 -10.77 0.46 -9.16
C ASN A 53 -9.63 1.27 -8.60
N ALA A 54 -8.54 1.34 -9.31
CA ALA A 54 -7.40 2.00 -8.78
C ALA A 54 -6.74 2.91 -9.79
N SER A 55 -6.38 4.06 -9.32
CA SER A 55 -5.60 4.99 -10.07
C SER A 55 -4.16 4.85 -9.58
N VAL A 56 -3.29 4.42 -10.45
CA VAL A 56 -1.92 4.11 -10.08
C VAL A 56 -0.96 5.23 -10.47
N GLU A 57 -0.25 5.74 -9.50
CA GLU A 57 0.67 6.82 -9.74
C GLU A 57 2.04 6.50 -9.11
N GLU A 58 3.04 6.46 -9.94
CA GLU A 58 4.40 6.22 -9.49
C GLU A 58 5.01 7.51 -9.01
N LEU A 59 5.70 7.43 -7.91
CA LEU A 59 6.35 8.55 -7.29
C LEU A 59 7.77 8.15 -6.90
N GLU A 60 8.54 9.09 -6.48
CA GLU A 60 9.89 8.81 -6.07
C GLU A 60 9.95 8.73 -4.57
N GLY A 61 10.98 8.15 -4.09
CA GLY A 61 11.22 8.00 -2.70
C GLY A 61 12.53 8.64 -2.35
N GLU A 62 12.87 8.64 -1.10
CA GLU A 62 14.16 9.13 -0.64
C GLU A 62 15.28 8.23 -1.17
N ASP A 63 16.51 8.55 -0.87
CA ASP A 63 17.65 7.74 -1.30
C ASP A 63 17.61 6.34 -0.69
N CYS A 64 17.00 6.26 0.45
CA CYS A 64 16.82 5.03 1.15
C CYS A 64 15.67 4.21 0.51
N ASP A 65 14.88 4.89 -0.29
CA ASP A 65 13.78 4.26 -0.98
C ASP A 65 14.18 4.01 -2.38
N VAL A 66 13.54 3.09 -2.99
CA VAL A 66 13.83 2.73 -4.35
C VAL A 66 12.80 3.30 -5.28
N LEU A 67 11.59 3.14 -4.87
CA LEU A 67 10.46 3.51 -5.71
C LEU A 67 9.26 3.61 -4.85
N TYR A 68 8.33 4.41 -5.25
CA TYR A 68 7.12 4.60 -4.53
C TYR A 68 5.97 4.43 -5.54
N ARG A 69 5.05 3.61 -5.21
CA ARG A 69 3.92 3.34 -6.05
C ARG A 69 2.66 3.65 -5.25
N LYS A 70 2.00 4.70 -5.60
CA LYS A 70 0.84 5.16 -4.85
C LYS A 70 -0.44 4.93 -5.66
N TYR A 71 -1.31 4.11 -5.14
CA TYR A 71 -2.56 3.78 -5.78
C TYR A 71 -3.69 4.45 -5.05
N THR A 72 -4.56 5.06 -5.76
CA THR A 72 -5.76 5.58 -5.17
C THR A 72 -6.87 4.54 -5.44
N LEU A 73 -7.35 3.94 -4.38
CA LEU A 73 -8.30 2.84 -4.42
C LEU A 73 -9.72 3.27 -4.20
N GLU A 74 -10.57 2.68 -4.96
CA GLU A 74 -11.96 2.80 -4.85
C GLU A 74 -12.56 1.43 -5.09
N LYS A 75 -13.52 1.13 -4.32
CA LYS A 75 -14.31 -0.02 -4.43
C LYS A 75 -15.72 0.52 -4.31
N GLU A 76 -16.73 -0.29 -4.44
CA GLU A 76 -18.09 0.20 -4.39
C GLU A 76 -18.51 0.84 -3.05
N GLY A 77 -18.30 2.14 -2.97
CA GLY A 77 -18.64 2.91 -1.80
C GLY A 77 -17.52 2.97 -0.78
N LYS A 78 -16.39 2.36 -1.10
CA LYS A 78 -15.30 2.25 -0.16
C LYS A 78 -14.05 2.70 -0.83
N LYS A 79 -13.19 3.35 -0.11
CA LYS A 79 -12.07 4.02 -0.72
C LYS A 79 -10.86 4.12 0.20
N GLY A 80 -9.70 4.25 -0.40
CA GLY A 80 -8.48 4.40 0.35
C GLY A 80 -7.31 4.60 -0.57
N ILE A 81 -6.19 4.92 -0.03
CA ILE A 81 -4.99 5.07 -0.80
C ILE A 81 -4.01 4.01 -0.35
N VAL A 82 -3.34 3.40 -1.28
CA VAL A 82 -2.38 2.39 -1.01
C VAL A 82 -1.01 2.88 -1.45
N HIS A 83 -0.16 3.12 -0.49
CA HIS A 83 1.18 3.63 -0.73
C HIS A 83 2.16 2.47 -0.64
N VAL A 84 2.66 1.99 -1.74
CA VAL A 84 3.61 0.89 -1.72
C VAL A 84 4.97 1.40 -2.13
N LYS A 85 5.89 1.48 -1.23
CA LYS A 85 7.21 1.92 -1.60
C LYS A 85 8.24 0.88 -1.25
N LEU A 86 9.29 0.82 -2.01
CA LEU A 86 10.34 -0.13 -1.77
C LEU A 86 11.43 0.56 -1.05
N ARG A 87 11.82 0.02 0.06
CA ARG A 87 12.85 0.61 0.83
C ARG A 87 14.03 -0.32 0.86
N LYS A 88 15.17 0.20 0.66
CA LYS A 88 16.37 -0.60 0.59
C LYS A 88 16.90 -0.96 1.99
N ILE A 89 16.58 -2.16 2.48
CA ILE A 89 17.08 -2.60 3.78
C ILE A 89 18.55 -2.95 3.64
N THR A 90 19.36 -2.16 4.23
CA THR A 90 20.77 -2.25 4.10
C THR A 90 21.40 -1.88 5.41
N GLU A 91 22.69 -1.73 5.41
CA GLU A 91 23.39 -1.31 6.60
C GLU A 91 23.24 0.21 6.76
N ASN A 92 22.62 0.83 5.78
CA ASN A 92 22.34 2.26 5.80
C ASN A 92 20.90 2.48 6.24
N CYS A 93 20.07 1.48 6.07
CA CYS A 93 18.67 1.61 6.34
C CYS A 93 18.12 0.40 7.03
N PRO A 94 17.61 0.57 8.24
CA PRO A 94 16.91 -0.50 8.95
C PRO A 94 15.49 -0.67 8.36
N PRO A 95 14.87 -1.85 8.53
CA PRO A 95 13.53 -2.14 8.00
C PRO A 95 12.45 -1.24 8.60
N VAL A 96 11.32 -1.14 7.93
CA VAL A 96 10.24 -0.34 8.45
C VAL A 96 9.49 -1.15 9.49
N ASP A 97 9.04 -0.49 10.49
CA ASP A 97 8.36 -1.13 11.57
C ASP A 97 6.88 -1.05 11.40
N GLY A 98 6.39 -1.99 10.67
CA GLY A 98 5.00 -2.10 10.43
C GLY A 98 4.55 -3.47 10.74
N ASN A 99 3.47 -3.81 10.18
CA ASN A 99 2.92 -5.13 10.35
C ASN A 99 3.63 -6.07 9.41
N ARG A 100 4.60 -6.77 9.93
CA ARG A 100 5.36 -7.67 9.13
C ARG A 100 4.64 -9.00 9.09
N CYS A 101 3.85 -9.14 8.05
CA CYS A 101 2.91 -10.23 7.88
C CYS A 101 3.59 -11.56 7.55
N SER A 102 2.80 -12.63 7.63
CA SER A 102 3.22 -13.98 7.39
C SER A 102 3.43 -14.22 5.89
N VAL A 103 4.68 -14.30 5.52
CA VAL A 103 5.11 -14.52 4.15
C VAL A 103 5.12 -16.03 3.88
N LEU A 104 4.98 -16.42 2.65
CA LEU A 104 5.08 -17.81 2.24
C LEU A 104 5.59 -17.88 0.85
N GLU A 105 4.78 -17.44 0.03
CA GLU A 105 4.97 -17.33 -1.39
C GLU A 105 3.99 -16.27 -1.79
N PHE A 106 4.13 -15.74 -2.99
CA PHE A 106 3.32 -14.60 -3.46
C PHE A 106 1.84 -14.73 -3.16
N GLU A 107 1.33 -15.94 -3.26
CA GLU A 107 -0.06 -16.23 -3.05
C GLU A 107 -0.56 -15.81 -1.66
N ARG A 108 0.24 -16.03 -0.64
CA ARG A 108 -0.19 -15.69 0.69
C ARG A 108 0.15 -14.26 0.99
N ASP A 109 1.23 -13.82 0.39
CA ASP A 109 1.70 -12.46 0.56
C ASP A 109 0.66 -11.49 0.01
N ILE A 110 0.16 -11.78 -1.18
CA ILE A 110 -0.85 -10.96 -1.80
C ILE A 110 -2.17 -11.09 -1.03
N GLU A 111 -2.40 -12.26 -0.45
CA GLU A 111 -3.62 -12.52 0.31
C GLU A 111 -3.65 -11.62 1.54
N CYS A 112 -2.52 -11.48 2.18
CA CYS A 112 -2.42 -10.63 3.34
C CYS A 112 -2.54 -9.17 2.93
N ILE A 113 -1.92 -8.83 1.81
CA ILE A 113 -1.97 -7.48 1.29
C ILE A 113 -3.40 -7.08 0.91
N VAL A 114 -4.11 -7.97 0.23
CA VAL A 114 -5.47 -7.69 -0.20
C VAL A 114 -6.38 -7.54 1.01
N LYS A 115 -6.21 -8.40 2.00
CA LYS A 115 -7.05 -8.34 3.18
C LYS A 115 -6.77 -7.12 4.04
N ALA A 116 -5.58 -6.57 3.92
CA ALA A 116 -5.24 -5.33 4.59
C ALA A 116 -5.93 -4.16 3.89
N ILE A 117 -5.89 -4.16 2.57
CA ILE A 117 -6.56 -3.14 1.76
C ILE A 117 -8.08 -3.23 2.00
N GLU A 118 -8.60 -4.43 1.98
CA GLU A 118 -10.04 -4.68 2.19
C GLU A 118 -10.49 -4.21 3.56
N GLU A 119 -9.64 -4.42 4.55
CA GLU A 119 -9.92 -3.97 5.91
C GLU A 119 -9.98 -2.45 5.92
N CYS A 120 -9.02 -1.86 5.29
CA CYS A 120 -8.85 -0.42 5.30
C CYS A 120 -9.97 0.26 4.46
N LEU A 121 -10.45 -0.41 3.46
CA LEU A 121 -11.55 0.12 2.70
C LEU A 121 -12.88 -0.13 3.38
N ALA A 122 -13.02 -1.28 4.01
CA ALA A 122 -14.26 -1.63 4.65
C ALA A 122 -14.45 -0.91 5.96
N LYS A 123 -13.38 -0.70 6.67
CA LYS A 123 -13.45 -0.10 7.97
C LYS A 123 -13.09 1.36 7.88
N GLY A 124 -12.98 1.86 6.65
CA GLY A 124 -12.47 3.19 6.36
C GLY A 124 -13.35 4.36 6.72
N GLU A 125 -14.06 4.21 7.76
CA GLU A 125 -14.92 5.20 8.33
C GLU A 125 -15.30 4.71 9.71
N LEU A 126 -14.29 4.42 10.45
CA LEU A 126 -14.36 3.97 11.80
C LEU A 126 -13.04 4.35 12.39
N ASN A 127 -13.05 4.92 13.59
CA ASN A 127 -11.82 5.44 14.18
C ASN A 127 -10.85 4.34 14.57
N SER A 128 -9.98 4.07 13.67
CA SER A 128 -8.87 3.24 13.80
C SER A 128 -7.77 4.04 13.17
N LYS A 129 -6.72 4.27 13.88
CA LYS A 129 -5.73 5.17 13.40
C LYS A 129 -4.37 4.86 13.96
N LEU A 130 -3.50 4.35 13.13
CA LEU A 130 -2.14 4.27 13.51
C LEU A 130 -1.49 5.51 12.97
N GLU A 131 -1.42 6.52 13.79
CA GLU A 131 -0.97 7.83 13.40
C GLU A 131 0.49 7.81 13.03
N GLY A 132 0.73 8.10 11.76
CA GLY A 132 2.04 8.06 11.17
C GLY A 132 3.00 9.09 11.73
N LYS A 133 4.24 8.94 11.35
CA LYS A 133 5.31 9.75 11.85
C LYS A 133 6.00 10.43 10.69
N PRO A 134 6.60 11.61 10.90
CA PRO A 134 7.36 12.28 9.87
C PRO A 134 8.69 11.58 9.64
N ILE A 135 8.70 10.72 8.67
CA ILE A 135 9.87 10.03 8.28
C ILE A 135 10.61 10.96 7.34
N PRO A 136 11.84 11.31 7.66
CA PRO A 136 12.67 12.21 6.85
C PRO A 136 12.90 11.66 5.46
N ASN A 137 13.20 12.52 4.52
CA ASN A 137 13.48 12.10 3.17
C ASN A 137 14.84 12.57 2.78
N PRO A 138 15.88 11.80 3.10
CA PRO A 138 17.22 12.12 2.69
C PRO A 138 17.41 11.83 1.20
N LEU A 139 17.35 12.87 0.42
CA LEU A 139 17.70 12.76 -0.98
C LEU A 139 19.20 12.85 -1.08
N LEU A 140 19.79 12.00 -1.89
CA LEU A 140 21.25 11.88 -2.04
C LEU A 140 21.88 11.35 -0.76
N GLY A 141 22.25 10.11 -0.79
CA GLY A 141 22.86 9.48 0.34
C GLY A 141 24.01 8.62 -0.09
N LEU A 142 23.72 7.58 -0.84
CA LEU A 142 24.74 6.70 -1.34
C LEU A 142 24.34 6.11 -2.69
N ASP A 143 24.90 6.66 -3.76
CA ASP A 143 24.64 6.15 -5.12
C ASP A 143 25.92 5.58 -5.70
N SER A 144 27.00 5.74 -4.96
CA SER A 144 28.33 5.34 -5.39
C SER A 144 28.45 3.85 -5.69
N THR A 145 28.57 3.54 -6.96
CA THR A 145 28.76 2.19 -7.43
C THR A 145 29.69 2.28 -8.66
N ARG A 146 30.52 3.30 -8.65
CA ARG A 146 31.44 3.57 -9.72
C ARG A 146 32.81 3.11 -9.23
N THR A 147 33.18 1.90 -9.62
CA THR A 147 34.43 1.25 -9.22
C THR A 147 34.36 0.78 -7.75
N GLY A 148 34.21 -0.52 -7.55
CA GLY A 148 34.16 -1.06 -6.21
C GLY A 148 35.53 -1.45 -5.74
N MET A 1 20.79 -8.63 -2.37
CA MET A 1 20.48 -7.25 -2.07
C MET A 1 19.04 -7.25 -1.62
N LYS A 2 18.82 -7.06 -0.35
CA LYS A 2 17.49 -7.11 0.20
C LYS A 2 16.77 -5.78 0.08
N TYR A 3 15.52 -5.85 -0.25
CA TYR A 3 14.64 -4.73 -0.35
C TYR A 3 13.41 -4.97 0.51
N ASP A 4 13.02 -3.96 1.23
CA ASP A 4 11.87 -4.01 2.10
C ASP A 4 10.72 -3.34 1.44
N VAL A 5 9.66 -4.03 1.26
CA VAL A 5 8.49 -3.43 0.71
C VAL A 5 7.59 -2.99 1.85
N VAL A 6 7.50 -1.70 2.05
CA VAL A 6 6.68 -1.15 3.07
C VAL A 6 5.43 -0.61 2.43
N ILE A 7 4.36 -1.31 2.62
CA ILE A 7 3.12 -0.94 2.04
C ILE A 7 2.21 -0.36 3.11
N ILE A 8 1.84 0.87 2.93
CA ILE A 8 0.96 1.54 3.84
C ILE A 8 -0.40 1.64 3.19
N PRO A 9 -1.38 0.88 3.65
CA PRO A 9 -2.73 1.03 3.20
C PRO A 9 -3.54 1.83 4.21
N GLU A 10 -4.07 2.94 3.81
CA GLU A 10 -4.96 3.68 4.65
C GLU A 10 -6.12 4.20 3.86
N SER A 11 -7.27 4.27 4.46
CA SER A 11 -8.36 4.83 3.78
C SER A 11 -8.24 6.35 3.92
N PHE A 12 -8.35 7.07 2.81
CA PHE A 12 -8.02 8.49 2.82
C PHE A 12 -9.04 9.38 3.52
N HIS A 13 -8.96 9.40 4.80
CA HIS A 13 -9.82 10.19 5.61
C HIS A 13 -9.25 11.55 5.89
N ARG A 14 -10.15 12.47 6.09
CA ARG A 14 -9.85 13.80 6.47
C ARG A 14 -10.19 13.91 7.94
N PHE A 15 -10.42 15.09 8.41
CA PHE A 15 -10.91 15.31 9.75
C PHE A 15 -12.12 16.20 9.72
N ASP A 16 -13.26 15.64 10.03
CA ASP A 16 -14.46 16.44 10.14
C ASP A 16 -14.63 16.91 11.59
N LYS A 17 -15.53 16.32 12.32
CA LYS A 17 -15.68 16.59 13.72
C LYS A 17 -15.30 15.35 14.49
N HIS A 18 -15.96 14.27 14.14
CA HIS A 18 -15.64 12.94 14.64
C HIS A 18 -15.64 11.97 13.46
N ASN A 19 -16.45 12.29 12.47
CA ASN A 19 -16.46 11.59 11.19
C ASN A 19 -15.12 11.80 10.54
N MET A 20 -14.55 10.72 10.04
CA MET A 20 -13.28 10.73 9.35
C MET A 20 -12.11 10.88 10.30
N GLU A 21 -11.52 9.76 10.60
CA GLU A 21 -10.32 9.62 11.39
C GLU A 21 -9.91 8.15 11.36
N HIS A 22 -9.22 7.77 10.30
CA HIS A 22 -8.87 6.38 10.13
C HIS A 22 -7.58 6.24 9.39
N ILE A 23 -6.60 5.70 10.05
CA ILE A 23 -5.35 5.38 9.44
C ILE A 23 -4.99 3.96 9.87
N CYS A 24 -4.49 3.20 8.95
CA CYS A 24 -4.12 1.83 9.23
C CYS A 24 -2.58 1.73 9.27
N PRO A 25 -2.03 0.81 10.09
CA PRO A 25 -0.58 0.67 10.26
C PRO A 25 0.15 0.14 9.00
N PRO A 26 1.41 0.58 8.78
CA PRO A 26 2.22 0.11 7.65
C PRO A 26 2.54 -1.37 7.75
N MET A 27 2.43 -2.05 6.64
CA MET A 27 2.79 -3.43 6.57
C MET A 27 4.14 -3.55 5.89
N VAL A 28 5.03 -4.26 6.50
CA VAL A 28 6.39 -4.36 6.03
C VAL A 28 6.75 -5.80 5.73
N ILE A 29 7.33 -6.02 4.58
CA ILE A 29 7.89 -7.30 4.22
C ILE A 29 9.30 -7.03 3.81
N GLY A 30 10.20 -7.32 4.69
CA GLY A 30 11.56 -6.99 4.45
C GLY A 30 12.51 -8.14 4.53
N ASP A 31 12.58 -8.85 3.45
CA ASP A 31 13.55 -9.94 3.26
C ASP A 31 13.53 -10.39 1.80
N ARG A 32 13.16 -9.49 0.92
CA ARG A 32 12.96 -9.81 -0.46
C ARG A 32 14.13 -9.28 -1.22
N SER A 33 14.46 -9.83 -2.34
CA SER A 33 15.45 -9.27 -3.17
C SER A 33 14.73 -8.31 -4.10
N TYR A 34 15.44 -7.56 -4.91
CA TYR A 34 14.81 -6.60 -5.81
C TYR A 34 13.91 -7.30 -6.77
N ASP A 35 14.42 -8.37 -7.32
CA ASP A 35 13.70 -9.16 -8.28
C ASP A 35 12.46 -9.80 -7.69
N ILE A 36 12.61 -10.33 -6.47
CA ILE A 36 11.50 -10.99 -5.80
C ILE A 36 10.45 -9.95 -5.40
N ALA A 37 10.92 -8.80 -4.95
CA ALA A 37 10.03 -7.74 -4.55
C ALA A 37 9.28 -7.20 -5.74
N MET A 38 9.97 -7.00 -6.84
CA MET A 38 9.33 -6.48 -8.03
C MET A 38 8.34 -7.44 -8.60
N GLU A 39 8.64 -8.71 -8.52
CA GLU A 39 7.73 -9.71 -9.01
C GLU A 39 6.43 -9.73 -8.21
N ILE A 40 6.53 -9.61 -6.89
CA ILE A 40 5.31 -9.58 -6.11
C ILE A 40 4.57 -8.27 -6.32
N VAL A 41 5.30 -7.18 -6.33
CA VAL A 41 4.71 -5.87 -6.46
C VAL A 41 4.06 -5.70 -7.83
N ASN A 42 4.69 -6.22 -8.88
CA ASN A 42 4.13 -6.16 -10.24
C ASN A 42 2.89 -7.02 -10.33
N GLY A 43 2.91 -8.15 -9.66
CA GLY A 43 1.77 -9.02 -9.64
C GLY A 43 0.61 -8.37 -8.94
N VAL A 44 0.89 -7.83 -7.77
CA VAL A 44 -0.14 -7.19 -6.95
C VAL A 44 -0.68 -5.95 -7.67
N ASP A 45 0.21 -5.23 -8.30
CA ASP A 45 -0.11 -4.03 -9.07
C ASP A 45 -1.10 -4.30 -10.17
N ARG A 46 -0.90 -5.38 -10.88
CA ARG A 46 -1.79 -5.70 -11.95
C ARG A 46 -3.07 -6.35 -11.42
N VAL A 47 -3.00 -6.97 -10.27
CA VAL A 47 -4.18 -7.51 -9.63
C VAL A 47 -5.07 -6.38 -9.12
N ILE A 48 -4.47 -5.39 -8.49
CA ILE A 48 -5.23 -4.28 -7.93
C ILE A 48 -5.92 -3.45 -9.00
N LYS A 49 -5.26 -3.21 -10.11
CA LYS A 49 -5.87 -2.36 -11.13
C LYS A 49 -6.87 -3.12 -11.98
N ALA A 50 -6.88 -4.42 -11.85
CA ALA A 50 -7.84 -5.23 -12.53
C ALA A 50 -9.01 -5.61 -11.60
N SER A 51 -8.71 -6.06 -10.40
CA SER A 51 -9.72 -6.50 -9.46
C SER A 51 -10.38 -5.35 -8.71
N PHE A 52 -9.74 -4.21 -8.71
CA PHE A 52 -10.21 -3.06 -8.00
C PHE A 52 -10.26 -1.91 -8.94
N ASN A 53 -10.76 -0.81 -8.47
CA ASN A 53 -10.74 0.37 -9.25
C ASN A 53 -9.66 1.23 -8.66
N ALA A 54 -8.46 1.10 -9.17
CA ALA A 54 -7.35 1.77 -8.58
C ALA A 54 -6.50 2.50 -9.58
N SER A 55 -6.12 3.68 -9.21
CA SER A 55 -5.23 4.48 -9.98
C SER A 55 -3.83 4.22 -9.44
N VAL A 56 -2.83 4.50 -10.22
CA VAL A 56 -1.47 4.26 -9.81
C VAL A 56 -0.61 5.49 -10.14
N GLU A 57 0.15 5.94 -9.19
CA GLU A 57 1.02 7.09 -9.38
C GLU A 57 2.38 6.80 -8.77
N GLU A 58 3.38 6.67 -9.59
CA GLU A 58 4.72 6.42 -9.11
C GLU A 58 5.42 7.71 -8.80
N LEU A 59 6.07 7.73 -7.68
CA LEU A 59 6.75 8.89 -7.19
C LEU A 59 8.14 8.49 -6.74
N GLU A 60 8.92 9.46 -6.43
CA GLU A 60 10.24 9.24 -5.94
C GLU A 60 10.17 9.03 -4.45
N GLY A 61 10.99 8.17 -3.97
CA GLY A 61 11.02 7.87 -2.59
C GLY A 61 12.09 8.66 -1.91
N GLU A 62 12.16 8.53 -0.62
CA GLU A 62 13.17 9.18 0.17
C GLU A 62 14.53 8.52 -0.08
N ASP A 63 15.54 9.01 0.57
CA ASP A 63 16.90 8.52 0.42
C ASP A 63 17.03 7.04 0.76
N CYS A 64 16.31 6.62 1.75
CA CYS A 64 16.33 5.26 2.17
C CYS A 64 15.39 4.38 1.36
N ASP A 65 14.65 5.04 0.49
CA ASP A 65 13.72 4.37 -0.38
C ASP A 65 14.36 4.10 -1.70
N VAL A 66 13.66 3.36 -2.48
CA VAL A 66 14.05 3.05 -3.82
C VAL A 66 13.07 3.64 -4.78
N LEU A 67 11.83 3.51 -4.42
CA LEU A 67 10.73 3.95 -5.26
C LEU A 67 9.52 4.02 -4.38
N TYR A 68 8.63 4.88 -4.72
CA TYR A 68 7.43 5.08 -3.97
C TYR A 68 6.28 5.00 -4.98
N ARG A 69 5.40 4.07 -4.82
CA ARG A 69 4.30 4.00 -5.74
C ARG A 69 2.99 4.09 -4.99
N LYS A 70 2.19 5.03 -5.39
CA LYS A 70 0.92 5.34 -4.79
C LYS A 70 -0.18 4.69 -5.61
N TYR A 71 -1.19 4.25 -4.94
CA TYR A 71 -2.36 3.70 -5.55
C TYR A 71 -3.56 4.36 -4.91
N THR A 72 -4.52 4.70 -5.69
CA THR A 72 -5.72 5.31 -5.19
C THR A 72 -6.89 4.35 -5.42
N LEU A 73 -7.42 3.84 -4.34
CA LEU A 73 -8.42 2.77 -4.35
C LEU A 73 -9.84 3.29 -4.24
N GLU A 74 -10.70 2.68 -5.00
CA GLU A 74 -12.12 2.90 -4.95
C GLU A 74 -12.76 1.53 -5.20
N LYS A 75 -12.99 0.81 -4.17
CA LYS A 75 -13.58 -0.49 -4.30
C LYS A 75 -15.02 -0.44 -3.86
N GLU A 76 -15.91 -0.29 -4.81
CA GLU A 76 -17.38 -0.34 -4.61
C GLU A 76 -17.88 0.63 -3.49
N GLY A 77 -17.24 1.79 -3.41
CA GLY A 77 -17.60 2.77 -2.39
C GLY A 77 -16.66 2.78 -1.22
N LYS A 78 -15.79 1.81 -1.19
CA LYS A 78 -14.81 1.69 -0.15
C LYS A 78 -13.53 2.27 -0.70
N LYS A 79 -13.23 3.46 -0.28
CA LYS A 79 -12.11 4.18 -0.81
C LYS A 79 -10.92 4.14 0.10
N GLY A 80 -9.77 4.28 -0.47
CA GLY A 80 -8.56 4.29 0.26
C GLY A 80 -7.43 4.63 -0.62
N ILE A 81 -6.30 4.75 -0.05
CA ILE A 81 -5.11 5.03 -0.77
C ILE A 81 -4.04 4.06 -0.27
N VAL A 82 -3.12 3.71 -1.11
CA VAL A 82 -2.07 2.79 -0.73
C VAL A 82 -0.74 3.34 -1.18
N HIS A 83 0.17 3.42 -0.29
CA HIS A 83 1.49 3.91 -0.58
C HIS A 83 2.49 2.78 -0.41
N VAL A 84 3.09 2.37 -1.49
CA VAL A 84 4.09 1.32 -1.46
C VAL A 84 5.47 1.95 -1.58
N LYS A 85 6.22 1.93 -0.53
CA LYS A 85 7.56 2.46 -0.55
C LYS A 85 8.55 1.29 -0.45
N LEU A 86 9.47 1.22 -1.36
CA LEU A 86 10.42 0.14 -1.36
C LEU A 86 11.66 0.68 -0.75
N ARG A 87 12.16 0.05 0.25
CA ARG A 87 13.34 0.53 0.90
C ARG A 87 14.47 -0.40 0.67
N LYS A 88 15.62 0.16 0.51
CA LYS A 88 16.82 -0.59 0.35
C LYS A 88 17.50 -0.74 1.71
N ILE A 89 17.30 -1.89 2.36
CA ILE A 89 17.93 -2.14 3.64
C ILE A 89 19.42 -2.23 3.44
N THR A 90 20.09 -1.27 3.96
CA THR A 90 21.46 -1.14 3.79
C THR A 90 22.11 -0.75 5.09
N GLU A 91 23.40 -0.66 5.04
CA GLU A 91 24.21 -0.27 6.16
C GLU A 91 24.03 1.24 6.43
N ASN A 92 23.51 1.90 5.42
CA ASN A 92 23.24 3.34 5.48
C ASN A 92 21.78 3.61 5.81
N CYS A 93 20.92 2.72 5.38
CA CYS A 93 19.50 2.89 5.57
C CYS A 93 18.81 1.66 6.08
N PRO A 94 18.39 1.67 7.33
CA PRO A 94 17.57 0.62 7.88
C PRO A 94 16.06 0.94 7.71
N PRO A 95 15.24 -0.07 7.48
CA PRO A 95 13.80 0.09 7.45
C PRO A 95 13.21 0.06 8.85
N VAL A 96 12.04 0.60 8.97
CA VAL A 96 11.29 0.56 10.19
C VAL A 96 10.29 -0.58 10.02
N ASP A 97 9.93 -1.22 11.07
CA ASP A 97 9.09 -2.37 10.98
C ASP A 97 7.68 -2.09 11.45
N GLY A 98 6.77 -2.75 10.81
CA GLY A 98 5.37 -2.63 11.08
C GLY A 98 4.73 -3.97 11.05
N ASN A 99 3.51 -3.97 10.64
CA ASN A 99 2.74 -5.18 10.48
C ASN A 99 3.40 -6.10 9.49
N ARG A 100 3.65 -7.30 9.87
CA ARG A 100 4.24 -8.23 8.98
C ARG A 100 3.20 -9.11 8.37
N CYS A 101 3.28 -9.22 7.08
CA CYS A 101 2.35 -9.99 6.32
C CYS A 101 2.60 -11.48 6.53
N SER A 102 1.59 -12.29 6.33
CA SER A 102 1.72 -13.71 6.39
C SER A 102 2.29 -14.18 5.06
N VAL A 103 3.57 -13.95 4.89
CA VAL A 103 4.27 -14.24 3.67
C VAL A 103 4.54 -15.71 3.58
N LEU A 104 4.39 -16.20 2.42
CA LEU A 104 4.64 -17.53 2.07
C LEU A 104 4.95 -17.46 0.60
N GLU A 105 4.23 -18.13 -0.19
CA GLU A 105 4.33 -17.95 -1.61
C GLU A 105 3.21 -17.04 -2.04
N PHE A 106 3.28 -16.56 -3.28
CA PHE A 106 2.34 -15.55 -3.85
C PHE A 106 0.88 -15.78 -3.50
N GLU A 107 0.48 -17.02 -3.46
CA GLU A 107 -0.89 -17.42 -3.15
C GLU A 107 -1.36 -16.88 -1.77
N ARG A 108 -0.47 -16.86 -0.82
CA ARG A 108 -0.79 -16.34 0.47
C ARG A 108 -0.48 -14.87 0.52
N ASP A 109 0.56 -14.51 -0.18
CA ASP A 109 1.06 -13.13 -0.19
C ASP A 109 0.01 -12.21 -0.77
N ILE A 110 -0.57 -12.59 -1.91
CA ILE A 110 -1.56 -11.75 -2.58
C ILE A 110 -2.78 -11.60 -1.69
N GLU A 111 -3.17 -12.68 -1.05
CA GLU A 111 -4.32 -12.70 -0.20
C GLU A 111 -4.11 -11.84 1.02
N CYS A 112 -2.93 -11.94 1.58
CA CYS A 112 -2.56 -11.17 2.74
C CYS A 112 -2.55 -9.67 2.44
N ILE A 113 -2.01 -9.29 1.30
CA ILE A 113 -1.95 -7.90 0.91
C ILE A 113 -3.36 -7.38 0.61
N VAL A 114 -4.15 -8.22 -0.06
CA VAL A 114 -5.51 -7.85 -0.40
C VAL A 114 -6.34 -7.68 0.86
N LYS A 115 -6.17 -8.60 1.80
CA LYS A 115 -6.90 -8.58 3.05
C LYS A 115 -6.60 -7.32 3.86
N ALA A 116 -5.35 -6.89 3.87
CA ALA A 116 -4.95 -5.70 4.60
C ALA A 116 -5.53 -4.45 3.97
N ILE A 117 -5.56 -4.41 2.67
CA ILE A 117 -6.14 -3.27 1.97
C ILE A 117 -7.65 -3.29 2.15
N GLU A 118 -8.22 -4.47 2.01
CA GLU A 118 -9.65 -4.66 2.07
C GLU A 118 -10.17 -4.28 3.46
N GLU A 119 -9.43 -4.64 4.51
CA GLU A 119 -9.88 -4.32 5.86
C GLU A 119 -9.81 -2.84 6.10
N CYS A 120 -8.77 -2.19 5.57
CA CYS A 120 -8.59 -0.77 5.78
C CYS A 120 -9.70 0.01 5.07
N LEU A 121 -10.13 -0.52 3.94
CA LEU A 121 -11.22 0.04 3.19
C LEU A 121 -12.58 -0.26 3.84
N ALA A 122 -12.69 -1.45 4.43
CA ALA A 122 -13.92 -1.88 5.10
C ALA A 122 -14.13 -1.09 6.38
N LYS A 123 -13.06 -0.74 7.02
CA LYS A 123 -13.09 0.04 8.24
C LYS A 123 -13.27 1.53 7.95
N GLY A 124 -13.58 1.85 6.70
CA GLY A 124 -13.82 3.21 6.29
C GLY A 124 -14.87 3.91 7.13
N GLU A 125 -14.47 5.04 7.69
CA GLU A 125 -15.26 5.87 8.57
C GLU A 125 -15.53 5.19 9.90
N LEU A 126 -14.45 4.85 10.57
CA LEU A 126 -14.45 4.27 11.89
C LEU A 126 -13.28 4.82 12.67
N ASN A 127 -13.55 5.18 13.91
CA ASN A 127 -12.54 5.72 14.85
C ASN A 127 -11.39 4.75 15.07
N SER A 128 -10.30 5.01 14.40
CA SER A 128 -9.09 4.26 14.50
C SER A 128 -7.89 5.13 14.08
N LYS A 129 -7.11 5.57 15.08
CA LYS A 129 -5.91 6.40 14.91
C LYS A 129 -6.24 7.82 14.43
N LEU A 130 -6.19 8.78 15.34
CA LEU A 130 -6.42 10.17 14.97
C LEU A 130 -5.21 10.80 14.26
N GLU A 131 -5.03 10.40 13.05
CA GLU A 131 -3.96 10.84 12.23
C GLU A 131 -4.53 11.17 10.88
N GLY A 132 -3.93 12.07 10.18
CA GLY A 132 -4.44 12.46 8.91
C GLY A 132 -3.46 12.21 7.81
N LYS A 133 -3.96 11.78 6.68
CA LYS A 133 -3.12 11.55 5.53
C LYS A 133 -3.62 12.49 4.44
N PRO A 134 -3.11 13.73 4.40
CA PRO A 134 -3.59 14.75 3.50
C PRO A 134 -2.97 14.65 2.12
N ILE A 135 -3.36 13.65 1.39
CA ILE A 135 -2.95 13.48 0.05
C ILE A 135 -4.18 13.29 -0.83
N PRO A 136 -4.60 14.33 -1.52
CA PRO A 136 -5.65 14.23 -2.51
C PRO A 136 -5.07 13.85 -3.87
N ASN A 137 -5.63 12.85 -4.50
CA ASN A 137 -5.12 12.41 -5.79
C ASN A 137 -6.22 12.52 -6.82
N PRO A 138 -6.18 13.55 -7.68
CA PRO A 138 -7.19 13.76 -8.69
C PRO A 138 -6.90 13.01 -10.00
N LEU A 139 -5.76 12.36 -10.05
CA LEU A 139 -5.37 11.63 -11.22
C LEU A 139 -5.74 10.20 -11.03
N LEU A 140 -6.81 9.80 -11.64
CA LEU A 140 -7.27 8.45 -11.53
C LEU A 140 -7.46 7.78 -12.88
N GLY A 141 -6.65 6.75 -13.11
CA GLY A 141 -6.68 6.01 -14.34
C GLY A 141 -6.20 4.59 -14.12
N LEU A 142 -6.65 3.66 -14.93
CA LEU A 142 -6.33 2.26 -14.75
C LEU A 142 -5.77 1.66 -16.04
N ASP A 143 -4.81 0.77 -15.89
CA ASP A 143 -4.24 0.05 -17.01
C ASP A 143 -3.90 -1.37 -16.59
N SER A 144 -4.84 -2.26 -16.78
CA SER A 144 -4.70 -3.68 -16.48
C SER A 144 -5.81 -4.44 -17.17
N THR A 145 -5.49 -5.05 -18.28
CA THR A 145 -6.46 -5.83 -18.99
C THR A 145 -6.55 -7.24 -18.39
N ARG A 146 -7.07 -7.28 -17.15
CA ARG A 146 -7.30 -8.50 -16.37
C ARG A 146 -5.96 -9.24 -16.08
N THR A 147 -6.04 -10.39 -15.48
CA THR A 147 -4.90 -11.23 -15.22
C THR A 147 -4.34 -11.75 -16.55
N GLY A 148 -3.08 -11.51 -16.78
CA GLY A 148 -2.46 -11.91 -18.00
C GLY A 148 -1.02 -11.55 -17.95
N MET A 1 20.59 -7.62 -3.62
CA MET A 1 20.50 -6.66 -2.53
C MET A 1 19.26 -7.02 -1.71
N LYS A 2 19.00 -6.31 -0.65
CA LYS A 2 17.89 -6.59 0.22
C LYS A 2 16.97 -5.40 0.29
N TYR A 3 15.72 -5.65 0.06
CA TYR A 3 14.72 -4.63 0.12
C TYR A 3 13.70 -4.91 1.21
N ASP A 4 13.20 -3.85 1.75
CA ASP A 4 12.19 -3.85 2.78
C ASP A 4 11.03 -3.06 2.19
N VAL A 5 9.98 -3.74 1.86
CA VAL A 5 8.86 -3.15 1.13
C VAL A 5 7.80 -2.67 2.10
N VAL A 6 7.60 -1.40 2.15
CA VAL A 6 6.62 -0.85 3.03
C VAL A 6 5.41 -0.45 2.21
N ILE A 7 4.33 -1.13 2.42
CA ILE A 7 3.12 -0.87 1.71
C ILE A 7 2.07 -0.35 2.69
N ILE A 8 1.79 0.90 2.58
CA ILE A 8 0.97 1.61 3.53
C ILE A 8 -0.44 1.86 2.99
N PRO A 9 -1.45 1.13 3.49
CA PRO A 9 -2.83 1.41 3.17
C PRO A 9 -3.45 2.34 4.22
N GLU A 10 -4.26 3.27 3.77
CA GLU A 10 -4.99 4.17 4.67
C GLU A 10 -6.12 4.85 3.93
N SER A 11 -7.13 5.29 4.67
CA SER A 11 -8.28 5.90 4.06
C SER A 11 -8.08 7.40 3.99
N PHE A 12 -8.40 7.99 2.86
CA PHE A 12 -8.16 9.41 2.65
C PHE A 12 -9.29 10.30 3.15
N HIS A 13 -9.44 10.33 4.43
CA HIS A 13 -10.50 11.05 5.07
C HIS A 13 -9.89 12.03 6.02
N ARG A 14 -10.40 13.23 6.06
CA ARG A 14 -9.92 14.22 6.97
C ARG A 14 -10.56 14.00 8.28
N PHE A 15 -9.76 14.07 9.28
CA PHE A 15 -10.15 13.89 10.63
C PHE A 15 -11.13 14.96 11.05
N ASP A 16 -12.32 14.54 11.24
CA ASP A 16 -13.32 15.40 11.79
C ASP A 16 -13.22 15.39 13.30
N LYS A 17 -14.07 14.63 13.96
CA LYS A 17 -13.92 14.43 15.38
C LYS A 17 -13.57 12.99 15.66
N HIS A 18 -14.43 12.09 15.23
CA HIS A 18 -14.16 10.67 15.32
C HIS A 18 -14.60 9.97 14.03
N ASN A 19 -15.83 10.23 13.66
CA ASN A 19 -16.47 9.57 12.54
C ASN A 19 -16.17 10.24 11.20
N MET A 20 -14.90 10.13 10.84
CA MET A 20 -14.29 10.49 9.57
C MET A 20 -12.83 10.64 9.86
N GLU A 21 -12.15 9.53 9.74
CA GLU A 21 -10.77 9.35 10.09
C GLU A 21 -10.53 7.88 10.03
N HIS A 22 -9.60 7.45 9.22
CA HIS A 22 -9.22 6.05 9.24
C HIS A 22 -7.83 5.83 8.70
N ILE A 23 -6.96 5.41 9.58
CA ILE A 23 -5.61 5.10 9.25
C ILE A 23 -5.43 3.62 9.46
N CYS A 24 -4.85 2.98 8.52
CA CYS A 24 -4.64 1.58 8.58
C CYS A 24 -3.16 1.35 8.78
N PRO A 25 -2.77 0.39 9.64
CA PRO A 25 -1.36 0.10 9.92
C PRO A 25 -0.56 -0.20 8.64
N PRO A 26 0.59 0.48 8.46
CA PRO A 26 1.43 0.27 7.29
C PRO A 26 1.99 -1.14 7.29
N MET A 27 1.89 -1.83 6.19
CA MET A 27 2.37 -3.18 6.10
C MET A 27 3.79 -3.18 5.67
N VAL A 28 4.58 -4.02 6.26
CA VAL A 28 5.97 -4.09 5.90
C VAL A 28 6.36 -5.50 5.56
N ILE A 29 6.80 -5.69 4.36
CA ILE A 29 7.24 -6.96 3.91
C ILE A 29 8.73 -6.83 3.69
N GLY A 30 9.49 -7.31 4.62
CA GLY A 30 10.91 -7.15 4.51
C GLY A 30 11.60 -8.43 4.17
N ASP A 31 12.83 -8.29 3.77
CA ASP A 31 13.68 -9.38 3.28
C ASP A 31 13.15 -9.95 2.00
N ARG A 32 13.26 -9.16 0.99
CA ARG A 32 12.94 -9.53 -0.35
C ARG A 32 14.03 -8.94 -1.19
N SER A 33 14.56 -9.67 -2.14
CA SER A 33 15.51 -9.11 -3.01
C SER A 33 14.74 -8.29 -4.02
N TYR A 34 15.41 -7.42 -4.74
CA TYR A 34 14.74 -6.52 -5.69
C TYR A 34 13.99 -7.31 -6.72
N ASP A 35 14.60 -8.39 -7.10
CA ASP A 35 14.05 -9.30 -8.09
C ASP A 35 12.75 -9.91 -7.59
N ILE A 36 12.76 -10.39 -6.36
CA ILE A 36 11.59 -11.04 -5.80
C ILE A 36 10.55 -9.97 -5.48
N ALA A 37 11.05 -8.84 -5.01
CA ALA A 37 10.22 -7.73 -4.62
C ALA A 37 9.46 -7.18 -5.80
N MET A 38 10.12 -7.09 -6.95
CA MET A 38 9.46 -6.56 -8.10
C MET A 38 8.37 -7.48 -8.57
N GLU A 39 8.62 -8.79 -8.54
CA GLU A 39 7.62 -9.73 -8.99
C GLU A 39 6.43 -9.82 -8.05
N ILE A 40 6.66 -9.68 -6.74
CA ILE A 40 5.54 -9.69 -5.82
C ILE A 40 4.76 -8.38 -5.91
N VAL A 41 5.46 -7.25 -5.98
CA VAL A 41 4.81 -5.96 -6.03
C VAL A 41 4.08 -5.77 -7.35
N ASN A 42 4.67 -6.22 -8.45
CA ASN A 42 4.02 -6.10 -9.74
C ASN A 42 2.84 -7.06 -9.81
N GLY A 43 2.94 -8.16 -9.08
CA GLY A 43 1.85 -9.08 -8.96
C GLY A 43 0.68 -8.43 -8.23
N VAL A 44 0.99 -7.77 -7.11
CA VAL A 44 0.00 -7.01 -6.33
C VAL A 44 -0.63 -5.95 -7.22
N ASP A 45 0.22 -5.27 -7.93
CA ASP A 45 -0.14 -4.20 -8.87
C ASP A 45 -1.13 -4.63 -9.93
N ARG A 46 -0.96 -5.82 -10.42
CA ARG A 46 -1.85 -6.32 -11.43
C ARG A 46 -3.16 -6.80 -10.84
N VAL A 47 -3.11 -7.28 -9.61
CA VAL A 47 -4.32 -7.69 -8.92
C VAL A 47 -5.12 -6.45 -8.53
N ILE A 48 -4.43 -5.41 -8.13
CA ILE A 48 -5.03 -4.15 -7.78
C ILE A 48 -5.80 -3.54 -8.96
N LYS A 49 -5.21 -3.52 -10.13
CA LYS A 49 -5.87 -2.92 -11.27
C LYS A 49 -6.96 -3.83 -11.84
N ALA A 50 -6.92 -5.09 -11.48
CA ALA A 50 -7.92 -6.04 -11.90
C ALA A 50 -9.10 -6.12 -10.92
N SER A 51 -8.80 -6.09 -9.64
CA SER A 51 -9.81 -6.23 -8.61
C SER A 51 -10.38 -4.87 -8.17
N PHE A 52 -9.66 -3.80 -8.40
CA PHE A 52 -10.06 -2.50 -7.93
C PHE A 52 -10.06 -1.50 -9.06
N ASN A 53 -10.39 -0.31 -8.71
CA ASN A 53 -10.28 0.84 -9.56
C ASN A 53 -9.10 1.57 -9.03
N ALA A 54 -8.02 1.53 -9.71
CA ALA A 54 -6.84 2.08 -9.17
C ALA A 54 -6.29 3.20 -9.99
N SER A 55 -5.90 4.23 -9.33
CA SER A 55 -5.12 5.25 -9.93
C SER A 55 -3.71 4.94 -9.50
N VAL A 56 -2.91 4.45 -10.40
CA VAL A 56 -1.59 4.08 -10.03
C VAL A 56 -0.65 5.21 -10.44
N GLU A 57 -0.01 5.77 -9.47
CA GLU A 57 0.81 6.92 -9.66
C GLU A 57 2.25 6.58 -9.34
N GLU A 58 3.13 6.90 -10.24
CA GLU A 58 4.54 6.65 -10.07
C GLU A 58 5.17 7.78 -9.32
N LEU A 59 5.71 7.47 -8.18
CA LEU A 59 6.40 8.42 -7.38
C LEU A 59 7.83 7.97 -7.20
N GLU A 60 8.62 8.84 -6.73
CA GLU A 60 9.98 8.53 -6.48
C GLU A 60 10.17 8.50 -4.99
N GLY A 61 11.05 7.66 -4.57
CA GLY A 61 11.26 7.46 -3.20
C GLY A 61 12.35 8.30 -2.64
N GLU A 62 12.52 8.20 -1.35
CA GLU A 62 13.58 8.82 -0.61
C GLU A 62 14.92 8.24 -1.01
N ASP A 63 15.94 8.62 -0.32
CA ASP A 63 17.26 8.07 -0.55
C ASP A 63 17.29 6.58 -0.40
N CYS A 64 16.67 6.11 0.63
CA CYS A 64 16.57 4.70 0.86
C CYS A 64 15.48 4.07 0.02
N ASP A 65 14.49 4.85 -0.40
CA ASP A 65 13.41 4.26 -1.16
C ASP A 65 13.70 4.30 -2.62
N VAL A 66 13.68 3.18 -3.22
CA VAL A 66 14.02 3.07 -4.61
C VAL A 66 12.83 3.37 -5.50
N LEU A 67 11.66 3.02 -5.05
CA LEU A 67 10.47 3.24 -5.86
C LEU A 67 9.29 3.42 -4.95
N TYR A 68 8.43 4.34 -5.31
CA TYR A 68 7.26 4.62 -4.54
C TYR A 68 6.07 4.63 -5.50
N ARG A 69 5.11 3.80 -5.28
CA ARG A 69 3.93 3.83 -6.12
C ARG A 69 2.75 4.15 -5.25
N LYS A 70 2.05 5.18 -5.58
CA LYS A 70 0.90 5.54 -4.82
C LYS A 70 -0.32 5.11 -5.58
N TYR A 71 -0.97 4.13 -5.07
CA TYR A 71 -2.18 3.65 -5.66
C TYR A 71 -3.33 4.30 -4.95
N THR A 72 -4.13 5.01 -5.65
CA THR A 72 -5.30 5.56 -5.08
C THR A 72 -6.46 4.63 -5.51
N LEU A 73 -7.10 3.98 -4.55
CA LEU A 73 -8.05 2.92 -4.84
C LEU A 73 -9.46 3.31 -4.56
N GLU A 74 -10.32 2.71 -5.31
CA GLU A 74 -11.72 2.74 -5.12
C GLU A 74 -12.25 1.40 -5.58
N LYS A 75 -12.97 0.76 -4.73
CA LYS A 75 -13.60 -0.48 -5.04
C LYS A 75 -15.04 -0.36 -4.66
N GLU A 76 -15.78 0.24 -5.58
CA GLU A 76 -17.21 0.48 -5.51
C GLU A 76 -17.69 1.01 -4.15
N GLY A 77 -17.44 2.28 -3.93
CA GLY A 77 -17.84 2.91 -2.67
C GLY A 77 -16.75 2.87 -1.61
N LYS A 78 -15.83 1.94 -1.74
CA LYS A 78 -14.73 1.81 -0.82
C LYS A 78 -13.55 2.52 -1.41
N LYS A 79 -12.92 3.39 -0.67
CA LYS A 79 -11.87 4.19 -1.23
C LYS A 79 -10.77 4.46 -0.22
N GLY A 80 -9.54 4.40 -0.69
CA GLY A 80 -8.38 4.59 0.16
C GLY A 80 -7.15 4.69 -0.66
N ILE A 81 -6.04 4.86 -0.03
CA ILE A 81 -4.76 4.97 -0.73
C ILE A 81 -3.82 3.85 -0.26
N VAL A 82 -2.99 3.37 -1.16
CA VAL A 82 -1.96 2.40 -0.86
C VAL A 82 -0.63 2.94 -1.37
N HIS A 83 0.24 3.25 -0.46
CA HIS A 83 1.55 3.79 -0.77
C HIS A 83 2.56 2.66 -0.71
N VAL A 84 3.04 2.22 -1.84
CA VAL A 84 4.01 1.14 -1.87
C VAL A 84 5.40 1.70 -2.09
N LYS A 85 6.24 1.63 -1.10
CA LYS A 85 7.60 2.10 -1.21
C LYS A 85 8.57 0.94 -1.03
N LEU A 86 9.58 0.88 -1.87
CA LEU A 86 10.55 -0.18 -1.79
C LEU A 86 11.78 0.41 -1.17
N ARG A 87 12.09 0.04 0.05
CA ARG A 87 13.25 0.61 0.69
C ARG A 87 14.40 -0.34 0.55
N LYS A 88 15.55 0.19 0.32
CA LYS A 88 16.74 -0.60 0.32
C LYS A 88 17.23 -0.71 1.75
N ILE A 89 17.20 -1.89 2.32
CA ILE A 89 17.70 -2.05 3.65
C ILE A 89 19.19 -2.34 3.59
N THR A 90 19.95 -1.40 4.05
CA THR A 90 21.36 -1.52 3.98
C THR A 90 21.89 -1.27 5.37
N GLU A 91 23.17 -1.43 5.58
CA GLU A 91 23.70 -1.35 6.92
C GLU A 91 23.85 0.09 7.39
N ASN A 92 23.48 1.01 6.55
CA ASN A 92 23.44 2.42 6.90
C ASN A 92 22.02 2.97 6.78
N CYS A 93 21.05 2.09 6.60
CA CYS A 93 19.68 2.51 6.50
C CYS A 93 18.75 1.46 7.08
N PRO A 94 18.01 1.83 8.12
CA PRO A 94 17.13 0.92 8.84
C PRO A 94 15.80 0.63 8.12
N PRO A 95 15.28 -0.59 8.30
CA PRO A 95 13.98 -1.00 7.79
C PRO A 95 12.86 -0.36 8.61
N VAL A 96 11.68 -0.37 8.10
CA VAL A 96 10.57 0.20 8.82
C VAL A 96 9.79 -0.93 9.47
N ASP A 97 9.08 -0.63 10.50
CA ASP A 97 8.33 -1.64 11.19
C ASP A 97 6.87 -1.33 11.22
N GLY A 98 6.15 -2.18 10.61
CA GLY A 98 4.74 -2.03 10.50
C GLY A 98 4.09 -3.35 10.65
N ASN A 99 2.90 -3.43 10.20
CA ASN A 99 2.12 -4.59 10.18
C ASN A 99 2.80 -5.65 9.34
N ARG A 100 3.38 -6.61 9.99
CA ARG A 100 3.97 -7.70 9.32
C ARG A 100 2.86 -8.66 9.00
N CYS A 101 2.49 -8.71 7.75
CA CYS A 101 1.35 -9.48 7.30
C CYS A 101 1.76 -10.97 7.23
N SER A 102 0.84 -11.83 6.81
CA SER A 102 1.13 -13.24 6.63
C SER A 102 1.97 -13.40 5.35
N VAL A 103 3.26 -13.42 5.54
CA VAL A 103 4.21 -13.52 4.44
C VAL A 103 4.65 -14.95 4.32
N LEU A 104 4.84 -15.38 3.13
CA LEU A 104 5.28 -16.72 2.83
C LEU A 104 5.84 -16.77 1.44
N GLU A 105 4.96 -16.75 0.55
CA GLU A 105 5.17 -16.82 -0.88
C GLU A 105 4.04 -16.08 -1.56
N PHE A 106 4.20 -15.86 -2.87
CA PHE A 106 3.28 -15.04 -3.71
C PHE A 106 1.81 -15.07 -3.32
N GLU A 107 1.20 -16.23 -3.41
CA GLU A 107 -0.23 -16.37 -3.13
C GLU A 107 -0.62 -15.93 -1.72
N ARG A 108 0.18 -16.32 -0.76
CA ARG A 108 -0.16 -16.04 0.61
C ARG A 108 0.07 -14.57 0.91
N ASP A 109 1.12 -14.03 0.30
CA ASP A 109 1.47 -12.63 0.45
C ASP A 109 0.39 -11.76 -0.16
N ILE A 110 0.01 -12.08 -1.41
CA ILE A 110 -0.97 -11.27 -2.13
C ILE A 110 -2.31 -11.31 -1.43
N GLU A 111 -2.62 -12.46 -0.87
CA GLU A 111 -3.82 -12.67 -0.13
C GLU A 111 -3.88 -11.74 1.06
N CYS A 112 -2.80 -11.68 1.80
CA CYS A 112 -2.75 -10.88 3.00
C CYS A 112 -2.83 -9.41 2.63
N ILE A 113 -2.20 -9.06 1.52
CA ILE A 113 -2.20 -7.69 1.03
C ILE A 113 -3.63 -7.29 0.64
N VAL A 114 -4.31 -8.15 -0.12
CA VAL A 114 -5.66 -7.85 -0.59
C VAL A 114 -6.61 -7.71 0.59
N LYS A 115 -6.44 -8.58 1.56
CA LYS A 115 -7.27 -8.56 2.74
C LYS A 115 -7.08 -7.29 3.51
N ALA A 116 -5.85 -6.86 3.65
CA ALA A 116 -5.57 -5.66 4.40
C ALA A 116 -6.08 -4.42 3.68
N ILE A 117 -5.95 -4.41 2.36
CA ILE A 117 -6.45 -3.29 1.58
C ILE A 117 -7.97 -3.21 1.71
N GLU A 118 -8.65 -4.33 1.57
CA GLU A 118 -10.09 -4.30 1.67
C GLU A 118 -10.56 -4.06 3.09
N GLU A 119 -9.79 -4.52 4.06
CA GLU A 119 -10.11 -4.28 5.45
C GLU A 119 -9.99 -2.80 5.74
N CYS A 120 -8.94 -2.21 5.22
CA CYS A 120 -8.68 -0.79 5.38
C CYS A 120 -9.84 0.03 4.82
N LEU A 121 -10.27 -0.32 3.64
CA LEU A 121 -11.33 0.42 3.00
C LEU A 121 -12.69 0.15 3.64
N ALA A 122 -12.84 -1.02 4.24
CA ALA A 122 -14.07 -1.40 4.87
C ALA A 122 -14.19 -0.83 6.28
N LYS A 123 -13.07 -0.68 6.98
CA LYS A 123 -13.10 -0.23 8.36
C LYS A 123 -13.09 1.29 8.47
N GLY A 124 -13.23 1.96 7.34
CA GLY A 124 -13.29 3.41 7.30
C GLY A 124 -14.33 3.96 8.27
N GLU A 125 -13.89 4.90 9.12
CA GLU A 125 -14.68 5.56 10.18
C GLU A 125 -14.71 4.80 11.47
N LEU A 126 -13.73 4.00 11.60
CA LEU A 126 -13.48 3.22 12.77
C LEU A 126 -11.99 3.34 13.04
N ASN A 127 -11.60 4.36 13.76
CA ASN A 127 -10.19 4.61 13.94
C ASN A 127 -9.95 5.35 15.22
N SER A 128 -8.77 5.21 15.75
CA SER A 128 -8.36 5.88 16.89
C SER A 128 -7.04 6.59 16.59
N LYS A 129 -7.12 7.92 16.37
CA LYS A 129 -5.97 8.82 16.17
C LYS A 129 -5.44 8.83 14.73
N LEU A 130 -5.61 9.96 14.07
CA LEU A 130 -5.12 10.20 12.71
C LEU A 130 -3.59 10.20 12.68
N GLU A 131 -3.04 9.92 11.53
CA GLU A 131 -1.63 9.93 11.31
C GLU A 131 -1.39 10.42 9.89
N GLY A 132 -0.69 11.51 9.76
CA GLY A 132 -0.41 12.06 8.46
C GLY A 132 -1.56 12.90 7.95
N LYS A 133 -1.51 13.23 6.70
CA LYS A 133 -2.56 13.99 6.03
C LYS A 133 -2.79 13.38 4.64
N PRO A 134 -4.07 13.24 4.22
CA PRO A 134 -4.45 12.66 2.91
C PRO A 134 -3.67 13.26 1.73
N ILE A 135 -3.01 12.40 0.99
CA ILE A 135 -2.26 12.79 -0.15
C ILE A 135 -3.18 12.82 -1.38
N PRO A 136 -3.17 13.91 -2.10
CA PRO A 136 -3.98 14.12 -3.33
C PRO A 136 -3.64 13.15 -4.47
N ASN A 137 -4.47 13.18 -5.50
CA ASN A 137 -4.29 12.37 -6.70
C ASN A 137 -4.92 13.12 -7.86
N PRO A 138 -4.52 12.84 -9.12
CA PRO A 138 -5.15 13.45 -10.29
C PRO A 138 -6.41 12.68 -10.71
N LEU A 139 -6.62 11.54 -10.03
CA LEU A 139 -7.72 10.60 -10.28
C LEU A 139 -7.57 9.99 -11.67
N LEU A 140 -7.08 8.79 -11.71
CA LEU A 140 -6.78 8.16 -12.96
C LEU A 140 -7.60 6.90 -13.14
N GLY A 141 -8.42 6.91 -14.14
CA GLY A 141 -9.23 5.78 -14.46
C GLY A 141 -8.71 5.12 -15.69
N LEU A 142 -7.96 4.08 -15.51
CA LEU A 142 -7.37 3.37 -16.61
C LEU A 142 -8.01 2.00 -16.80
N ASP A 143 -7.90 1.49 -17.97
CA ASP A 143 -8.44 0.19 -18.27
C ASP A 143 -7.30 -0.82 -18.31
N SER A 144 -7.05 -1.42 -17.19
CA SER A 144 -6.02 -2.44 -17.08
C SER A 144 -6.53 -3.53 -16.19
N THR A 145 -7.78 -3.71 -16.34
CA THR A 145 -8.53 -4.66 -15.61
C THR A 145 -8.64 -5.90 -16.50
N ARG A 146 -7.64 -6.72 -16.42
CA ARG A 146 -7.52 -7.86 -17.30
C ARG A 146 -7.10 -9.07 -16.49
N THR A 147 -7.53 -10.22 -16.92
CA THR A 147 -7.18 -11.46 -16.29
C THR A 147 -7.08 -12.52 -17.39
N GLY A 148 -6.25 -13.52 -17.22
CA GLY A 148 -6.13 -14.56 -18.21
C GLY A 148 -4.89 -15.35 -17.99
N MET A 1 21.85 -7.43 0.17
CA MET A 1 21.05 -6.38 -0.44
C MET A 1 19.63 -6.88 -0.70
N LYS A 2 18.78 -6.77 0.30
CA LYS A 2 17.40 -7.13 0.14
C LYS A 2 16.59 -5.86 0.06
N TYR A 3 15.44 -5.93 -0.51
CA TYR A 3 14.54 -4.84 -0.55
C TYR A 3 13.36 -5.15 0.33
N ASP A 4 12.97 -4.18 1.08
CA ASP A 4 11.95 -4.33 2.10
C ASP A 4 10.75 -3.50 1.68
N VAL A 5 9.66 -4.15 1.39
CA VAL A 5 8.48 -3.48 0.87
C VAL A 5 7.59 -3.05 2.03
N VAL A 6 7.45 -1.77 2.20
CA VAL A 6 6.62 -1.26 3.26
C VAL A 6 5.40 -0.61 2.65
N ILE A 7 4.28 -1.22 2.87
CA ILE A 7 3.04 -0.70 2.34
C ILE A 7 2.24 -0.04 3.44
N ILE A 8 1.94 1.22 3.25
CA ILE A 8 1.18 2.00 4.17
C ILE A 8 -0.26 2.06 3.67
N PRO A 9 -1.18 1.34 4.29
CA PRO A 9 -2.58 1.40 3.94
C PRO A 9 -3.33 2.40 4.82
N GLU A 10 -4.18 3.17 4.24
CA GLU A 10 -5.02 4.06 4.99
C GLU A 10 -6.36 4.18 4.30
N SER A 11 -7.37 4.50 5.04
CA SER A 11 -8.65 4.66 4.46
C SER A 11 -8.69 6.04 3.83
N PHE A 12 -9.52 6.22 2.86
CA PHE A 12 -9.58 7.47 2.14
C PHE A 12 -10.43 8.45 2.93
N HIS A 13 -9.82 8.99 3.96
CA HIS A 13 -10.46 9.89 4.90
C HIS A 13 -9.47 10.84 5.47
N ARG A 14 -9.50 12.03 4.97
CA ARG A 14 -8.68 13.05 5.50
C ARG A 14 -9.48 13.71 6.60
N PHE A 15 -8.79 14.34 7.53
CA PHE A 15 -9.40 14.89 8.73
C PHE A 15 -10.52 15.87 8.50
N ASP A 16 -11.70 15.33 8.63
CA ASP A 16 -12.94 16.07 8.61
C ASP A 16 -13.18 16.58 10.06
N LYS A 17 -14.42 16.79 10.47
CA LYS A 17 -14.69 17.28 11.78
C LYS A 17 -14.34 16.19 12.80
N HIS A 18 -14.97 15.04 12.68
CA HIS A 18 -14.62 13.95 13.55
C HIS A 18 -14.57 12.62 12.83
N ASN A 19 -15.63 12.34 12.13
CA ASN A 19 -15.89 11.01 11.60
C ASN A 19 -15.33 10.77 10.22
N MET A 20 -14.05 11.00 10.09
CA MET A 20 -13.25 10.72 8.89
C MET A 20 -11.81 10.72 9.30
N GLU A 21 -11.35 9.54 9.65
CA GLU A 21 -10.03 9.31 10.15
C GLU A 21 -9.86 7.82 10.33
N HIS A 22 -8.92 7.28 9.61
CA HIS A 22 -8.47 5.91 9.81
C HIS A 22 -7.22 5.66 9.01
N ILE A 23 -6.16 5.50 9.71
CA ILE A 23 -4.91 5.17 9.13
C ILE A 23 -4.62 3.77 9.58
N CYS A 24 -4.11 2.97 8.74
CA CYS A 24 -3.83 1.60 9.09
C CYS A 24 -2.33 1.40 9.22
N PRO A 25 -1.87 0.53 10.16
CA PRO A 25 -0.43 0.31 10.40
C PRO A 25 0.28 -0.24 9.15
N PRO A 26 1.58 0.07 9.00
CA PRO A 26 2.37 -0.34 7.83
C PRO A 26 2.54 -1.83 7.79
N MET A 27 2.41 -2.40 6.65
CA MET A 27 2.67 -3.79 6.50
C MET A 27 4.04 -3.89 5.92
N VAL A 28 4.87 -4.65 6.51
CA VAL A 28 6.20 -4.76 6.02
C VAL A 28 6.41 -6.15 5.43
N ILE A 29 6.80 -6.18 4.20
CA ILE A 29 7.05 -7.38 3.48
C ILE A 29 8.47 -7.32 3.01
N GLY A 30 9.31 -8.01 3.66
CA GLY A 30 10.70 -7.87 3.37
C GLY A 30 11.36 -9.12 2.91
N ASP A 31 12.69 -9.07 2.85
CA ASP A 31 13.56 -10.16 2.39
C ASP A 31 13.17 -10.56 0.95
N ARG A 32 12.95 -9.55 0.16
CA ARG A 32 12.63 -9.73 -1.24
C ARG A 32 13.77 -9.07 -2.01
N SER A 33 14.28 -9.69 -3.02
CA SER A 33 15.27 -9.05 -3.82
C SER A 33 14.57 -8.08 -4.77
N TYR A 34 15.32 -7.24 -5.44
CA TYR A 34 14.78 -6.15 -6.27
C TYR A 34 13.84 -6.66 -7.33
N ASP A 35 14.27 -7.70 -7.98
CA ASP A 35 13.52 -8.29 -9.06
C ASP A 35 12.24 -8.91 -8.56
N ILE A 36 12.35 -9.58 -7.44
CA ILE A 36 11.22 -10.27 -6.85
C ILE A 36 10.26 -9.25 -6.26
N ALA A 37 10.82 -8.19 -5.68
CA ALA A 37 10.05 -7.12 -5.09
C ALA A 37 9.24 -6.41 -6.15
N MET A 38 9.84 -6.19 -7.29
CA MET A 38 9.15 -5.51 -8.35
C MET A 38 8.06 -6.40 -8.94
N GLU A 39 8.33 -7.68 -9.04
CA GLU A 39 7.34 -8.60 -9.56
C GLU A 39 6.21 -8.87 -8.59
N ILE A 40 6.51 -8.94 -7.30
CA ILE A 40 5.45 -9.15 -6.33
C ILE A 40 4.55 -7.92 -6.28
N VAL A 41 5.16 -6.73 -6.34
CA VAL A 41 4.40 -5.51 -6.36
C VAL A 41 3.60 -5.44 -7.63
N ASN A 42 4.21 -5.79 -8.77
CA ASN A 42 3.54 -5.77 -10.08
C ASN A 42 2.33 -6.70 -10.10
N GLY A 43 2.48 -7.85 -9.47
CA GLY A 43 1.39 -8.79 -9.40
C GLY A 43 0.24 -8.24 -8.63
N VAL A 44 0.53 -7.61 -7.50
CA VAL A 44 -0.50 -7.03 -6.67
C VAL A 44 -1.07 -5.78 -7.36
N ASP A 45 -0.18 -5.03 -7.99
CA ASP A 45 -0.46 -3.79 -8.73
C ASP A 45 -1.49 -4.06 -9.82
N ARG A 46 -1.25 -5.13 -10.56
CA ARG A 46 -2.14 -5.54 -11.62
C ARG A 46 -3.50 -5.92 -11.04
N VAL A 47 -3.49 -6.61 -9.92
CA VAL A 47 -4.70 -7.04 -9.26
C VAL A 47 -5.50 -5.84 -8.74
N ILE A 48 -4.81 -4.85 -8.20
CA ILE A 48 -5.45 -3.65 -7.69
C ILE A 48 -6.02 -2.83 -8.82
N LYS A 49 -5.31 -2.71 -9.91
CA LYS A 49 -5.78 -1.92 -11.02
C LYS A 49 -6.95 -2.61 -11.74
N ALA A 50 -6.94 -3.93 -11.72
CA ALA A 50 -7.99 -4.70 -12.35
C ALA A 50 -9.21 -4.90 -11.43
N SER A 51 -8.97 -5.27 -10.19
CA SER A 51 -10.05 -5.58 -9.28
C SER A 51 -10.62 -4.35 -8.59
N PHE A 52 -9.86 -3.29 -8.57
CA PHE A 52 -10.26 -2.11 -7.88
C PHE A 52 -10.28 -0.96 -8.82
N ASN A 53 -11.03 0.01 -8.46
CA ASN A 53 -11.02 1.24 -9.16
C ASN A 53 -9.91 2.02 -8.55
N ALA A 54 -8.75 1.81 -9.08
CA ALA A 54 -7.61 2.37 -8.49
C ALA A 54 -6.73 3.01 -9.50
N SER A 55 -6.26 4.15 -9.16
CA SER A 55 -5.28 4.80 -9.95
C SER A 55 -3.94 4.46 -9.34
N VAL A 56 -3.07 3.88 -10.11
CA VAL A 56 -1.77 3.59 -9.61
C VAL A 56 -0.83 4.66 -10.08
N GLU A 57 -0.27 5.32 -9.14
CA GLU A 57 0.56 6.43 -9.36
C GLU A 57 1.95 6.11 -8.85
N GLU A 58 2.91 5.99 -9.74
CA GLU A 58 4.26 5.71 -9.34
C GLU A 58 5.08 6.98 -9.18
N LEU A 59 5.62 7.16 -7.99
CA LEU A 59 6.38 8.33 -7.62
C LEU A 59 7.77 7.90 -7.18
N GLU A 60 8.58 8.87 -6.86
CA GLU A 60 9.92 8.63 -6.43
C GLU A 60 9.96 8.61 -4.90
N GLY A 61 10.74 7.71 -4.37
CA GLY A 61 10.85 7.54 -2.95
C GLY A 61 11.93 8.40 -2.33
N GLU A 62 12.01 8.35 -1.01
CA GLU A 62 13.00 9.06 -0.24
C GLU A 62 14.36 8.36 -0.43
N ASP A 63 15.39 8.93 0.11
CA ASP A 63 16.76 8.40 0.05
C ASP A 63 16.84 6.92 0.43
N CYS A 64 16.11 6.57 1.45
CA CYS A 64 16.09 5.22 1.95
C CYS A 64 15.06 4.36 1.20
N ASP A 65 14.28 5.00 0.37
CA ASP A 65 13.30 4.31 -0.39
C ASP A 65 13.86 4.10 -1.77
N VAL A 66 13.33 3.16 -2.47
CA VAL A 66 13.75 2.87 -3.81
C VAL A 66 12.69 3.32 -4.80
N LEU A 67 11.46 3.14 -4.41
CA LEU A 67 10.31 3.47 -5.26
C LEU A 67 9.13 3.70 -4.37
N TYR A 68 8.29 4.62 -4.73
CA TYR A 68 7.13 4.92 -3.94
C TYR A 68 5.91 4.96 -4.86
N ARG A 69 5.06 3.99 -4.80
CA ARG A 69 3.87 4.04 -5.63
C ARG A 69 2.62 4.11 -4.78
N LYS A 70 1.79 5.07 -5.09
CA LYS A 70 0.59 5.29 -4.36
C LYS A 70 -0.60 4.89 -5.20
N TYR A 71 -1.43 4.09 -4.64
CA TYR A 71 -2.63 3.68 -5.27
C TYR A 71 -3.77 4.41 -4.61
N THR A 72 -4.65 4.92 -5.39
CA THR A 72 -5.85 5.54 -4.89
C THR A 72 -7.01 4.60 -5.24
N LEU A 73 -7.55 3.91 -4.25
CA LEU A 73 -8.53 2.86 -4.48
C LEU A 73 -9.92 3.27 -4.08
N GLU A 74 -10.88 2.90 -4.87
CA GLU A 74 -12.26 3.02 -4.51
C GLU A 74 -13.04 1.89 -5.15
N LYS A 75 -13.09 0.77 -4.48
CA LYS A 75 -13.76 -0.40 -4.98
C LYS A 75 -15.17 -0.48 -4.44
N GLU A 76 -16.14 -0.13 -5.28
CA GLU A 76 -17.56 -0.28 -4.96
C GLU A 76 -17.96 0.46 -3.68
N GLY A 77 -17.33 1.60 -3.46
CA GLY A 77 -17.63 2.40 -2.28
C GLY A 77 -16.61 2.24 -1.17
N LYS A 78 -15.70 1.31 -1.34
CA LYS A 78 -14.63 1.14 -0.38
C LYS A 78 -13.45 1.96 -0.85
N LYS A 79 -13.28 3.10 -0.24
CA LYS A 79 -12.29 4.07 -0.64
C LYS A 79 -11.06 4.02 0.27
N GLY A 80 -9.89 4.11 -0.33
CA GLY A 80 -8.65 4.10 0.43
C GLY A 80 -7.46 4.60 -0.38
N ILE A 81 -6.40 4.91 0.31
CA ILE A 81 -5.15 5.35 -0.29
C ILE A 81 -4.10 4.32 0.15
N VAL A 82 -3.29 3.88 -0.76
CA VAL A 82 -2.25 2.92 -0.41
C VAL A 82 -0.89 3.41 -0.88
N HIS A 83 0.03 3.57 0.04
CA HIS A 83 1.37 4.04 -0.28
C HIS A 83 2.35 2.88 -0.19
N VAL A 84 2.77 2.35 -1.32
CA VAL A 84 3.71 1.25 -1.32
C VAL A 84 5.11 1.77 -1.60
N LYS A 85 5.96 1.73 -0.62
CA LYS A 85 7.31 2.15 -0.80
C LYS A 85 8.25 0.97 -0.69
N LEU A 86 9.25 0.96 -1.53
CA LEU A 86 10.24 -0.07 -1.48
C LEU A 86 11.39 0.52 -0.73
N ARG A 87 11.82 -0.13 0.28
CA ARG A 87 12.90 0.33 1.09
C ARG A 87 14.12 -0.49 0.76
N LYS A 88 15.24 0.11 0.73
CA LYS A 88 16.45 -0.66 0.57
C LYS A 88 16.98 -1.04 1.97
N ILE A 89 16.68 -2.24 2.42
CA ILE A 89 17.14 -2.63 3.75
C ILE A 89 18.63 -2.91 3.74
N THR A 90 19.35 -2.06 4.41
CA THR A 90 20.76 -2.16 4.54
C THR A 90 21.14 -1.74 5.96
N GLU A 91 22.39 -1.81 6.31
CA GLU A 91 22.78 -1.48 7.68
C GLU A 91 22.81 0.02 7.89
N ASN A 92 22.78 0.74 6.80
CA ASN A 92 22.77 2.19 6.82
C ASN A 92 21.41 2.70 6.39
N CYS A 93 20.45 1.82 6.27
CA CYS A 93 19.12 2.18 5.88
C CYS A 93 18.14 1.25 6.56
N PRO A 94 17.49 1.73 7.62
CA PRO A 94 16.61 0.92 8.43
C PRO A 94 15.26 0.61 7.77
N PRO A 95 14.79 -0.63 7.92
CA PRO A 95 13.48 -1.01 7.47
C PRO A 95 12.46 -0.51 8.48
N VAL A 96 11.25 -0.43 8.08
CA VAL A 96 10.21 0.04 8.97
C VAL A 96 9.62 -1.18 9.66
N ASP A 97 9.02 -0.97 10.78
CA ASP A 97 8.42 -2.04 11.51
C ASP A 97 6.92 -1.87 11.43
N GLY A 98 6.24 -2.93 11.14
CA GLY A 98 4.82 -2.86 11.07
C GLY A 98 4.19 -4.17 11.31
N ASN A 99 3.13 -4.35 10.62
CA ASN A 99 2.34 -5.55 10.63
C ASN A 99 3.14 -6.69 10.08
N ARG A 100 3.21 -7.77 10.84
CA ARG A 100 3.93 -8.93 10.41
C ARG A 100 3.07 -9.65 9.41
N CYS A 101 3.36 -9.44 8.18
CA CYS A 101 2.60 -10.00 7.12
C CYS A 101 3.00 -11.46 6.91
N SER A 102 2.09 -12.25 6.41
CA SER A 102 2.34 -13.63 6.11
C SER A 102 3.15 -13.69 4.80
N VAL A 103 4.47 -13.59 4.91
CA VAL A 103 5.34 -13.50 3.75
C VAL A 103 6.24 -14.71 3.68
N LEU A 104 6.39 -15.20 2.48
CA LEU A 104 7.30 -16.30 2.08
C LEU A 104 7.36 -16.43 0.59
N GLU A 105 6.24 -16.48 0.03
CA GLU A 105 6.07 -16.76 -1.38
C GLU A 105 4.72 -16.17 -1.81
N PHE A 106 4.70 -15.62 -3.04
CA PHE A 106 3.60 -14.82 -3.64
C PHE A 106 2.18 -15.17 -3.21
N GLU A 107 1.85 -16.45 -3.19
CA GLU A 107 0.51 -16.90 -2.88
C GLU A 107 -0.01 -16.36 -1.57
N ARG A 108 0.73 -16.55 -0.53
CA ARG A 108 0.31 -16.12 0.76
C ARG A 108 0.58 -14.64 0.94
N ASP A 109 1.62 -14.18 0.26
CA ASP A 109 2.04 -12.80 0.32
C ASP A 109 0.95 -11.90 -0.24
N ILE A 110 0.41 -12.28 -1.42
CA ILE A 110 -0.64 -11.50 -2.04
C ILE A 110 -1.90 -11.52 -1.20
N GLU A 111 -2.20 -12.66 -0.57
CA GLU A 111 -3.36 -12.75 0.30
C GLU A 111 -3.24 -11.78 1.41
N CYS A 112 -2.10 -11.78 2.03
CA CYS A 112 -1.85 -10.96 3.17
C CYS A 112 -1.96 -9.49 2.82
N ILE A 113 -1.45 -9.12 1.67
CA ILE A 113 -1.52 -7.75 1.25
C ILE A 113 -2.97 -7.36 0.91
N VAL A 114 -3.65 -8.20 0.17
CA VAL A 114 -5.00 -7.87 -0.26
C VAL A 114 -5.96 -7.88 0.92
N LYS A 115 -5.79 -8.84 1.82
CA LYS A 115 -6.68 -8.98 2.93
C LYS A 115 -6.47 -7.91 3.99
N ALA A 116 -5.29 -7.30 4.03
CA ALA A 116 -5.10 -6.22 4.95
C ALA A 116 -5.63 -4.92 4.38
N ILE A 117 -5.45 -4.73 3.06
CA ILE A 117 -6.01 -3.57 2.37
C ILE A 117 -7.53 -3.61 2.47
N GLU A 118 -8.10 -4.79 2.22
CA GLU A 118 -9.53 -5.03 2.31
C GLU A 118 -10.10 -4.63 3.65
N GLU A 119 -9.40 -4.99 4.70
CA GLU A 119 -9.78 -4.62 6.04
C GLU A 119 -9.71 -3.13 6.23
N CYS A 120 -8.63 -2.54 5.75
CA CYS A 120 -8.38 -1.11 5.89
C CYS A 120 -9.48 -0.31 5.17
N LEU A 121 -9.86 -0.78 4.00
CA LEU A 121 -10.89 -0.12 3.21
C LEU A 121 -12.27 -0.32 3.85
N ALA A 122 -12.43 -1.44 4.55
CA ALA A 122 -13.70 -1.80 5.15
C ALA A 122 -13.95 -1.07 6.45
N LYS A 123 -12.88 -0.77 7.20
CA LYS A 123 -13.06 -0.11 8.50
C LYS A 123 -13.64 1.27 8.30
N GLY A 124 -13.14 1.91 7.30
CA GLY A 124 -13.63 3.19 6.88
C GLY A 124 -13.41 4.30 7.88
N GLU A 125 -14.26 5.27 7.77
CA GLU A 125 -14.25 6.47 8.59
C GLU A 125 -14.50 6.17 10.07
N LEU A 126 -13.67 6.77 10.91
CA LEU A 126 -13.74 6.69 12.36
C LEU A 126 -13.28 5.35 12.87
N ASN A 127 -11.98 5.20 12.95
CA ASN A 127 -11.38 4.01 13.49
C ASN A 127 -9.94 4.34 13.86
N SER A 128 -9.32 3.46 14.62
CA SER A 128 -7.98 3.61 15.19
C SER A 128 -6.93 4.21 14.25
N LYS A 129 -6.25 5.24 14.72
CA LYS A 129 -5.16 5.86 14.05
C LYS A 129 -4.15 6.34 15.09
N LEU A 130 -2.87 6.23 14.81
CA LEU A 130 -1.83 6.66 15.74
C LEU A 130 -0.55 6.92 14.96
N GLU A 131 -0.74 7.23 13.70
CA GLU A 131 0.33 7.41 12.75
C GLU A 131 -0.29 7.83 11.43
N GLY A 132 0.51 7.88 10.39
CA GLY A 132 0.01 8.19 9.09
C GLY A 132 0.80 9.24 8.40
N LYS A 133 0.81 9.18 7.11
CA LYS A 133 1.47 10.17 6.29
C LYS A 133 0.59 10.36 5.03
N PRO A 134 -0.57 10.98 5.20
CA PRO A 134 -1.55 11.11 4.13
C PRO A 134 -1.18 12.21 3.17
N ILE A 135 -0.69 11.82 2.02
CA ILE A 135 -0.32 12.74 1.01
C ILE A 135 -1.00 12.40 -0.33
N PRO A 136 -2.05 13.14 -0.67
CA PRO A 136 -2.74 13.00 -1.94
C PRO A 136 -1.97 13.70 -3.07
N ASN A 137 -2.27 13.32 -4.30
CA ASN A 137 -1.64 13.92 -5.48
C ASN A 137 -2.49 13.57 -6.70
N PRO A 138 -2.92 14.57 -7.49
CA PRO A 138 -3.71 14.34 -8.71
C PRO A 138 -2.90 13.66 -9.82
N LEU A 139 -1.57 13.70 -9.67
CA LEU A 139 -0.59 13.09 -10.60
C LEU A 139 -0.51 13.88 -11.92
N LEU A 140 0.64 13.80 -12.58
CA LEU A 140 0.81 14.40 -13.88
C LEU A 140 -0.03 13.63 -14.87
N GLY A 141 -0.93 14.34 -15.52
CA GLY A 141 -1.81 13.73 -16.47
C GLY A 141 -1.15 13.45 -17.79
N LEU A 142 -0.38 12.40 -17.83
CA LEU A 142 0.24 11.96 -19.04
C LEU A 142 -0.36 10.59 -19.30
N ASP A 143 -1.30 10.53 -20.20
CA ASP A 143 -2.02 9.31 -20.48
C ASP A 143 -1.31 8.50 -21.52
N SER A 144 -1.59 7.23 -21.53
CA SER A 144 -1.03 6.36 -22.50
C SER A 144 -2.15 5.83 -23.40
N THR A 145 -2.30 6.43 -24.56
CA THR A 145 -3.23 5.91 -25.51
C THR A 145 -2.45 5.08 -26.52
N ARG A 146 -2.32 3.83 -26.19
CA ARG A 146 -1.52 2.88 -26.92
C ARG A 146 -2.41 1.91 -27.64
N THR A 147 -2.07 1.61 -28.85
CA THR A 147 -2.79 0.64 -29.61
C THR A 147 -2.23 -0.75 -29.26
N GLY A 148 -2.71 -1.28 -28.15
CA GLY A 148 -2.28 -2.54 -27.68
C GLY A 148 -2.34 -2.57 -26.18
N MET A 1 20.81 -8.32 -3.50
CA MET A 1 20.78 -7.62 -2.23
C MET A 1 19.37 -7.66 -1.67
N LYS A 2 19.14 -6.94 -0.60
CA LYS A 2 17.88 -6.99 0.10
C LYS A 2 17.21 -5.62 0.16
N TYR A 3 15.92 -5.62 -0.07
CA TYR A 3 15.06 -4.46 0.07
C TYR A 3 14.01 -4.75 1.14
N ASP A 4 13.56 -3.70 1.78
CA ASP A 4 12.60 -3.76 2.86
C ASP A 4 11.41 -2.90 2.44
N VAL A 5 10.29 -3.52 2.12
CA VAL A 5 9.15 -2.76 1.62
C VAL A 5 8.16 -2.44 2.73
N VAL A 6 7.84 -1.19 2.84
CA VAL A 6 6.87 -0.73 3.75
C VAL A 6 5.70 -0.16 2.98
N ILE A 7 4.58 -0.71 3.21
CA ILE A 7 3.38 -0.33 2.49
C ILE A 7 2.33 0.13 3.49
N ILE A 8 1.85 1.35 3.30
CA ILE A 8 0.83 1.89 4.16
C ILE A 8 -0.50 1.97 3.42
N PRO A 9 -1.50 1.28 3.91
CA PRO A 9 -2.85 1.43 3.43
C PRO A 9 -3.57 2.50 4.26
N GLU A 10 -4.39 3.27 3.64
CA GLU A 10 -5.14 4.27 4.36
C GLU A 10 -6.42 4.53 3.62
N SER A 11 -7.47 4.82 4.33
CA SER A 11 -8.69 5.16 3.64
C SER A 11 -8.69 6.68 3.44
N PHE A 12 -9.21 7.18 2.33
CA PHE A 12 -9.22 8.59 2.17
C PHE A 12 -10.36 9.26 2.91
N HIS A 13 -10.07 9.55 4.14
CA HIS A 13 -10.98 10.19 5.01
C HIS A 13 -10.34 11.36 5.68
N ARG A 14 -10.63 12.53 5.15
CA ARG A 14 -10.20 13.75 5.74
C ARG A 14 -10.90 13.94 7.05
N PHE A 15 -10.09 13.99 8.03
CA PHE A 15 -10.44 14.14 9.39
C PHE A 15 -11.17 15.42 9.63
N ASP A 16 -12.39 15.27 9.93
CA ASP A 16 -13.28 16.35 10.23
C ASP A 16 -13.16 16.75 11.72
N LYS A 17 -14.13 16.40 12.51
CA LYS A 17 -14.08 16.70 13.92
C LYS A 17 -13.93 15.42 14.74
N HIS A 18 -14.88 14.53 14.55
CA HIS A 18 -14.89 13.26 15.26
C HIS A 18 -14.94 12.11 14.27
N ASN A 19 -15.44 12.40 13.11
CA ASN A 19 -15.62 11.42 12.08
C ASN A 19 -14.57 11.52 11.02
N MET A 20 -14.36 10.40 10.31
CA MET A 20 -13.50 10.31 9.15
C MET A 20 -12.01 10.34 9.49
N GLU A 21 -11.51 9.22 9.98
CA GLU A 21 -10.09 9.01 10.19
C GLU A 21 -9.84 7.52 10.30
N HIS A 22 -9.40 6.95 9.23
CA HIS A 22 -9.06 5.55 9.19
C HIS A 22 -7.77 5.39 8.46
N ILE A 23 -6.73 5.40 9.18
CA ILE A 23 -5.45 5.18 8.61
C ILE A 23 -5.02 3.83 9.06
N CYS A 24 -4.44 3.09 8.20
CA CYS A 24 -4.00 1.78 8.55
C CYS A 24 -2.48 1.74 8.68
N PRO A 25 -1.99 1.32 9.88
CA PRO A 25 -0.56 1.24 10.19
C PRO A 25 0.27 0.50 9.13
N PRO A 26 1.51 0.97 8.89
CA PRO A 26 2.42 0.40 7.91
C PRO A 26 2.68 -1.08 8.11
N MET A 27 2.59 -1.83 7.07
CA MET A 27 2.96 -3.21 7.12
C MET A 27 4.27 -3.32 6.40
N VAL A 28 5.14 -4.15 6.90
CA VAL A 28 6.52 -4.16 6.42
C VAL A 28 6.99 -5.56 6.17
N ILE A 29 7.50 -5.79 4.99
CA ILE A 29 8.03 -7.08 4.60
C ILE A 29 9.42 -6.85 4.02
N GLY A 30 10.43 -7.16 4.77
CA GLY A 30 11.74 -6.87 4.34
C GLY A 30 12.61 -8.06 4.28
N ASP A 31 12.59 -8.70 3.16
CA ASP A 31 13.43 -9.86 2.88
C ASP A 31 13.42 -10.15 1.40
N ARG A 32 13.24 -9.11 0.62
CA ARG A 32 13.00 -9.27 -0.78
C ARG A 32 14.09 -8.60 -1.53
N SER A 33 14.58 -9.24 -2.56
CA SER A 33 15.53 -8.63 -3.40
C SER A 33 14.76 -7.67 -4.29
N TYR A 34 15.44 -6.83 -5.02
CA TYR A 34 14.79 -5.83 -5.86
C TYR A 34 13.88 -6.49 -6.86
N ASP A 35 14.36 -7.57 -7.37
CA ASP A 35 13.63 -8.38 -8.33
C ASP A 35 12.35 -8.91 -7.74
N ILE A 36 12.45 -9.51 -6.56
CA ILE A 36 11.30 -10.10 -5.93
C ILE A 36 10.35 -9.01 -5.47
N ALA A 37 10.93 -7.92 -5.00
CA ALA A 37 10.16 -6.80 -4.51
C ALA A 37 9.37 -6.17 -5.64
N MET A 38 9.99 -6.03 -6.79
CA MET A 38 9.31 -5.42 -7.91
C MET A 38 8.22 -6.34 -8.42
N GLU A 39 8.53 -7.61 -8.48
CA GLU A 39 7.58 -8.57 -8.97
C GLU A 39 6.40 -8.75 -8.03
N ILE A 40 6.64 -8.73 -6.73
CA ILE A 40 5.53 -8.88 -5.80
C ILE A 40 4.63 -7.66 -5.84
N VAL A 41 5.23 -6.46 -5.95
CA VAL A 41 4.45 -5.24 -6.02
C VAL A 41 3.67 -5.20 -7.33
N ASN A 42 4.31 -5.61 -8.42
CA ASN A 42 3.65 -5.63 -9.74
C ASN A 42 2.57 -6.70 -9.79
N GLY A 43 2.73 -7.73 -9.00
CA GLY A 43 1.71 -8.75 -8.90
C GLY A 43 0.50 -8.21 -8.18
N VAL A 44 0.74 -7.54 -7.05
CA VAL A 44 -0.33 -6.93 -6.26
C VAL A 44 -1.05 -5.90 -7.10
N ASP A 45 -0.25 -5.14 -7.81
CA ASP A 45 -0.67 -4.08 -8.75
C ASP A 45 -1.70 -4.58 -9.70
N ARG A 46 -1.40 -5.67 -10.32
CA ARG A 46 -2.23 -6.23 -11.34
C ARG A 46 -3.54 -6.75 -10.72
N VAL A 47 -3.44 -7.28 -9.53
CA VAL A 47 -4.60 -7.80 -8.85
C VAL A 47 -5.52 -6.67 -8.39
N ILE A 48 -4.96 -5.53 -7.95
CA ILE A 48 -5.80 -4.41 -7.54
C ILE A 48 -6.50 -3.83 -8.76
N LYS A 49 -5.80 -3.76 -9.87
CA LYS A 49 -6.40 -3.25 -11.10
C LYS A 49 -7.51 -4.16 -11.62
N ALA A 50 -7.35 -5.45 -11.41
CA ALA A 50 -8.35 -6.41 -11.83
C ALA A 50 -9.51 -6.53 -10.84
N SER A 51 -9.26 -6.21 -9.57
CA SER A 51 -10.28 -6.34 -8.55
C SER A 51 -10.96 -5.01 -8.22
N PHE A 52 -10.30 -3.91 -8.47
CA PHE A 52 -10.78 -2.62 -8.07
C PHE A 52 -10.69 -1.62 -9.19
N ASN A 53 -10.97 -0.42 -8.84
CA ASN A 53 -10.88 0.72 -9.69
C ASN A 53 -9.67 1.46 -9.18
N ALA A 54 -8.57 1.30 -9.88
CA ALA A 54 -7.33 1.77 -9.39
C ALA A 54 -6.73 2.87 -10.23
N SER A 55 -6.09 3.77 -9.57
CA SER A 55 -5.29 4.78 -10.20
C SER A 55 -3.90 4.66 -9.60
N VAL A 56 -2.95 4.25 -10.39
CA VAL A 56 -1.61 4.05 -9.91
C VAL A 56 -0.73 5.24 -10.29
N GLU A 57 0.08 5.67 -9.37
CA GLU A 57 0.96 6.78 -9.59
C GLU A 57 2.31 6.43 -9.01
N GLU A 58 3.33 6.38 -9.83
CA GLU A 58 4.65 6.07 -9.32
C GLU A 58 5.46 7.32 -9.10
N LEU A 59 6.00 7.42 -7.92
CA LEU A 59 6.81 8.52 -7.50
C LEU A 59 8.17 7.98 -7.09
N GLU A 60 9.03 8.86 -6.73
CA GLU A 60 10.31 8.46 -6.26
C GLU A 60 10.30 8.58 -4.77
N GLY A 61 11.20 7.93 -4.14
CA GLY A 61 11.25 7.93 -2.73
C GLY A 61 12.40 8.73 -2.23
N GLU A 62 12.51 8.86 -0.93
CA GLU A 62 13.60 9.54 -0.28
C GLU A 62 14.91 8.79 -0.52
N ASP A 63 15.97 9.30 0.06
CA ASP A 63 17.32 8.77 -0.10
C ASP A 63 17.45 7.27 0.14
N CYS A 64 16.73 6.78 1.10
CA CYS A 64 16.82 5.40 1.46
C CYS A 64 15.77 4.57 0.70
N ASP A 65 14.98 5.25 -0.10
CA ASP A 65 13.93 4.58 -0.83
C ASP A 65 14.37 4.37 -2.24
N VAL A 66 13.83 3.36 -2.85
CA VAL A 66 14.10 3.11 -4.24
C VAL A 66 12.85 3.31 -5.12
N LEU A 67 11.71 3.16 -4.52
CA LEU A 67 10.48 3.37 -5.24
C LEU A 67 9.41 3.75 -4.29
N TYR A 68 8.58 4.66 -4.71
CA TYR A 68 7.45 5.01 -3.94
C TYR A 68 6.25 4.96 -4.89
N ARG A 69 5.48 3.94 -4.82
CA ARG A 69 4.38 3.84 -5.72
C ARG A 69 3.08 3.98 -4.96
N LYS A 70 2.28 4.91 -5.38
CA LYS A 70 1.02 5.20 -4.74
C LYS A 70 -0.11 4.66 -5.60
N TYR A 71 -1.12 4.17 -4.96
CA TYR A 71 -2.30 3.68 -5.59
C TYR A 71 -3.50 4.35 -4.94
N THR A 72 -4.33 4.95 -5.72
CA THR A 72 -5.57 5.49 -5.22
C THR A 72 -6.67 4.51 -5.65
N LEU A 73 -7.36 3.90 -4.70
CA LEU A 73 -8.27 2.81 -5.00
C LEU A 73 -9.68 3.08 -4.53
N GLU A 74 -10.62 2.63 -5.30
CA GLU A 74 -12.01 2.63 -4.94
C GLU A 74 -12.71 1.46 -5.54
N LYS A 75 -13.79 1.21 -4.94
CA LYS A 75 -14.82 0.39 -5.39
C LYS A 75 -16.02 0.95 -4.68
N GLU A 76 -17.19 0.72 -5.19
CA GLU A 76 -18.42 1.22 -4.58
C GLU A 76 -18.55 0.85 -3.07
N GLY A 77 -18.20 1.80 -2.22
CA GLY A 77 -18.32 1.62 -0.79
C GLY A 77 -16.98 1.27 -0.15
N LYS A 78 -15.94 1.20 -0.95
CA LYS A 78 -14.63 0.86 -0.46
C LYS A 78 -13.64 1.83 -1.07
N LYS A 79 -13.12 2.71 -0.27
CA LYS A 79 -12.26 3.76 -0.76
C LYS A 79 -10.98 3.89 0.06
N GLY A 80 -9.85 3.96 -0.62
CA GLY A 80 -8.59 4.11 0.08
C GLY A 80 -7.43 4.40 -0.81
N ILE A 81 -6.30 4.58 -0.21
CA ILE A 81 -5.06 4.87 -0.89
C ILE A 81 -4.02 3.89 -0.34
N VAL A 82 -3.08 3.50 -1.16
CA VAL A 82 -2.01 2.61 -0.77
C VAL A 82 -0.67 3.18 -1.21
N HIS A 83 0.23 3.36 -0.28
CA HIS A 83 1.57 3.87 -0.55
C HIS A 83 2.59 2.77 -0.35
N VAL A 84 3.21 2.33 -1.42
CA VAL A 84 4.23 1.30 -1.37
C VAL A 84 5.60 1.96 -1.48
N LYS A 85 6.36 1.86 -0.44
CA LYS A 85 7.66 2.50 -0.35
C LYS A 85 8.73 1.39 -0.24
N LEU A 86 9.63 1.31 -1.21
CA LEU A 86 10.65 0.27 -1.21
C LEU A 86 11.88 0.85 -0.64
N ARG A 87 12.30 0.38 0.50
CA ARG A 87 13.46 0.89 1.10
C ARG A 87 14.60 -0.03 0.88
N LYS A 88 15.71 0.52 0.62
CA LYS A 88 16.88 -0.23 0.35
C LYS A 88 17.62 -0.46 1.66
N ILE A 89 17.41 -1.65 2.23
CA ILE A 89 18.04 -2.00 3.48
C ILE A 89 19.51 -2.32 3.22
N THR A 90 20.32 -1.46 3.70
CA THR A 90 21.71 -1.47 3.51
C THR A 90 22.36 -1.50 4.85
N GLU A 91 23.65 -1.33 4.90
CA GLU A 91 24.32 -1.25 6.17
C GLU A 91 24.20 0.18 6.72
N ASN A 92 23.53 1.02 5.93
CA ASN A 92 23.31 2.43 6.27
C ASN A 92 21.82 2.68 6.53
N CYS A 93 21.02 1.67 6.32
CA CYS A 93 19.59 1.74 6.49
C CYS A 93 19.07 0.50 7.17
N PRO A 94 18.54 0.63 8.38
CA PRO A 94 17.93 -0.48 9.08
C PRO A 94 16.51 -0.77 8.52
N PRO A 95 15.94 -1.95 8.80
CA PRO A 95 14.57 -2.30 8.37
C PRO A 95 13.52 -1.42 9.02
N VAL A 96 12.34 -1.41 8.47
CA VAL A 96 11.25 -0.66 9.05
C VAL A 96 10.45 -1.58 9.97
N ASP A 97 9.76 -1.00 10.90
CA ASP A 97 8.94 -1.72 11.83
C ASP A 97 7.49 -1.48 11.45
N GLY A 98 6.69 -2.49 11.57
CA GLY A 98 5.31 -2.34 11.29
C GLY A 98 4.57 -3.62 11.47
N ASN A 99 3.40 -3.63 10.93
CA ASN A 99 2.53 -4.75 10.90
C ASN A 99 3.13 -5.81 9.98
N ARG A 100 3.08 -7.04 10.35
CA ARG A 100 3.61 -8.05 9.50
C ARG A 100 2.53 -8.78 8.76
N CYS A 101 2.64 -8.77 7.47
CA CYS A 101 1.76 -9.54 6.66
C CYS A 101 2.28 -10.98 6.69
N SER A 102 1.40 -11.95 6.79
CA SER A 102 1.80 -13.32 6.79
C SER A 102 2.17 -13.77 5.37
N VAL A 103 3.44 -13.70 5.09
CA VAL A 103 3.99 -14.03 3.80
C VAL A 103 4.52 -15.45 3.82
N LEU A 104 4.43 -16.09 2.70
CA LEU A 104 4.84 -17.45 2.52
C LEU A 104 5.30 -17.66 1.11
N GLU A 105 4.36 -17.71 0.26
CA GLU A 105 4.53 -17.85 -1.17
C GLU A 105 3.45 -17.01 -1.81
N PHE A 106 3.72 -16.49 -3.03
CA PHE A 106 2.86 -15.52 -3.75
C PHE A 106 1.35 -15.70 -3.56
N GLU A 107 0.89 -16.93 -3.60
CA GLU A 107 -0.53 -17.25 -3.43
C GLU A 107 -1.10 -16.67 -2.13
N ARG A 108 -0.39 -16.88 -1.05
CA ARG A 108 -0.84 -16.44 0.24
C ARG A 108 -0.48 -14.97 0.38
N ASP A 109 0.63 -14.60 -0.21
CA ASP A 109 1.17 -13.25 -0.11
C ASP A 109 0.21 -12.27 -0.72
N ILE A 110 -0.27 -12.61 -1.91
CA ILE A 110 -1.17 -11.74 -2.63
C ILE A 110 -2.48 -11.59 -1.89
N GLU A 111 -2.98 -12.68 -1.34
CA GLU A 111 -4.25 -12.64 -0.68
C GLU A 111 -4.16 -11.96 0.67
N CYS A 112 -2.98 -11.99 1.27
CA CYS A 112 -2.73 -11.29 2.51
C CYS A 112 -2.75 -9.79 2.27
N ILE A 113 -2.05 -9.34 1.25
CA ILE A 113 -1.98 -7.93 0.92
C ILE A 113 -3.37 -7.44 0.50
N VAL A 114 -4.04 -8.24 -0.33
CA VAL A 114 -5.35 -7.86 -0.83
C VAL A 114 -6.35 -7.79 0.31
N LYS A 115 -6.26 -8.73 1.24
CA LYS A 115 -7.14 -8.78 2.39
C LYS A 115 -6.98 -7.54 3.26
N ALA A 116 -5.75 -7.15 3.49
CA ALA A 116 -5.48 -6.00 4.32
C ALA A 116 -5.91 -4.70 3.65
N ILE A 117 -5.76 -4.64 2.34
CA ILE A 117 -6.20 -3.48 1.60
C ILE A 117 -7.72 -3.42 1.59
N GLU A 118 -8.34 -4.57 1.35
CA GLU A 118 -9.79 -4.67 1.30
C GLU A 118 -10.37 -4.27 2.64
N GLU A 119 -9.77 -4.75 3.71
CA GLU A 119 -10.23 -4.40 5.02
C GLU A 119 -9.98 -2.94 5.35
N CYS A 120 -8.90 -2.39 4.87
CA CYS A 120 -8.60 -0.98 5.14
C CYS A 120 -9.64 -0.09 4.46
N LEU A 121 -10.14 -0.54 3.33
CA LEU A 121 -11.19 0.20 2.67
C LEU A 121 -12.56 -0.11 3.30
N ALA A 122 -12.76 -1.35 3.68
CA ALA A 122 -14.02 -1.82 4.22
C ALA A 122 -14.24 -1.57 5.72
N LYS A 123 -13.20 -1.28 6.50
CA LYS A 123 -13.42 -1.10 7.95
C LYS A 123 -14.06 0.22 8.30
N GLY A 124 -14.26 1.04 7.33
CA GLY A 124 -14.97 2.26 7.56
C GLY A 124 -14.11 3.43 7.74
N GLU A 125 -14.65 4.41 8.38
CA GLU A 125 -14.01 5.70 8.59
C GLU A 125 -13.47 5.83 9.99
N LEU A 126 -13.09 4.74 10.52
CA LEU A 126 -12.72 4.65 11.92
C LEU A 126 -11.49 3.79 12.18
N ASN A 127 -10.38 4.44 12.43
CA ASN A 127 -9.10 3.85 12.91
C ASN A 127 -8.12 4.98 13.04
N SER A 128 -8.02 5.46 14.24
CA SER A 128 -7.29 6.65 14.61
C SER A 128 -5.77 6.61 14.27
N LYS A 129 -5.13 7.77 14.46
CA LYS A 129 -3.70 8.03 14.25
C LYS A 129 -3.39 8.35 12.81
N LEU A 130 -3.39 9.62 12.50
CA LEU A 130 -3.09 10.09 11.17
C LEU A 130 -1.59 10.02 10.89
N GLU A 131 -1.14 8.84 10.53
CA GLU A 131 0.25 8.65 10.12
C GLU A 131 0.27 8.47 8.61
N GLY A 132 -0.85 8.75 8.08
CA GLY A 132 -1.12 8.77 6.69
C GLY A 132 -1.94 9.99 6.46
N LYS A 133 -1.78 10.62 5.36
CA LYS A 133 -2.47 11.86 5.12
C LYS A 133 -3.33 11.72 3.89
N PRO A 134 -4.59 11.37 4.08
CA PRO A 134 -5.49 11.03 2.98
C PRO A 134 -5.76 12.18 2.02
N ILE A 135 -5.40 11.97 0.77
CA ILE A 135 -5.60 12.94 -0.26
C ILE A 135 -6.35 12.30 -1.45
N PRO A 136 -7.65 12.61 -1.61
CA PRO A 136 -8.42 12.14 -2.77
C PRO A 136 -7.92 12.82 -4.06
N ASN A 137 -7.70 12.04 -5.07
CA ASN A 137 -7.20 12.56 -6.34
C ASN A 137 -8.36 12.82 -7.31
N PRO A 138 -8.13 13.63 -8.39
CA PRO A 138 -9.14 13.84 -9.44
C PRO A 138 -9.50 12.55 -10.15
N LEU A 139 -8.60 11.62 -10.13
CA LEU A 139 -8.85 10.29 -10.62
C LEU A 139 -9.47 9.54 -9.47
N LEU A 140 -10.76 9.35 -9.54
CA LEU A 140 -11.50 8.82 -8.43
C LEU A 140 -12.41 7.71 -8.96
N GLY A 141 -12.71 6.72 -8.14
CA GLY A 141 -13.45 5.56 -8.61
C GLY A 141 -14.93 5.81 -8.63
N LEU A 142 -15.39 6.40 -9.70
CA LEU A 142 -16.78 6.79 -9.87
C LEU A 142 -17.64 5.62 -10.40
N ASP A 143 -17.30 4.42 -10.03
CA ASP A 143 -18.02 3.27 -10.55
C ASP A 143 -18.95 2.69 -9.51
N SER A 144 -19.87 1.92 -10.00
CA SER A 144 -20.77 1.13 -9.24
C SER A 144 -21.09 -0.04 -10.14
N THR A 145 -20.03 -0.56 -10.67
CA THR A 145 -20.08 -1.67 -11.58
C THR A 145 -20.34 -2.94 -10.77
N ARG A 146 -21.60 -3.31 -10.68
CA ARG A 146 -22.02 -4.45 -9.93
C ARG A 146 -22.11 -5.64 -10.85
N THR A 147 -21.04 -6.35 -10.95
CA THR A 147 -20.97 -7.48 -11.83
C THR A 147 -21.59 -8.72 -11.22
N GLY A 148 -22.49 -9.30 -11.96
CA GLY A 148 -23.14 -10.49 -11.57
C GLY A 148 -23.24 -11.36 -12.78
N MET A 1 21.69 -7.13 -1.26
CA MET A 1 20.55 -6.49 -1.90
C MET A 1 19.24 -7.05 -1.41
N LYS A 2 18.75 -6.52 -0.34
CA LYS A 2 17.47 -6.88 0.17
C LYS A 2 16.68 -5.63 0.35
N TYR A 3 15.43 -5.71 0.09
CA TYR A 3 14.54 -4.59 0.17
C TYR A 3 13.51 -4.75 1.26
N ASP A 4 13.21 -3.63 1.83
CA ASP A 4 12.28 -3.43 2.88
C ASP A 4 11.08 -2.76 2.23
N VAL A 5 10.05 -3.51 1.97
CA VAL A 5 8.90 -2.96 1.29
C VAL A 5 7.90 -2.48 2.31
N VAL A 6 7.53 -1.24 2.21
CA VAL A 6 6.61 -0.64 3.12
C VAL A 6 5.34 -0.31 2.36
N ILE A 7 4.26 -0.90 2.77
CA ILE A 7 2.97 -0.66 2.17
C ILE A 7 2.06 0.03 3.18
N ILE A 8 1.68 1.23 2.86
CA ILE A 8 0.88 2.05 3.75
C ILE A 8 -0.55 2.13 3.25
N PRO A 9 -1.49 1.46 3.90
CA PRO A 9 -2.90 1.58 3.58
C PRO A 9 -3.60 2.61 4.49
N GLU A 10 -4.45 3.44 3.93
CA GLU A 10 -5.20 4.41 4.71
C GLU A 10 -6.45 4.87 3.98
N SER A 11 -7.53 4.96 4.69
CA SER A 11 -8.81 5.31 4.12
C SER A 11 -8.94 6.83 4.01
N PHE A 12 -8.85 7.35 2.79
CA PHE A 12 -8.89 8.79 2.58
C PHE A 12 -10.20 9.45 3.00
N HIS A 13 -10.15 10.15 4.09
CA HIS A 13 -11.26 10.86 4.64
C HIS A 13 -10.77 12.14 5.19
N ARG A 14 -11.65 13.09 5.29
CA ARG A 14 -11.30 14.37 5.80
C ARG A 14 -11.70 14.40 7.24
N PHE A 15 -10.74 14.62 8.08
CA PHE A 15 -10.88 14.64 9.50
C PHE A 15 -11.84 15.69 9.92
N ASP A 16 -12.95 15.25 10.41
CA ASP A 16 -13.97 16.12 10.98
C ASP A 16 -13.40 16.73 12.26
N LYS A 17 -13.77 16.21 13.38
CA LYS A 17 -13.07 16.54 14.58
C LYS A 17 -12.38 15.28 15.04
N HIS A 18 -13.19 14.28 15.29
CA HIS A 18 -12.77 12.94 15.66
C HIS A 18 -13.64 11.91 14.93
N ASN A 19 -14.03 12.23 13.71
CA ASN A 19 -14.88 11.37 12.91
C ASN A 19 -14.27 11.35 11.51
N MET A 20 -14.49 10.26 10.75
CA MET A 20 -13.87 10.07 9.44
C MET A 20 -12.38 10.05 9.55
N GLU A 21 -11.94 9.12 10.36
CA GLU A 21 -10.56 8.95 10.70
C GLU A 21 -10.20 7.48 10.76
N HIS A 22 -9.83 6.92 9.67
CA HIS A 22 -9.36 5.56 9.66
C HIS A 22 -8.06 5.50 8.97
N ILE A 23 -7.04 5.35 9.74
CA ILE A 23 -5.75 5.24 9.21
C ILE A 23 -5.24 3.87 9.59
N CYS A 24 -4.63 3.21 8.68
CA CYS A 24 -4.06 1.92 8.94
C CYS A 24 -2.55 2.08 8.96
N PRO A 25 -1.84 1.32 9.80
CA PRO A 25 -0.41 1.48 9.96
C PRO A 25 0.38 0.88 8.80
N PRO A 26 1.58 1.42 8.52
CA PRO A 26 2.44 0.91 7.47
C PRO A 26 2.82 -0.55 7.73
N MET A 27 2.56 -1.38 6.75
CA MET A 27 2.89 -2.76 6.85
C MET A 27 4.21 -2.93 6.17
N VAL A 28 5.11 -3.65 6.79
CA VAL A 28 6.48 -3.66 6.34
C VAL A 28 7.00 -5.07 6.21
N ILE A 29 7.71 -5.34 5.14
CA ILE A 29 8.34 -6.62 4.89
C ILE A 29 9.77 -6.38 4.44
N GLY A 30 10.71 -6.68 5.28
CA GLY A 30 12.08 -6.40 4.94
C GLY A 30 12.98 -7.59 4.85
N ASP A 31 12.89 -8.27 3.72
CA ASP A 31 13.79 -9.37 3.34
C ASP A 31 13.51 -9.88 1.92
N ARG A 32 13.07 -9.01 1.03
CA ARG A 32 12.77 -9.42 -0.33
C ARG A 32 13.83 -8.81 -1.21
N SER A 33 14.43 -9.54 -2.11
CA SER A 33 15.43 -8.98 -2.97
C SER A 33 14.76 -8.13 -4.03
N TYR A 34 15.52 -7.26 -4.67
CA TYR A 34 14.97 -6.27 -5.63
C TYR A 34 14.26 -6.94 -6.78
N ASP A 35 14.87 -7.98 -7.27
CA ASP A 35 14.34 -8.73 -8.39
C ASP A 35 13.09 -9.51 -8.02
N ILE A 36 13.04 -10.02 -6.81
CA ILE A 36 11.87 -10.74 -6.37
C ILE A 36 10.78 -9.75 -5.98
N ALA A 37 11.21 -8.63 -5.40
CA ALA A 37 10.31 -7.58 -4.97
C ALA A 37 9.56 -7.04 -6.17
N MET A 38 10.27 -6.78 -7.26
CA MET A 38 9.64 -6.27 -8.47
C MET A 38 8.66 -7.26 -9.03
N GLU A 39 8.99 -8.53 -8.95
CA GLU A 39 8.11 -9.57 -9.45
C GLU A 39 6.83 -9.63 -8.64
N ILE A 40 6.95 -9.58 -7.33
CA ILE A 40 5.76 -9.65 -6.51
C ILE A 40 4.95 -8.37 -6.63
N VAL A 41 5.63 -7.24 -6.66
CA VAL A 41 4.96 -5.96 -6.74
C VAL A 41 4.27 -5.80 -8.08
N ASN A 42 4.87 -6.35 -9.13
CA ASN A 42 4.25 -6.29 -10.45
C ASN A 42 2.99 -7.14 -10.47
N GLY A 43 3.06 -8.30 -9.84
CA GLY A 43 1.93 -9.17 -9.74
C GLY A 43 0.84 -8.54 -8.91
N VAL A 44 1.22 -7.95 -7.78
CA VAL A 44 0.26 -7.30 -6.87
C VAL A 44 -0.42 -6.14 -7.57
N ASP A 45 0.38 -5.40 -8.31
CA ASP A 45 -0.07 -4.24 -9.09
C ASP A 45 -1.15 -4.62 -10.07
N ARG A 46 -0.92 -5.70 -10.75
CA ARG A 46 -1.83 -6.17 -11.74
C ARG A 46 -3.09 -6.72 -11.08
N VAL A 47 -2.93 -7.35 -9.92
CA VAL A 47 -4.08 -7.87 -9.20
C VAL A 47 -4.94 -6.73 -8.67
N ILE A 48 -4.33 -5.65 -8.19
CA ILE A 48 -5.06 -4.49 -7.71
C ILE A 48 -5.82 -3.84 -8.88
N LYS A 49 -5.18 -3.79 -10.02
CA LYS A 49 -5.75 -3.20 -11.21
C LYS A 49 -6.84 -4.12 -11.83
N ALA A 50 -6.82 -5.39 -11.50
CA ALA A 50 -7.79 -6.32 -12.02
C ALA A 50 -8.90 -6.66 -11.02
N SER A 51 -8.67 -6.35 -9.77
CA SER A 51 -9.63 -6.64 -8.73
C SER A 51 -10.33 -5.39 -8.22
N PHE A 52 -9.70 -4.25 -8.38
CA PHE A 52 -10.22 -3.03 -7.84
C PHE A 52 -10.17 -1.95 -8.86
N ASN A 53 -10.66 -0.84 -8.47
CA ASN A 53 -10.61 0.34 -9.27
C ASN A 53 -9.46 1.11 -8.74
N ALA A 54 -8.35 0.96 -9.38
CA ALA A 54 -7.16 1.53 -8.90
C ALA A 54 -6.58 2.54 -9.85
N SER A 55 -6.19 3.63 -9.31
CA SER A 55 -5.47 4.61 -10.02
C SER A 55 -4.05 4.59 -9.48
N VAL A 56 -3.12 4.34 -10.34
CA VAL A 56 -1.76 4.17 -9.92
C VAL A 56 -0.96 5.46 -10.15
N GLU A 57 -0.29 5.90 -9.13
CA GLU A 57 0.50 7.09 -9.18
C GLU A 57 1.92 6.70 -8.81
N GLU A 58 2.83 6.76 -9.75
CA GLU A 58 4.20 6.34 -9.51
C GLU A 58 5.08 7.54 -9.15
N LEU A 59 5.65 7.52 -7.97
CA LEU A 59 6.48 8.59 -7.49
C LEU A 59 7.88 8.07 -7.19
N GLU A 60 8.75 8.97 -6.85
CA GLU A 60 10.08 8.62 -6.47
C GLU A 60 10.10 8.57 -4.96
N GLY A 61 10.99 7.83 -4.43
CA GLY A 61 11.04 7.66 -3.01
C GLY A 61 12.13 8.47 -2.37
N GLU A 62 12.15 8.41 -1.05
CA GLU A 62 13.16 9.03 -0.21
C GLU A 62 14.52 8.33 -0.48
N ASP A 63 15.56 8.79 0.14
CA ASP A 63 16.91 8.22 0.00
C ASP A 63 16.95 6.71 0.06
N CYS A 64 16.32 6.18 1.06
CA CYS A 64 16.28 4.76 1.22
C CYS A 64 15.19 4.13 0.35
N ASP A 65 14.27 4.91 -0.17
CA ASP A 65 13.18 4.36 -0.93
C ASP A 65 13.45 4.45 -2.41
N VAL A 66 13.52 3.34 -3.04
CA VAL A 66 13.90 3.30 -4.43
C VAL A 66 12.73 3.61 -5.35
N LEU A 67 11.58 3.18 -4.97
CA LEU A 67 10.40 3.38 -5.78
C LEU A 67 9.24 3.56 -4.87
N TYR A 68 8.37 4.45 -5.21
CA TYR A 68 7.22 4.69 -4.41
C TYR A 68 6.00 4.65 -5.32
N ARG A 69 5.29 3.57 -5.29
CA ARG A 69 4.16 3.45 -6.14
C ARG A 69 2.90 3.50 -5.32
N LYS A 70 2.15 4.53 -5.53
CA LYS A 70 0.95 4.79 -4.82
C LYS A 70 -0.23 4.32 -5.65
N TYR A 71 -1.17 3.72 -5.01
CA TYR A 71 -2.37 3.31 -5.64
C TYR A 71 -3.50 3.99 -4.91
N THR A 72 -4.35 4.62 -5.63
CA THR A 72 -5.51 5.22 -5.07
C THR A 72 -6.69 4.32 -5.41
N LEU A 73 -7.35 3.81 -4.39
CA LEU A 73 -8.40 2.83 -4.57
C LEU A 73 -9.75 3.40 -4.33
N GLU A 74 -10.66 3.03 -5.18
CA GLU A 74 -12.04 3.38 -5.01
C GLU A 74 -12.86 2.18 -5.47
N LYS A 75 -13.03 1.24 -4.58
CA LYS A 75 -13.75 0.01 -4.87
C LYS A 75 -15.24 0.23 -4.67
N GLU A 76 -15.80 1.07 -5.52
CA GLU A 76 -17.23 1.37 -5.58
C GLU A 76 -17.78 1.75 -4.18
N GLY A 77 -17.29 2.86 -3.66
CA GLY A 77 -17.76 3.32 -2.36
C GLY A 77 -16.83 2.96 -1.23
N LYS A 78 -15.90 2.10 -1.52
CA LYS A 78 -14.90 1.70 -0.57
C LYS A 78 -13.60 2.30 -1.00
N LYS A 79 -13.17 3.28 -0.27
CA LYS A 79 -12.12 4.14 -0.72
C LYS A 79 -10.91 4.16 0.21
N GLY A 80 -9.72 4.23 -0.37
CA GLY A 80 -8.50 4.27 0.40
C GLY A 80 -7.28 4.41 -0.48
N ILE A 81 -6.15 4.62 0.13
CA ILE A 81 -4.90 4.77 -0.59
C ILE A 81 -3.99 3.62 -0.15
N VAL A 82 -3.16 3.17 -1.05
CA VAL A 82 -2.17 2.16 -0.78
C VAL A 82 -0.82 2.65 -1.31
N HIS A 83 0.07 2.96 -0.40
CA HIS A 83 1.40 3.45 -0.76
C HIS A 83 2.38 2.30 -0.68
N VAL A 84 2.83 1.81 -1.81
CA VAL A 84 3.82 0.74 -1.80
C VAL A 84 5.17 1.32 -2.18
N LYS A 85 6.06 1.38 -1.24
CA LYS A 85 7.37 1.92 -1.50
C LYS A 85 8.42 0.86 -1.23
N LEU A 86 9.41 0.78 -2.09
CA LEU A 86 10.43 -0.23 -1.95
C LEU A 86 11.62 0.42 -1.37
N ARG A 87 11.86 0.14 -0.16
CA ARG A 87 12.91 0.73 0.55
C ARG A 87 14.09 -0.20 0.55
N LYS A 88 15.24 0.34 0.43
CA LYS A 88 16.44 -0.41 0.38
C LYS A 88 17.02 -0.51 1.78
N ILE A 89 16.94 -1.69 2.36
CA ILE A 89 17.50 -1.93 3.67
C ILE A 89 18.98 -2.21 3.55
N THR A 90 19.77 -1.35 4.11
CA THR A 90 21.16 -1.52 4.10
C THR A 90 21.62 -1.70 5.54
N GLU A 91 22.89 -1.71 5.78
CA GLU A 91 23.38 -1.84 7.12
C GLU A 91 23.49 -0.48 7.78
N ASN A 92 23.39 0.53 6.96
CA ASN A 92 23.40 1.91 7.41
C ASN A 92 21.96 2.42 7.57
N CYS A 93 21.09 2.01 6.66
CA CYS A 93 19.70 2.39 6.71
C CYS A 93 18.87 1.21 7.27
N PRO A 94 18.43 1.31 8.55
CA PRO A 94 17.70 0.23 9.24
C PRO A 94 16.24 0.10 8.76
N PRO A 95 15.70 -1.13 8.75
CA PRO A 95 14.33 -1.43 8.29
C PRO A 95 13.25 -0.76 9.15
N VAL A 96 12.07 -0.68 8.61
CA VAL A 96 10.94 -0.12 9.33
C VAL A 96 10.22 -1.29 10.02
N ASP A 97 9.46 -0.99 11.02
CA ASP A 97 8.69 -1.99 11.72
C ASP A 97 7.24 -1.67 11.59
N GLY A 98 6.46 -2.68 11.44
CA GLY A 98 5.07 -2.52 11.29
C GLY A 98 4.47 -3.85 11.11
N ASN A 99 3.21 -3.87 10.75
CA ASN A 99 2.50 -5.08 10.49
C ASN A 99 3.23 -5.87 9.42
N ARG A 100 3.79 -6.96 9.79
CA ARG A 100 4.48 -7.78 8.86
C ARG A 100 3.49 -8.71 8.22
N CYS A 101 3.48 -8.68 6.92
CA CYS A 101 2.52 -9.44 6.14
C CYS A 101 2.83 -10.94 6.23
N SER A 102 1.81 -11.74 6.09
CA SER A 102 1.96 -13.17 6.15
C SER A 102 2.50 -13.68 4.80
N VAL A 103 3.81 -13.58 4.66
CA VAL A 103 4.51 -13.97 3.46
C VAL A 103 4.72 -15.47 3.47
N LEU A 104 4.63 -16.03 2.32
CA LEU A 104 4.83 -17.43 2.14
C LEU A 104 5.26 -17.65 0.73
N GLU A 105 4.37 -17.40 -0.09
CA GLU A 105 4.50 -17.49 -1.50
C GLU A 105 3.40 -16.62 -2.06
N PHE A 106 3.51 -16.25 -3.34
CA PHE A 106 2.63 -15.27 -4.03
C PHE A 106 1.15 -15.35 -3.64
N GLU A 107 0.60 -16.55 -3.56
CA GLU A 107 -0.82 -16.72 -3.24
C GLU A 107 -1.18 -16.12 -1.88
N ARG A 108 -0.42 -16.47 -0.87
CA ARG A 108 -0.72 -15.98 0.46
C ARG A 108 -0.32 -14.54 0.58
N ASP A 109 0.74 -14.18 -0.11
CA ASP A 109 1.23 -12.81 -0.13
C ASP A 109 0.18 -11.89 -0.72
N ILE A 110 -0.36 -12.28 -1.87
CA ILE A 110 -1.36 -11.46 -2.52
C ILE A 110 -2.64 -11.41 -1.68
N GLU A 111 -3.00 -12.53 -1.04
CA GLU A 111 -4.18 -12.53 -0.20
C GLU A 111 -4.00 -11.61 0.98
N CYS A 112 -2.83 -11.63 1.56
CA CYS A 112 -2.51 -10.80 2.68
C CYS A 112 -2.56 -9.32 2.32
N ILE A 113 -2.05 -8.97 1.16
CA ILE A 113 -2.07 -7.60 0.71
C ILE A 113 -3.49 -7.17 0.36
N VAL A 114 -4.19 -8.01 -0.36
CA VAL A 114 -5.54 -7.70 -0.80
C VAL A 114 -6.47 -7.56 0.38
N LYS A 115 -6.36 -8.46 1.34
CA LYS A 115 -7.27 -8.44 2.46
C LYS A 115 -6.97 -7.29 3.39
N ALA A 116 -5.71 -6.85 3.40
CA ALA A 116 -5.33 -5.70 4.20
C ALA A 116 -5.98 -4.46 3.64
N ILE A 117 -5.97 -4.35 2.32
CA ILE A 117 -6.61 -3.25 1.64
C ILE A 117 -8.12 -3.31 1.89
N GLU A 118 -8.69 -4.51 1.76
CA GLU A 118 -10.12 -4.70 1.93
C GLU A 118 -10.57 -4.31 3.33
N GLU A 119 -9.77 -4.66 4.32
CA GLU A 119 -10.10 -4.32 5.69
C GLU A 119 -9.97 -2.84 5.92
N CYS A 120 -9.01 -2.24 5.30
CA CYS A 120 -8.77 -0.83 5.53
C CYS A 120 -9.85 0.01 4.87
N LEU A 121 -10.30 -0.41 3.72
CA LEU A 121 -11.33 0.33 3.05
C LEU A 121 -12.70 0.05 3.67
N ALA A 122 -12.95 -1.20 3.96
CA ALA A 122 -14.23 -1.62 4.45
C ALA A 122 -14.46 -1.50 5.97
N LYS A 123 -13.39 -1.43 6.80
CA LYS A 123 -13.62 -1.50 8.27
C LYS A 123 -14.49 -0.43 8.87
N GLY A 124 -14.25 0.75 8.54
CA GLY A 124 -15.08 1.82 9.06
C GLY A 124 -14.38 3.13 9.09
N GLU A 125 -15.15 4.17 8.95
CA GLU A 125 -14.66 5.53 8.87
C GLU A 125 -14.42 6.11 10.27
N LEU A 126 -13.72 5.35 11.06
CA LEU A 126 -13.37 5.67 12.44
C LEU A 126 -12.61 4.50 13.07
N ASN A 127 -11.30 4.63 13.15
CA ASN A 127 -10.41 3.67 13.81
C ASN A 127 -8.97 4.12 13.65
N SER A 128 -8.38 4.48 14.77
CA SER A 128 -7.04 4.94 14.89
C SER A 128 -6.70 6.15 14.01
N LYS A 129 -6.81 7.31 14.60
CA LYS A 129 -6.45 8.52 13.93
C LYS A 129 -4.96 8.74 14.01
N LEU A 130 -4.34 8.69 12.88
CA LEU A 130 -2.97 8.97 12.73
C LEU A 130 -2.87 9.98 11.62
N GLU A 131 -1.69 10.32 11.21
CA GLU A 131 -1.51 11.22 10.11
C GLU A 131 -1.91 10.52 8.81
N GLY A 132 -2.88 11.08 8.14
CA GLY A 132 -3.32 10.52 6.90
C GLY A 132 -3.46 11.61 5.90
N LYS A 133 -3.47 11.26 4.64
CA LYS A 133 -3.57 12.25 3.60
C LYS A 133 -4.92 12.16 2.92
N PRO A 134 -5.80 13.14 3.13
CA PRO A 134 -7.07 13.21 2.43
C PRO A 134 -6.81 13.60 0.97
N ILE A 135 -7.04 12.68 0.08
CA ILE A 135 -6.79 12.88 -1.30
C ILE A 135 -8.09 13.07 -2.06
N PRO A 136 -8.34 14.29 -2.54
CA PRO A 136 -9.44 14.54 -3.44
C PRO A 136 -9.10 14.00 -4.82
N ASN A 137 -10.11 13.59 -5.56
CA ASN A 137 -9.97 13.03 -6.92
C ASN A 137 -9.23 11.70 -6.91
N PRO A 138 -9.97 10.59 -6.72
CA PRO A 138 -9.39 9.25 -6.74
C PRO A 138 -9.20 8.73 -8.16
N LEU A 139 -9.80 9.45 -9.11
CA LEU A 139 -9.81 9.10 -10.54
C LEU A 139 -10.61 7.84 -10.78
N LEU A 140 -11.81 8.00 -11.21
CA LEU A 140 -12.66 6.88 -11.49
C LEU A 140 -12.41 6.42 -12.91
N GLY A 141 -11.23 5.85 -13.11
CA GLY A 141 -10.87 5.36 -14.41
C GLY A 141 -11.63 4.10 -14.75
N LEU A 142 -11.85 3.28 -13.72
CA LEU A 142 -12.53 2.00 -13.81
C LEU A 142 -11.69 1.04 -14.64
N ASP A 143 -10.90 0.29 -13.95
CA ASP A 143 -10.04 -0.68 -14.55
C ASP A 143 -10.20 -1.98 -13.88
N SER A 144 -10.79 -2.90 -14.57
CA SER A 144 -10.94 -4.26 -14.12
C SER A 144 -11.24 -5.09 -15.35
N THR A 145 -10.25 -5.27 -16.17
CA THR A 145 -10.41 -6.03 -17.37
C THR A 145 -10.38 -7.51 -17.04
N ARG A 146 -11.53 -8.01 -16.70
CA ARG A 146 -11.74 -9.39 -16.38
C ARG A 146 -13.23 -9.59 -16.30
N THR A 147 -13.72 -10.62 -16.92
CA THR A 147 -15.12 -10.88 -16.92
C THR A 147 -15.47 -11.72 -15.70
N GLY A 148 -15.93 -11.07 -14.69
CA GLY A 148 -16.28 -11.73 -13.47
C GLY A 148 -17.40 -11.01 -12.81
N MET A 1 20.69 -8.06 -3.20
CA MET A 1 20.35 -6.77 -2.62
C MET A 1 18.86 -6.81 -2.26
N LYS A 2 18.56 -6.94 -0.97
CA LYS A 2 17.20 -7.03 -0.49
C LYS A 2 16.60 -5.67 -0.21
N TYR A 3 15.31 -5.62 -0.28
CA TYR A 3 14.54 -4.44 -0.03
C TYR A 3 13.53 -4.66 1.08
N ASP A 4 13.23 -3.57 1.73
CA ASP A 4 12.28 -3.45 2.80
C ASP A 4 11.06 -2.80 2.18
N VAL A 5 10.06 -3.58 1.89
CA VAL A 5 8.88 -3.07 1.24
C VAL A 5 7.88 -2.62 2.29
N VAL A 6 7.56 -1.38 2.23
CA VAL A 6 6.67 -0.79 3.17
C VAL A 6 5.38 -0.47 2.44
N ILE A 7 4.34 -1.15 2.78
CA ILE A 7 3.08 -0.93 2.18
C ILE A 7 2.06 -0.53 3.24
N ILE A 8 1.70 0.71 3.19
CA ILE A 8 0.80 1.27 4.14
C ILE A 8 -0.51 1.56 3.46
N PRO A 9 -1.59 0.92 3.87
CA PRO A 9 -2.89 1.26 3.40
C PRO A 9 -3.57 2.27 4.35
N GLU A 10 -4.26 3.22 3.80
CA GLU A 10 -5.00 4.16 4.58
C GLU A 10 -6.20 4.69 3.82
N SER A 11 -7.36 4.56 4.40
CA SER A 11 -8.56 5.06 3.78
C SER A 11 -8.53 6.60 3.76
N PHE A 12 -8.48 7.19 2.55
CA PHE A 12 -8.36 8.63 2.39
C PHE A 12 -9.46 9.40 3.05
N HIS A 13 -9.07 10.15 4.02
CA HIS A 13 -9.94 10.97 4.78
C HIS A 13 -9.21 12.20 5.17
N ARG A 14 -9.93 13.17 5.55
CA ARG A 14 -9.40 14.40 5.98
C ARG A 14 -10.14 14.71 7.23
N PHE A 15 -9.50 15.40 8.12
CA PHE A 15 -10.13 15.81 9.33
C PHE A 15 -11.30 16.69 9.04
N ASP A 16 -12.41 16.20 9.39
CA ASP A 16 -13.64 16.92 9.36
C ASP A 16 -13.77 17.58 10.76
N LYS A 17 -14.95 17.96 11.18
CA LYS A 17 -15.09 18.58 12.48
C LYS A 17 -14.85 17.55 13.60
N HIS A 18 -15.58 16.44 13.54
CA HIS A 18 -15.40 15.41 14.57
C HIS A 18 -15.37 14.01 13.93
N ASN A 19 -15.36 13.97 12.62
CA ASN A 19 -15.43 12.73 11.89
C ASN A 19 -14.27 12.66 10.91
N MET A 20 -14.09 11.49 10.30
CA MET A 20 -13.11 11.24 9.25
C MET A 20 -11.66 11.34 9.75
N GLU A 21 -11.19 10.24 10.28
CA GLU A 21 -9.86 10.11 10.76
C GLU A 21 -9.55 8.61 10.88
N HIS A 22 -8.87 8.08 9.89
CA HIS A 22 -8.55 6.66 9.89
C HIS A 22 -7.26 6.39 9.16
N ILE A 23 -6.43 5.59 9.78
CA ILE A 23 -5.22 5.10 9.19
C ILE A 23 -5.28 3.60 9.38
N CYS A 24 -4.80 2.85 8.47
CA CYS A 24 -4.86 1.42 8.59
C CYS A 24 -3.45 0.89 8.91
N PRO A 25 -3.33 -0.35 9.46
CA PRO A 25 -2.04 -0.94 9.86
C PRO A 25 -0.99 -0.99 8.72
N PRO A 26 0.17 -0.32 8.91
CA PRO A 26 1.26 -0.33 7.94
C PRO A 26 1.97 -1.68 7.92
N MET A 27 2.05 -2.28 6.77
CA MET A 27 2.61 -3.60 6.61
C MET A 27 4.03 -3.45 6.08
N VAL A 28 4.98 -4.07 6.73
CA VAL A 28 6.40 -3.92 6.36
C VAL A 28 7.04 -5.30 6.20
N ILE A 29 7.72 -5.54 5.08
CA ILE A 29 8.40 -6.80 4.83
C ILE A 29 9.81 -6.56 4.28
N GLY A 30 10.81 -6.79 5.10
CA GLY A 30 12.16 -6.63 4.65
C GLY A 30 12.82 -7.95 4.40
N ASP A 31 12.54 -8.52 3.24
CA ASP A 31 13.13 -9.82 2.81
C ASP A 31 12.81 -10.12 1.32
N ARG A 32 12.71 -9.08 0.52
CA ARG A 32 12.39 -9.25 -0.89
C ARG A 32 13.46 -8.57 -1.68
N SER A 33 13.98 -9.20 -2.69
CA SER A 33 15.04 -8.61 -3.44
C SER A 33 14.49 -7.68 -4.49
N TYR A 34 15.29 -6.73 -4.90
CA TYR A 34 14.89 -5.63 -5.80
C TYR A 34 14.15 -6.11 -7.02
N ASP A 35 14.76 -7.00 -7.70
CA ASP A 35 14.24 -7.48 -8.96
C ASP A 35 13.00 -8.30 -8.77
N ILE A 36 12.97 -9.04 -7.69
CA ILE A 36 11.84 -9.86 -7.40
C ILE A 36 10.70 -9.01 -6.86
N ALA A 37 11.05 -8.01 -6.07
CA ALA A 37 10.10 -7.11 -5.46
C ALA A 37 9.36 -6.36 -6.52
N MET A 38 10.07 -5.85 -7.51
CA MET A 38 9.42 -5.09 -8.55
C MET A 38 8.50 -5.99 -9.36
N GLU A 39 8.92 -7.21 -9.61
CA GLU A 39 8.11 -8.13 -10.38
C GLU A 39 6.86 -8.53 -9.64
N ILE A 40 6.98 -8.75 -8.35
CA ILE A 40 5.83 -9.13 -7.59
C ILE A 40 4.91 -7.94 -7.38
N VAL A 41 5.48 -6.75 -7.16
CA VAL A 41 4.66 -5.54 -6.96
C VAL A 41 3.88 -5.23 -8.23
N ASN A 42 4.51 -5.42 -9.38
CA ASN A 42 3.83 -5.18 -10.65
C ASN A 42 2.78 -6.25 -10.95
N GLY A 43 2.86 -7.36 -10.23
CA GLY A 43 1.84 -8.38 -10.32
C GLY A 43 0.70 -8.06 -9.41
N VAL A 44 1.04 -7.64 -8.19
CA VAL A 44 0.05 -7.22 -7.18
C VAL A 44 -0.74 -6.05 -7.76
N ASP A 45 -0.02 -5.21 -8.46
CA ASP A 45 -0.53 -4.04 -9.19
C ASP A 45 -1.68 -4.40 -10.07
N ARG A 46 -1.49 -5.44 -10.86
CA ARG A 46 -2.50 -5.86 -11.79
C ARG A 46 -3.69 -6.39 -11.02
N VAL A 47 -3.42 -7.08 -9.93
CA VAL A 47 -4.47 -7.63 -9.08
C VAL A 47 -5.32 -6.50 -8.49
N ILE A 48 -4.68 -5.47 -7.99
CA ILE A 48 -5.39 -4.36 -7.37
C ILE A 48 -6.17 -3.57 -8.42
N LYS A 49 -5.58 -3.42 -9.56
CA LYS A 49 -6.19 -2.64 -10.61
C LYS A 49 -7.27 -3.43 -11.37
N ALA A 50 -7.31 -4.72 -11.19
CA ALA A 50 -8.32 -5.53 -11.82
C ALA A 50 -9.44 -5.90 -10.86
N SER A 51 -9.10 -6.19 -9.62
CA SER A 51 -10.07 -6.63 -8.66
C SER A 51 -10.76 -5.43 -8.02
N PHE A 52 -10.18 -4.26 -8.21
CA PHE A 52 -10.66 -3.05 -7.62
C PHE A 52 -10.51 -1.95 -8.64
N ASN A 53 -10.81 -0.76 -8.24
CA ASN A 53 -10.62 0.38 -9.08
C ASN A 53 -9.44 1.11 -8.51
N ALA A 54 -8.31 0.94 -9.10
CA ALA A 54 -7.12 1.50 -8.58
C ALA A 54 -6.36 2.27 -9.62
N SER A 55 -5.91 3.41 -9.22
CA SER A 55 -5.08 4.24 -10.01
C SER A 55 -3.74 4.37 -9.31
N VAL A 56 -2.68 4.11 -9.99
CA VAL A 56 -1.39 4.14 -9.36
C VAL A 56 -0.65 5.44 -9.66
N GLU A 57 -0.35 6.19 -8.65
CA GLU A 57 0.52 7.33 -8.81
C GLU A 57 1.90 6.85 -8.44
N GLU A 58 2.78 6.76 -9.38
CA GLU A 58 4.08 6.25 -9.09
C GLU A 58 5.12 7.35 -9.00
N LEU A 59 5.54 7.59 -7.79
CA LEU A 59 6.48 8.60 -7.44
C LEU A 59 7.79 7.97 -6.99
N GLU A 60 8.74 8.78 -6.69
CA GLU A 60 9.99 8.34 -6.21
C GLU A 60 9.96 8.37 -4.69
N GLY A 61 10.87 7.69 -4.09
CA GLY A 61 10.95 7.65 -2.66
C GLY A 61 12.06 8.53 -2.18
N GLU A 62 12.21 8.65 -0.86
CA GLU A 62 13.30 9.41 -0.26
C GLU A 62 14.64 8.74 -0.58
N ASP A 63 15.70 9.33 -0.10
CA ASP A 63 17.06 8.79 -0.27
C ASP A 63 17.19 7.32 0.14
N CYS A 64 16.42 6.93 1.10
CA CYS A 64 16.42 5.57 1.63
C CYS A 64 15.45 4.65 0.84
N ASP A 65 14.56 5.26 0.07
CA ASP A 65 13.59 4.53 -0.71
C ASP A 65 13.96 4.55 -2.15
N VAL A 66 13.49 3.60 -2.89
CA VAL A 66 13.79 3.54 -4.29
C VAL A 66 12.56 3.80 -5.14
N LEU A 67 11.42 3.41 -4.66
CA LEU A 67 10.19 3.56 -5.45
C LEU A 67 9.02 3.73 -4.54
N TYR A 68 8.11 4.62 -4.88
CA TYR A 68 6.95 4.88 -4.07
C TYR A 68 5.69 4.86 -4.96
N ARG A 69 4.92 3.82 -4.90
CA ARG A 69 3.72 3.74 -5.71
C ARG A 69 2.53 3.98 -4.79
N LYS A 70 1.83 5.03 -5.04
CA LYS A 70 0.66 5.34 -4.28
C LYS A 70 -0.54 4.88 -5.08
N TYR A 71 -1.18 3.89 -4.62
CA TYR A 71 -2.35 3.40 -5.28
C TYR A 71 -3.57 4.02 -4.66
N THR A 72 -4.36 4.66 -5.46
CA THR A 72 -5.59 5.23 -5.02
C THR A 72 -6.70 4.21 -5.30
N LEU A 73 -7.40 3.83 -4.27
CA LEU A 73 -8.37 2.76 -4.33
C LEU A 73 -9.81 3.21 -4.17
N GLU A 74 -10.63 2.64 -4.99
CA GLU A 74 -12.06 2.73 -4.95
C GLU A 74 -12.57 1.32 -5.12
N LYS A 75 -13.51 0.97 -4.35
CA LYS A 75 -14.16 -0.31 -4.44
C LYS A 75 -15.62 -0.02 -4.20
N GLU A 76 -16.51 -1.00 -4.38
CA GLU A 76 -17.95 -0.85 -4.10
C GLU A 76 -18.25 -0.19 -2.73
N GLY A 77 -18.30 1.12 -2.74
CA GLY A 77 -18.60 1.88 -1.57
C GLY A 77 -17.44 1.96 -0.62
N LYS A 78 -16.25 1.71 -1.12
CA LYS A 78 -15.07 1.73 -0.28
C LYS A 78 -14.08 2.63 -0.97
N LYS A 79 -13.16 3.18 -0.24
CA LYS A 79 -12.20 4.09 -0.79
C LYS A 79 -10.96 4.14 0.10
N GLY A 80 -9.79 4.20 -0.51
CA GLY A 80 -8.57 4.25 0.25
C GLY A 80 -7.36 4.54 -0.57
N ILE A 81 -6.25 4.65 0.07
CA ILE A 81 -4.96 4.84 -0.55
C ILE A 81 -4.07 3.71 -0.06
N VAL A 82 -3.11 3.33 -0.86
CA VAL A 82 -2.12 2.37 -0.48
C VAL A 82 -0.75 2.90 -0.91
N HIS A 83 0.06 3.28 0.05
CA HIS A 83 1.40 3.74 -0.23
C HIS A 83 2.36 2.55 -0.20
N VAL A 84 2.78 2.11 -1.35
CA VAL A 84 3.73 1.00 -1.45
C VAL A 84 5.09 1.57 -1.82
N LYS A 85 6.01 1.55 -0.91
CA LYS A 85 7.32 2.07 -1.20
C LYS A 85 8.37 0.99 -0.98
N LEU A 86 9.39 1.00 -1.80
CA LEU A 86 10.43 0.00 -1.71
C LEU A 86 11.63 0.66 -1.12
N ARG A 87 11.93 0.31 0.07
CA ARG A 87 13.02 0.88 0.78
C ARG A 87 14.20 -0.05 0.67
N LYS A 88 15.36 0.49 0.54
CA LYS A 88 16.55 -0.35 0.43
C LYS A 88 17.05 -0.73 1.83
N ILE A 89 16.95 -2.00 2.22
CA ILE A 89 17.45 -2.44 3.51
C ILE A 89 18.97 -2.51 3.45
N THR A 90 19.58 -1.63 4.19
CA THR A 90 20.98 -1.42 4.13
C THR A 90 21.45 -1.31 5.59
N GLU A 91 22.72 -1.09 5.83
CA GLU A 91 23.16 -0.79 7.19
C GLU A 91 22.88 0.68 7.50
N ASN A 92 22.60 1.39 6.43
CA ASN A 92 22.20 2.80 6.48
C ASN A 92 20.71 2.86 6.86
N CYS A 93 19.98 1.85 6.40
CA CYS A 93 18.56 1.77 6.62
C CYS A 93 18.19 0.38 7.16
N PRO A 94 18.10 0.24 8.49
CA PRO A 94 17.76 -1.05 9.12
C PRO A 94 16.27 -1.39 8.97
N PRO A 95 15.91 -2.70 8.98
CA PRO A 95 14.52 -3.16 8.82
C PRO A 95 13.65 -2.70 9.98
N VAL A 96 12.45 -2.28 9.66
CA VAL A 96 11.55 -1.80 10.67
C VAL A 96 10.62 -2.91 11.05
N ASP A 97 10.13 -2.87 12.23
CA ASP A 97 9.27 -3.86 12.73
C ASP A 97 7.87 -3.31 12.77
N GLY A 98 7.16 -3.53 11.70
CA GLY A 98 5.79 -3.09 11.56
C GLY A 98 4.89 -4.24 11.61
N ASN A 99 3.80 -4.13 10.94
CA ASN A 99 2.92 -5.27 10.78
C ASN A 99 3.57 -6.21 9.83
N ARG A 100 3.85 -7.39 10.28
CA ARG A 100 4.47 -8.34 9.44
C ARG A 100 3.41 -9.23 8.83
N CYS A 101 3.39 -9.23 7.54
CA CYS A 101 2.43 -9.97 6.76
C CYS A 101 2.70 -11.47 6.89
N SER A 102 1.66 -12.27 6.75
CA SER A 102 1.79 -13.70 6.79
C SER A 102 2.36 -14.19 5.44
N VAL A 103 3.66 -14.22 5.38
CA VAL A 103 4.38 -14.50 4.15
C VAL A 103 4.97 -15.91 4.17
N LEU A 104 5.04 -16.49 3.01
CA LEU A 104 5.60 -17.81 2.81
C LEU A 104 6.01 -17.92 1.38
N GLU A 105 5.05 -17.78 0.59
CA GLU A 105 5.10 -17.81 -0.85
C GLU A 105 4.05 -16.87 -1.39
N PHE A 106 4.14 -16.57 -2.69
CA PHE A 106 3.28 -15.58 -3.38
C PHE A 106 1.83 -15.72 -3.05
N GLU A 107 1.31 -16.93 -3.14
CA GLU A 107 -0.11 -17.19 -2.92
C GLU A 107 -0.57 -16.76 -1.51
N ARG A 108 0.33 -16.79 -0.58
CA ARG A 108 0.02 -16.38 0.74
C ARG A 108 0.22 -14.90 0.91
N ASP A 109 1.27 -14.35 0.33
CA ASP A 109 1.53 -12.94 0.55
C ASP A 109 0.65 -12.05 -0.29
N ILE A 110 0.22 -12.53 -1.45
CA ILE A 110 -0.72 -11.76 -2.26
C ILE A 110 -2.07 -11.68 -1.54
N GLU A 111 -2.49 -12.79 -0.92
CA GLU A 111 -3.76 -12.83 -0.23
C GLU A 111 -3.70 -11.90 0.97
N CYS A 112 -2.59 -11.94 1.64
CA CYS A 112 -2.32 -11.11 2.81
C CYS A 112 -2.30 -9.61 2.44
N ILE A 113 -1.69 -9.27 1.33
CA ILE A 113 -1.63 -7.89 0.87
C ILE A 113 -3.01 -7.41 0.46
N VAL A 114 -3.74 -8.26 -0.24
CA VAL A 114 -5.07 -7.89 -0.67
C VAL A 114 -5.97 -7.75 0.53
N LYS A 115 -5.83 -8.66 1.48
CA LYS A 115 -6.60 -8.67 2.71
C LYS A 115 -6.36 -7.39 3.50
N ALA A 116 -5.11 -6.94 3.53
CA ALA A 116 -4.76 -5.72 4.25
C ALA A 116 -5.46 -4.52 3.63
N ILE A 117 -5.49 -4.49 2.32
CA ILE A 117 -6.18 -3.43 1.60
C ILE A 117 -7.70 -3.55 1.82
N GLU A 118 -8.18 -4.77 1.73
CA GLU A 118 -9.59 -5.11 1.93
C GLU A 118 -10.08 -4.68 3.28
N GLU A 119 -9.30 -4.99 4.28
CA GLU A 119 -9.66 -4.72 5.64
C GLU A 119 -9.62 -3.22 5.88
N CYS A 120 -8.68 -2.56 5.24
CA CYS A 120 -8.54 -1.12 5.34
C CYS A 120 -9.75 -0.44 4.73
N LEU A 121 -10.13 -0.88 3.53
CA LEU A 121 -11.23 -0.29 2.80
C LEU A 121 -12.57 -0.56 3.47
N ALA A 122 -12.64 -1.69 4.14
CA ALA A 122 -13.83 -2.09 4.84
C ALA A 122 -13.97 -1.35 6.16
N LYS A 123 -12.85 -1.08 6.79
CA LYS A 123 -12.85 -0.43 8.09
C LYS A 123 -12.87 1.09 7.95
N GLY A 124 -12.62 1.53 6.75
CA GLY A 124 -12.58 2.94 6.44
C GLY A 124 -13.92 3.55 6.25
N GLU A 125 -14.68 3.48 7.26
CA GLU A 125 -16.02 4.01 7.32
C GLU A 125 -16.14 4.82 8.59
N LEU A 126 -16.20 6.15 8.42
CA LEU A 126 -16.27 7.11 9.53
C LEU A 126 -14.97 7.12 10.32
N ASN A 127 -14.93 7.93 11.35
CA ASN A 127 -13.82 7.92 12.27
C ASN A 127 -13.80 6.54 12.93
N SER A 128 -12.67 5.90 12.90
CA SER A 128 -12.55 4.60 13.43
C SER A 128 -11.40 4.57 14.40
N LYS A 129 -11.36 3.57 15.27
CA LYS A 129 -10.33 3.50 16.25
C LYS A 129 -9.04 2.93 15.69
N LEU A 130 -8.39 3.82 15.01
CA LEU A 130 -7.10 3.75 14.38
C LEU A 130 -6.85 5.16 13.94
N GLU A 131 -6.97 6.03 14.92
CA GLU A 131 -6.93 7.45 14.76
C GLU A 131 -5.50 7.93 14.54
N GLY A 132 -5.38 9.20 14.29
CA GLY A 132 -4.11 9.80 14.01
C GLY A 132 -4.29 10.79 12.90
N LYS A 133 -3.37 10.80 11.98
CA LYS A 133 -3.44 11.71 10.86
C LYS A 133 -3.56 10.92 9.55
N PRO A 134 -4.73 10.98 8.88
CA PRO A 134 -4.94 10.32 7.59
C PRO A 134 -4.24 11.09 6.48
N ILE A 135 -4.23 10.54 5.28
CA ILE A 135 -3.56 11.14 4.17
C ILE A 135 -4.58 11.64 3.15
N PRO A 136 -4.82 12.94 3.12
CA PRO A 136 -5.64 13.58 2.11
C PRO A 136 -4.82 14.00 0.87
N ASN A 137 -5.38 13.78 -0.28
CA ASN A 137 -4.76 14.15 -1.55
C ASN A 137 -5.84 14.78 -2.43
N PRO A 138 -5.53 15.34 -3.62
CA PRO A 138 -6.57 15.84 -4.53
C PRO A 138 -7.46 14.71 -5.08
N LEU A 139 -6.96 13.48 -4.98
CA LEU A 139 -7.62 12.26 -5.47
C LEU A 139 -7.60 12.15 -6.96
N LEU A 140 -6.73 11.32 -7.44
CA LEU A 140 -6.67 10.97 -8.84
C LEU A 140 -7.06 9.51 -8.95
N GLY A 141 -8.28 9.26 -9.36
CA GLY A 141 -8.77 7.91 -9.39
C GLY A 141 -9.35 7.52 -10.73
N LEU A 142 -9.25 8.41 -11.70
CA LEU A 142 -9.81 8.14 -12.99
C LEU A 142 -8.83 7.45 -13.91
N ASP A 143 -8.67 6.19 -13.65
CA ASP A 143 -7.87 5.27 -14.44
C ASP A 143 -8.64 3.98 -14.40
N SER A 144 -9.95 4.19 -14.34
CA SER A 144 -11.00 3.21 -14.15
C SER A 144 -10.82 1.91 -14.94
N THR A 145 -10.55 0.87 -14.21
CA THR A 145 -10.41 -0.44 -14.74
C THR A 145 -11.30 -1.36 -13.94
N ARG A 146 -11.83 -2.38 -14.58
CA ARG A 146 -12.69 -3.31 -13.92
C ARG A 146 -12.54 -4.69 -14.46
N THR A 147 -12.60 -5.65 -13.59
CA THR A 147 -12.58 -7.03 -13.95
C THR A 147 -13.48 -7.79 -12.97
N GLY A 148 -14.66 -8.11 -13.42
CA GLY A 148 -15.60 -8.81 -12.62
C GLY A 148 -16.49 -9.63 -13.50
N MET A 1 21.05 -8.68 -1.49
CA MET A 1 20.30 -7.44 -1.67
C MET A 1 18.85 -7.67 -1.40
N LYS A 2 18.42 -7.34 -0.22
CA LYS A 2 17.05 -7.48 0.16
C LYS A 2 16.34 -6.15 0.05
N TYR A 3 15.11 -6.21 -0.38
CA TYR A 3 14.27 -5.06 -0.46
C TYR A 3 13.10 -5.21 0.49
N ASP A 4 12.76 -4.11 1.10
CA ASP A 4 11.76 -4.01 2.13
C ASP A 4 10.58 -3.22 1.63
N VAL A 5 9.51 -3.91 1.41
CA VAL A 5 8.32 -3.28 0.90
C VAL A 5 7.47 -2.75 2.05
N VAL A 6 7.31 -1.47 2.11
CA VAL A 6 6.51 -0.83 3.10
C VAL A 6 5.24 -0.37 2.41
N ILE A 7 4.14 -0.90 2.82
CA ILE A 7 2.87 -0.57 2.26
C ILE A 7 1.94 -0.02 3.32
N ILE A 8 1.57 1.21 3.18
CA ILE A 8 0.65 1.82 4.10
C ILE A 8 -0.69 2.07 3.41
N PRO A 9 -1.71 1.33 3.80
CA PRO A 9 -3.05 1.56 3.35
C PRO A 9 -3.77 2.50 4.31
N GLU A 10 -4.65 3.30 3.79
CA GLU A 10 -5.42 4.17 4.61
C GLU A 10 -6.73 4.41 3.93
N SER A 11 -7.57 5.16 4.56
CA SER A 11 -8.80 5.56 3.96
C SER A 11 -8.87 7.10 3.95
N PHE A 12 -8.64 7.69 2.77
CA PHE A 12 -8.58 9.14 2.57
C PHE A 12 -9.75 9.93 3.16
N HIS A 13 -9.53 10.43 4.35
CA HIS A 13 -10.53 11.17 5.07
C HIS A 13 -9.86 12.23 5.88
N ARG A 14 -10.63 13.12 6.40
CA ARG A 14 -10.16 14.18 7.21
C ARG A 14 -11.11 14.25 8.34
N PHE A 15 -10.65 14.60 9.50
CA PHE A 15 -11.51 14.73 10.65
C PHE A 15 -12.41 15.92 10.47
N ASP A 16 -13.56 15.68 9.94
CA ASP A 16 -14.54 16.71 9.69
C ASP A 16 -15.18 17.16 10.97
N LYS A 17 -16.18 16.45 11.40
CA LYS A 17 -16.89 16.80 12.59
C LYS A 17 -16.55 15.79 13.69
N HIS A 18 -16.84 14.55 13.45
CA HIS A 18 -16.44 13.49 14.35
C HIS A 18 -15.96 12.34 13.52
N ASN A 19 -16.81 11.97 12.60
CA ASN A 19 -16.61 10.87 11.70
C ASN A 19 -15.63 11.24 10.62
N MET A 20 -15.32 10.24 9.80
CA MET A 20 -14.32 10.33 8.76
C MET A 20 -12.95 10.31 9.39
N GLU A 21 -12.60 9.15 9.88
CA GLU A 21 -11.45 8.94 10.66
C GLU A 21 -10.93 7.52 10.42
N HIS A 22 -10.00 7.35 9.50
CA HIS A 22 -9.46 6.00 9.32
C HIS A 22 -8.13 5.99 8.60
N ILE A 23 -7.11 5.71 9.34
CA ILE A 23 -5.80 5.50 8.82
C ILE A 23 -5.40 4.12 9.30
N CYS A 24 -4.82 3.34 8.44
CA CYS A 24 -4.46 1.97 8.77
C CYS A 24 -2.94 1.83 8.92
N PRO A 25 -2.48 0.83 9.72
CA PRO A 25 -1.04 0.59 9.96
C PRO A 25 -0.26 0.15 8.70
N PRO A 26 1.01 0.61 8.56
CA PRO A 26 1.88 0.20 7.45
C PRO A 26 2.42 -1.22 7.63
N MET A 27 2.30 -2.01 6.61
CA MET A 27 2.82 -3.36 6.60
C MET A 27 4.21 -3.32 6.02
N VAL A 28 5.15 -4.01 6.65
CA VAL A 28 6.56 -3.90 6.27
C VAL A 28 7.18 -5.30 6.10
N ILE A 29 7.62 -5.61 4.88
CA ILE A 29 8.22 -6.92 4.58
C ILE A 29 9.56 -6.77 3.86
N GLY A 30 10.64 -7.02 4.57
CA GLY A 30 11.94 -6.94 3.96
C GLY A 30 12.59 -8.26 3.86
N ASP A 31 12.20 -8.99 2.85
CA ASP A 31 12.75 -10.32 2.62
C ASP A 31 12.90 -10.67 1.13
N ARG A 32 12.58 -9.76 0.27
CA ARG A 32 12.54 -10.06 -1.13
C ARG A 32 13.71 -9.41 -1.79
N SER A 33 14.41 -10.10 -2.63
CA SER A 33 15.44 -9.50 -3.41
C SER A 33 14.78 -8.68 -4.50
N TYR A 34 15.51 -7.78 -5.13
CA TYR A 34 14.94 -6.83 -6.10
C TYR A 34 14.19 -7.52 -7.18
N ASP A 35 14.79 -8.54 -7.70
CA ASP A 35 14.21 -9.28 -8.82
C ASP A 35 12.90 -9.94 -8.44
N ILE A 36 12.85 -10.48 -7.24
CA ILE A 36 11.66 -11.11 -6.76
C ILE A 36 10.65 -10.04 -6.42
N ALA A 37 11.11 -9.00 -5.76
CA ALA A 37 10.28 -7.91 -5.32
C ALA A 37 9.63 -7.22 -6.49
N MET A 38 10.39 -6.99 -7.52
CA MET A 38 9.91 -6.26 -8.64
C MET A 38 8.86 -7.06 -9.39
N GLU A 39 9.05 -8.35 -9.50
CA GLU A 39 8.10 -9.13 -10.23
C GLU A 39 6.91 -9.55 -9.37
N ILE A 40 7.08 -9.55 -8.06
CA ILE A 40 5.95 -9.82 -7.23
C ILE A 40 5.11 -8.55 -7.04
N VAL A 41 5.79 -7.40 -6.86
CA VAL A 41 5.09 -6.15 -6.66
C VAL A 41 4.38 -5.73 -7.94
N ASN A 42 5.00 -5.99 -9.09
CA ASN A 42 4.35 -5.69 -10.37
C ASN A 42 3.10 -6.55 -10.53
N GLY A 43 3.15 -7.75 -9.97
CA GLY A 43 1.99 -8.61 -9.99
C GLY A 43 0.90 -8.07 -9.09
N VAL A 44 1.29 -7.63 -7.90
CA VAL A 44 0.36 -7.03 -6.94
C VAL A 44 -0.28 -5.78 -7.57
N ASP A 45 0.57 -4.98 -8.20
CA ASP A 45 0.19 -3.72 -8.89
C ASP A 45 -0.85 -4.00 -9.95
N ARG A 46 -0.64 -5.07 -10.68
CA ARG A 46 -1.53 -5.46 -11.75
C ARG A 46 -2.84 -5.93 -11.16
N VAL A 47 -2.77 -6.64 -10.05
CA VAL A 47 -3.96 -7.11 -9.37
C VAL A 47 -4.78 -5.95 -8.82
N ILE A 48 -4.12 -4.97 -8.23
CA ILE A 48 -4.82 -3.83 -7.66
C ILE A 48 -5.47 -2.99 -8.77
N LYS A 49 -4.76 -2.83 -9.83
CA LYS A 49 -5.19 -2.00 -10.94
C LYS A 49 -6.23 -2.74 -11.80
N ALA A 50 -6.38 -4.03 -11.56
CA ALA A 50 -7.36 -4.84 -12.25
C ALA A 50 -8.56 -5.23 -11.37
N SER A 51 -8.31 -5.59 -10.12
CA SER A 51 -9.33 -6.06 -9.23
C SER A 51 -9.96 -4.95 -8.42
N PHE A 52 -9.41 -3.77 -8.54
CA PHE A 52 -9.89 -2.64 -7.80
C PHE A 52 -9.94 -1.47 -8.72
N ASN A 53 -10.56 -0.45 -8.27
CA ASN A 53 -10.63 0.77 -8.98
C ASN A 53 -9.53 1.63 -8.43
N ALA A 54 -8.43 1.68 -9.14
CA ALA A 54 -7.31 2.38 -8.65
C ALA A 54 -6.87 3.48 -9.57
N SER A 55 -6.58 4.60 -8.99
CA SER A 55 -5.91 5.64 -9.68
C SER A 55 -4.46 5.49 -9.23
N VAL A 56 -3.64 5.00 -10.10
CA VAL A 56 -2.31 4.63 -9.73
C VAL A 56 -1.30 5.71 -10.13
N GLU A 57 -0.59 6.21 -9.15
CA GLU A 57 0.36 7.29 -9.32
C GLU A 57 1.76 6.78 -9.00
N GLU A 58 2.70 7.15 -9.83
CA GLU A 58 4.09 6.79 -9.64
C GLU A 58 4.85 7.94 -9.00
N LEU A 59 5.68 7.63 -8.02
CA LEU A 59 6.43 8.62 -7.27
C LEU A 59 7.82 8.13 -6.96
N GLU A 60 8.61 9.00 -6.36
CA GLU A 60 9.91 8.65 -5.86
C GLU A 60 9.77 8.49 -4.36
N GLY A 61 10.69 7.84 -3.76
CA GLY A 61 10.59 7.62 -2.35
C GLY A 61 11.67 8.32 -1.56
N GLU A 62 11.55 8.22 -0.26
CA GLU A 62 12.44 8.88 0.65
C GLU A 62 13.60 7.98 1.05
N ASP A 63 14.79 8.54 1.02
CA ASP A 63 16.04 7.88 1.48
C ASP A 63 16.30 6.49 0.90
N CYS A 64 15.79 5.48 1.56
CA CYS A 64 16.01 4.11 1.21
C CYS A 64 14.97 3.61 0.22
N ASP A 65 13.90 4.36 0.03
CA ASP A 65 12.85 3.97 -0.90
C ASP A 65 13.43 4.09 -2.29
N VAL A 66 13.34 3.05 -3.04
CA VAL A 66 13.84 3.06 -4.38
C VAL A 66 12.73 3.44 -5.36
N LEU A 67 11.53 3.08 -5.02
CA LEU A 67 10.39 3.33 -5.90
C LEU A 67 9.17 3.46 -5.05
N TYR A 68 8.28 4.33 -5.45
CA TYR A 68 7.08 4.56 -4.71
C TYR A 68 5.91 4.46 -5.68
N ARG A 69 5.00 3.59 -5.40
CA ARG A 69 3.82 3.41 -6.19
C ARG A 69 2.62 3.69 -5.30
N LYS A 70 1.86 4.67 -5.65
CA LYS A 70 0.73 5.13 -4.89
C LYS A 70 -0.55 4.74 -5.62
N TYR A 71 -1.51 4.25 -4.91
CA TYR A 71 -2.76 3.88 -5.50
C TYR A 71 -3.89 4.57 -4.76
N THR A 72 -4.79 5.16 -5.47
CA THR A 72 -5.98 5.71 -4.87
C THR A 72 -7.12 4.73 -5.18
N LEU A 73 -7.58 4.03 -4.17
CA LEU A 73 -8.55 2.96 -4.34
C LEU A 73 -9.96 3.39 -4.04
N GLU A 74 -10.85 2.89 -4.84
CA GLU A 74 -12.27 3.02 -4.64
C GLU A 74 -12.92 1.68 -4.90
N LYS A 75 -13.15 0.95 -3.86
CA LYS A 75 -13.78 -0.34 -3.95
C LYS A 75 -15.27 -0.10 -3.76
N GLU A 76 -15.89 0.43 -4.83
CA GLU A 76 -17.32 0.84 -4.90
C GLU A 76 -17.92 1.35 -3.56
N GLY A 77 -17.57 2.58 -3.21
CA GLY A 77 -18.07 3.17 -1.96
C GLY A 77 -17.05 3.12 -0.86
N LYS A 78 -16.12 2.20 -0.96
CA LYS A 78 -15.05 2.11 0.01
C LYS A 78 -13.88 2.80 -0.63
N LYS A 79 -13.08 3.48 0.11
CA LYS A 79 -12.10 4.35 -0.47
C LYS A 79 -10.85 4.35 0.39
N GLY A 80 -9.72 4.57 -0.23
CA GLY A 80 -8.48 4.68 0.52
C GLY A 80 -7.27 4.73 -0.37
N ILE A 81 -6.20 5.29 0.13
CA ILE A 81 -4.98 5.36 -0.63
C ILE A 81 -4.02 4.32 -0.11
N VAL A 82 -3.34 3.68 -1.00
CA VAL A 82 -2.35 2.72 -0.66
C VAL A 82 -1.02 3.19 -1.18
N HIS A 83 -0.11 3.44 -0.29
CA HIS A 83 1.21 3.92 -0.63
C HIS A 83 2.20 2.77 -0.49
N VAL A 84 2.69 2.28 -1.59
CA VAL A 84 3.66 1.19 -1.59
C VAL A 84 5.02 1.75 -1.91
N LYS A 85 5.95 1.61 -1.03
CA LYS A 85 7.29 2.06 -1.29
C LYS A 85 8.23 0.88 -1.15
N LEU A 86 9.20 0.80 -2.02
CA LEU A 86 10.11 -0.31 -2.00
C LEU A 86 11.40 0.19 -1.45
N ARG A 87 11.73 -0.21 -0.29
CA ARG A 87 12.93 0.24 0.35
C ARG A 87 14.03 -0.72 0.17
N LYS A 88 15.17 -0.21 0.10
CA LYS A 88 16.36 -1.00 0.02
C LYS A 88 16.87 -1.25 1.45
N ILE A 89 16.69 -2.44 1.94
CA ILE A 89 17.12 -2.79 3.29
C ILE A 89 18.54 -3.36 3.24
N THR A 90 19.47 -2.62 3.80
CA THR A 90 20.85 -2.98 3.76
C THR A 90 21.46 -2.87 5.14
N GLU A 91 22.76 -2.99 5.24
CA GLU A 91 23.45 -2.81 6.50
C GLU A 91 23.74 -1.33 6.70
N ASN A 92 23.60 -0.59 5.63
CA ASN A 92 23.76 0.85 5.65
C ASN A 92 22.43 1.52 5.94
N CYS A 93 21.38 0.99 5.36
CA CYS A 93 20.07 1.48 5.62
C CYS A 93 19.50 0.81 6.87
N PRO A 94 18.93 1.56 7.79
CA PRO A 94 18.34 1.02 9.01
C PRO A 94 16.95 0.40 8.74
N PRO A 95 16.81 -0.93 8.95
CA PRO A 95 15.54 -1.63 8.74
C PRO A 95 14.44 -1.08 9.61
N VAL A 96 13.41 -0.65 8.98
CA VAL A 96 12.26 -0.12 9.65
C VAL A 96 11.32 -1.28 9.93
N ASP A 97 10.47 -1.11 10.89
CA ASP A 97 9.54 -2.14 11.26
C ASP A 97 8.14 -1.59 11.16
N GLY A 98 7.20 -2.45 11.10
CA GLY A 98 5.82 -2.14 10.95
C GLY A 98 5.08 -3.39 11.08
N ASN A 99 3.83 -3.37 10.71
CA ASN A 99 3.02 -4.52 10.72
C ASN A 99 3.66 -5.62 9.87
N ARG A 100 4.25 -6.58 10.53
CA ARG A 100 4.92 -7.64 9.84
C ARG A 100 3.97 -8.72 9.48
N CYS A 101 3.77 -8.89 8.23
CA CYS A 101 2.98 -9.97 7.76
C CYS A 101 3.86 -11.24 7.82
N SER A 102 3.27 -12.36 8.21
CA SER A 102 4.00 -13.61 8.25
C SER A 102 4.38 -13.98 6.81
N VAL A 103 5.69 -14.05 6.55
CA VAL A 103 6.19 -14.24 5.19
C VAL A 103 6.03 -15.69 4.77
N LEU A 104 5.69 -15.85 3.54
CA LEU A 104 5.47 -17.13 2.94
C LEU A 104 5.56 -16.89 1.44
N GLU A 105 5.02 -17.75 0.63
CA GLU A 105 5.10 -17.55 -0.79
C GLU A 105 3.93 -16.73 -1.31
N PHE A 106 4.04 -16.40 -2.60
CA PHE A 106 3.18 -15.46 -3.34
C PHE A 106 1.72 -15.43 -2.91
N GLU A 107 1.06 -16.53 -2.96
CA GLU A 107 -0.38 -16.53 -2.76
C GLU A 107 -0.78 -16.18 -1.33
N ARG A 108 0.10 -16.36 -0.39
CA ARG A 108 -0.20 -15.97 0.96
C ARG A 108 0.15 -14.52 1.20
N ASP A 109 1.28 -14.08 0.71
CA ASP A 109 1.69 -12.72 1.01
C ASP A 109 0.95 -11.72 0.16
N ILE A 110 0.56 -12.12 -1.06
CA ILE A 110 -0.24 -11.21 -1.87
C ILE A 110 -1.65 -11.08 -1.26
N GLU A 111 -2.20 -12.20 -0.75
CA GLU A 111 -3.52 -12.15 -0.15
C GLU A 111 -3.46 -11.31 1.10
N CYS A 112 -2.36 -11.41 1.81
CA CYS A 112 -2.13 -10.62 3.01
C CYS A 112 -2.16 -9.12 2.67
N ILE A 113 -1.48 -8.76 1.57
CA ILE A 113 -1.48 -7.38 1.06
C ILE A 113 -2.89 -6.98 0.68
N VAL A 114 -3.58 -7.87 -0.03
CA VAL A 114 -4.94 -7.61 -0.48
C VAL A 114 -5.86 -7.42 0.72
N LYS A 115 -5.69 -8.24 1.73
CA LYS A 115 -6.50 -8.17 2.93
C LYS A 115 -6.23 -6.91 3.71
N ALA A 116 -5.02 -6.42 3.68
CA ALA A 116 -4.70 -5.18 4.35
C ALA A 116 -5.40 -4.03 3.66
N ILE A 117 -5.43 -4.08 2.36
CA ILE A 117 -6.13 -3.08 1.58
C ILE A 117 -7.65 -3.22 1.78
N GLU A 118 -8.13 -4.44 1.67
CA GLU A 118 -9.55 -4.71 1.77
C GLU A 118 -10.06 -4.38 3.15
N GLU A 119 -9.31 -4.71 4.17
CA GLU A 119 -9.74 -4.45 5.52
C GLU A 119 -9.60 -3.01 5.89
N CYS A 120 -8.82 -2.28 5.17
CA CYS A 120 -8.70 -0.89 5.44
C CYS A 120 -9.92 -0.20 4.87
N LEU A 121 -10.23 -0.51 3.63
CA LEU A 121 -11.35 0.08 2.96
C LEU A 121 -12.68 -0.40 3.56
N ALA A 122 -12.73 -1.66 3.94
CA ALA A 122 -13.95 -2.27 4.47
C ALA A 122 -14.17 -2.02 5.96
N LYS A 123 -13.16 -1.53 6.69
CA LYS A 123 -13.38 -1.26 8.11
C LYS A 123 -14.19 0.01 8.30
N GLY A 124 -14.34 0.74 7.22
CA GLY A 124 -15.09 1.96 7.23
C GLY A 124 -14.29 3.10 7.77
N GLU A 125 -14.78 4.29 7.62
CA GLU A 125 -14.07 5.45 8.08
C GLU A 125 -14.31 5.72 9.57
N LEU A 126 -14.09 4.68 10.36
CA LEU A 126 -14.33 4.69 11.79
C LEU A 126 -13.20 4.01 12.58
N ASN A 127 -12.11 4.74 12.78
CA ASN A 127 -10.97 4.34 13.64
C ASN A 127 -9.90 5.42 13.60
N SER A 128 -9.87 6.23 14.62
CA SER A 128 -8.92 7.30 14.72
C SER A 128 -7.49 6.80 14.88
N LYS A 129 -6.67 7.15 13.95
CA LYS A 129 -5.27 6.90 13.94
C LYS A 129 -4.77 7.95 12.99
N LEU A 130 -3.69 8.62 13.29
CA LEU A 130 -3.24 9.69 12.43
C LEU A 130 -1.74 9.88 12.45
N GLU A 131 -1.14 9.51 11.35
CA GLU A 131 0.26 9.71 11.09
C GLU A 131 0.40 9.45 9.61
N GLY A 132 0.30 10.49 8.85
CA GLY A 132 0.30 10.40 7.42
C GLY A 132 -0.57 11.51 6.91
N LYS A 133 -0.66 11.66 5.61
CA LYS A 133 -1.44 12.75 5.06
C LYS A 133 -2.05 12.33 3.73
N PRO A 134 -3.39 12.13 3.69
CA PRO A 134 -4.08 11.73 2.48
C PRO A 134 -4.04 12.80 1.40
N ILE A 135 -3.31 12.54 0.34
CA ILE A 135 -3.21 13.46 -0.74
C ILE A 135 -3.81 12.80 -1.99
N PRO A 136 -5.04 13.17 -2.31
CA PRO A 136 -5.72 12.66 -3.49
C PRO A 136 -5.30 13.39 -4.77
N ASN A 137 -4.96 12.63 -5.77
CA ASN A 137 -4.63 13.16 -7.07
C ASN A 137 -5.48 12.45 -8.07
N PRO A 138 -6.31 13.17 -8.81
CA PRO A 138 -7.26 12.58 -9.75
C PRO A 138 -6.61 12.06 -11.04
N LEU A 139 -5.72 11.10 -10.89
CA LEU A 139 -5.11 10.43 -12.02
C LEU A 139 -5.91 9.16 -12.28
N LEU A 140 -7.19 9.39 -12.43
CA LEU A 140 -8.17 8.34 -12.55
C LEU A 140 -8.29 7.87 -13.98
N GLY A 141 -8.66 6.62 -14.15
CA GLY A 141 -8.80 6.07 -15.45
C GLY A 141 -7.66 5.16 -15.82
N LEU A 142 -6.55 5.32 -15.12
CA LEU A 142 -5.39 4.49 -15.37
C LEU A 142 -5.61 3.11 -14.76
N ASP A 143 -6.25 2.29 -15.53
CA ASP A 143 -6.71 0.97 -15.17
C ASP A 143 -6.08 -0.04 -16.10
N SER A 144 -5.82 -1.22 -15.62
CA SER A 144 -5.31 -2.26 -16.45
C SER A 144 -6.23 -3.46 -16.34
N THR A 145 -7.15 -3.54 -17.26
CA THR A 145 -8.14 -4.57 -17.26
C THR A 145 -7.50 -5.96 -17.46
N ARG A 146 -7.46 -6.72 -16.38
CA ARG A 146 -6.89 -8.04 -16.36
C ARG A 146 -7.81 -8.93 -15.55
N THR A 147 -8.39 -9.89 -16.19
CA THR A 147 -9.19 -10.83 -15.47
C THR A 147 -8.80 -12.25 -15.87
N GLY A 148 -8.56 -13.06 -14.87
CA GLY A 148 -8.18 -14.41 -15.08
C GLY A 148 -8.20 -15.10 -13.77
N MET A 1 20.94 -7.01 -3.38
CA MET A 1 20.57 -6.42 -2.09
C MET A 1 19.13 -6.73 -1.81
N LYS A 2 18.79 -6.76 -0.55
CA LYS A 2 17.44 -7.05 -0.15
C LYS A 2 16.67 -5.76 0.00
N TYR A 3 15.42 -5.82 -0.31
CA TYR A 3 14.54 -4.72 -0.18
C TYR A 3 13.50 -4.96 0.89
N ASP A 4 13.21 -3.91 1.58
CA ASP A 4 12.25 -3.87 2.65
C ASP A 4 11.10 -3.03 2.13
N VAL A 5 10.03 -3.68 1.74
CA VAL A 5 8.92 -2.98 1.16
C VAL A 5 7.88 -2.66 2.21
N VAL A 6 7.66 -1.40 2.36
CA VAL A 6 6.75 -0.88 3.33
C VAL A 6 5.52 -0.42 2.61
N ILE A 7 4.43 -1.03 2.89
CA ILE A 7 3.19 -0.70 2.27
C ILE A 7 2.23 -0.17 3.33
N ILE A 8 1.88 1.08 3.19
CA ILE A 8 1.00 1.75 4.10
C ILE A 8 -0.37 1.88 3.46
N PRO A 9 -1.35 1.09 3.90
CA PRO A 9 -2.71 1.25 3.46
C PRO A 9 -3.38 2.31 4.32
N GLU A 10 -4.18 3.15 3.71
CA GLU A 10 -4.92 4.14 4.45
C GLU A 10 -6.12 4.61 3.67
N SER A 11 -7.23 4.68 4.31
CA SER A 11 -8.44 5.09 3.65
C SER A 11 -8.52 6.62 3.63
N PHE A 12 -8.54 7.22 2.43
CA PHE A 12 -8.51 8.67 2.30
C PHE A 12 -9.70 9.39 2.94
N HIS A 13 -9.44 10.08 4.01
CA HIS A 13 -10.44 10.78 4.75
C HIS A 13 -9.95 12.12 5.21
N ARG A 14 -10.74 13.11 4.91
CA ARG A 14 -10.50 14.41 5.41
C ARG A 14 -11.07 14.43 6.79
N PHE A 15 -10.18 14.36 7.72
CA PHE A 15 -10.43 14.41 9.14
C PHE A 15 -11.41 15.51 9.45
N ASP A 16 -12.61 15.10 9.68
CA ASP A 16 -13.67 16.02 9.86
C ASP A 16 -13.89 16.44 11.31
N LYS A 17 -14.89 15.92 11.95
CA LYS A 17 -15.18 16.31 13.30
C LYS A 17 -14.92 15.14 14.26
N HIS A 18 -15.60 14.05 14.04
CA HIS A 18 -15.39 12.85 14.83
C HIS A 18 -15.37 11.64 13.92
N ASN A 19 -16.20 11.70 12.90
CA ASN A 19 -16.24 10.70 11.87
C ASN A 19 -15.51 11.25 10.64
N MET A 20 -15.15 10.38 9.72
CA MET A 20 -14.32 10.71 8.56
C MET A 20 -12.90 10.94 8.99
N GLU A 21 -12.21 9.83 9.17
CA GLU A 21 -10.87 9.72 9.56
C GLU A 21 -10.65 8.23 9.67
N HIS A 22 -9.56 7.79 9.09
CA HIS A 22 -9.12 6.40 9.18
C HIS A 22 -7.85 6.17 8.41
N ILE A 23 -6.77 6.30 9.08
CA ILE A 23 -5.52 5.94 8.53
C ILE A 23 -5.19 4.58 9.11
N CYS A 24 -4.65 3.70 8.33
CA CYS A 24 -4.41 2.34 8.78
C CYS A 24 -2.91 2.14 9.02
N PRO A 25 -2.55 1.19 9.90
CA PRO A 25 -1.15 0.90 10.22
C PRO A 25 -0.39 0.23 9.04
N PRO A 26 0.95 0.46 8.94
CA PRO A 26 1.77 -0.08 7.85
C PRO A 26 2.01 -1.59 7.91
N MET A 27 2.20 -2.17 6.75
CA MET A 27 2.52 -3.56 6.58
C MET A 27 3.94 -3.57 6.00
N VAL A 28 4.83 -4.39 6.48
CA VAL A 28 6.21 -4.36 5.99
C VAL A 28 6.69 -5.76 5.63
N ILE A 29 7.26 -5.89 4.44
CA ILE A 29 7.80 -7.15 3.95
C ILE A 29 9.25 -6.88 3.58
N GLY A 30 10.18 -7.29 4.41
CA GLY A 30 11.53 -6.97 4.08
C GLY A 30 12.43 -8.13 4.06
N ASP A 31 12.39 -8.82 2.95
CA ASP A 31 13.26 -9.96 2.71
C ASP A 31 13.34 -10.29 1.22
N ARG A 32 12.97 -9.36 0.37
CA ARG A 32 12.85 -9.65 -1.05
C ARG A 32 13.87 -8.84 -1.79
N SER A 33 14.61 -9.42 -2.71
CA SER A 33 15.49 -8.64 -3.53
C SER A 33 14.65 -7.85 -4.52
N TYR A 34 15.23 -6.83 -5.13
CA TYR A 34 14.49 -5.87 -5.99
C TYR A 34 13.66 -6.56 -7.02
N ASP A 35 14.27 -7.47 -7.69
CA ASP A 35 13.64 -8.21 -8.78
C ASP A 35 12.43 -8.97 -8.29
N ILE A 36 12.54 -9.58 -7.12
CA ILE A 36 11.43 -10.32 -6.56
C ILE A 36 10.41 -9.34 -6.00
N ALA A 37 10.91 -8.27 -5.41
CA ALA A 37 10.07 -7.24 -4.83
C ALA A 37 9.23 -6.58 -5.90
N MET A 38 9.85 -6.31 -7.04
CA MET A 38 9.15 -5.69 -8.15
C MET A 38 8.12 -6.64 -8.71
N GLU A 39 8.44 -7.91 -8.72
CA GLU A 39 7.53 -8.92 -9.22
C GLU A 39 6.32 -9.06 -8.31
N ILE A 40 6.55 -9.07 -7.00
CA ILE A 40 5.43 -9.20 -6.07
C ILE A 40 4.59 -7.93 -6.06
N VAL A 41 5.25 -6.78 -6.16
CA VAL A 41 4.53 -5.52 -6.21
C VAL A 41 3.73 -5.42 -7.50
N ASN A 42 4.30 -5.93 -8.59
CA ASN A 42 3.60 -5.97 -9.88
C ASN A 42 2.39 -6.88 -9.78
N GLY A 43 2.51 -7.93 -8.98
CA GLY A 43 1.42 -8.82 -8.74
C GLY A 43 0.32 -8.15 -7.96
N VAL A 44 0.71 -7.42 -6.93
CA VAL A 44 -0.24 -6.67 -6.10
C VAL A 44 -0.94 -5.64 -6.98
N ASP A 45 -0.13 -4.96 -7.76
CA ASP A 45 -0.54 -3.93 -8.72
C ASP A 45 -1.59 -4.43 -9.65
N ARG A 46 -1.33 -5.60 -10.15
CA ARG A 46 -2.17 -6.24 -11.11
C ARG A 46 -3.52 -6.60 -10.48
N VAL A 47 -3.47 -7.08 -9.26
CA VAL A 47 -4.67 -7.47 -8.56
C VAL A 47 -5.47 -6.24 -8.17
N ILE A 48 -4.78 -5.16 -7.84
CA ILE A 48 -5.42 -3.90 -7.54
C ILE A 48 -6.12 -3.35 -8.79
N LYS A 49 -5.43 -3.39 -9.90
CA LYS A 49 -5.97 -2.94 -11.18
C LYS A 49 -7.18 -3.77 -11.62
N ALA A 50 -7.14 -5.03 -11.33
CA ALA A 50 -8.20 -5.92 -11.74
C ALA A 50 -9.39 -5.94 -10.77
N SER A 51 -9.13 -5.80 -9.49
CA SER A 51 -10.15 -5.92 -8.48
C SER A 51 -10.72 -4.57 -8.03
N PHE A 52 -10.03 -3.50 -8.33
CA PHE A 52 -10.40 -2.19 -7.88
C PHE A 52 -10.45 -1.25 -9.05
N ASN A 53 -10.72 -0.02 -8.78
CA ASN A 53 -10.64 1.03 -9.73
C ASN A 53 -9.42 1.79 -9.30
N ALA A 54 -8.34 1.55 -9.98
CA ALA A 54 -7.09 2.02 -9.52
C ALA A 54 -6.57 3.24 -10.25
N SER A 55 -5.90 4.07 -9.50
CA SER A 55 -5.13 5.17 -10.01
C SER A 55 -3.73 4.92 -9.46
N VAL A 56 -2.84 4.45 -10.27
CA VAL A 56 -1.53 4.09 -9.79
C VAL A 56 -0.50 5.18 -10.11
N GLU A 57 0.09 5.71 -9.08
CA GLU A 57 1.01 6.81 -9.20
C GLU A 57 2.39 6.45 -8.65
N GLU A 58 3.41 6.55 -9.49
CA GLU A 58 4.78 6.33 -9.05
C GLU A 58 5.38 7.62 -8.56
N LEU A 59 6.14 7.53 -7.52
CA LEU A 59 6.87 8.63 -6.94
C LEU A 59 8.26 8.12 -6.61
N GLU A 60 9.13 8.99 -6.22
CA GLU A 60 10.45 8.57 -5.84
C GLU A 60 10.47 8.23 -4.38
N GLY A 61 11.28 7.28 -4.04
CA GLY A 61 11.39 6.87 -2.68
C GLY A 61 12.13 7.88 -1.85
N GLU A 62 11.79 7.97 -0.59
CA GLU A 62 12.41 8.93 0.26
C GLU A 62 13.71 8.38 0.83
N ASP A 63 14.72 9.21 0.76
CA ASP A 63 16.10 8.94 1.21
C ASP A 63 16.69 7.64 0.64
N CYS A 64 16.40 6.55 1.27
CA CYS A 64 16.94 5.30 0.87
C CYS A 64 15.87 4.36 0.27
N ASP A 65 14.63 4.84 0.21
CA ASP A 65 13.62 4.09 -0.48
C ASP A 65 13.88 4.27 -1.96
N VAL A 66 13.75 3.21 -2.70
CA VAL A 66 14.11 3.21 -4.09
C VAL A 66 12.94 3.51 -5.00
N LEU A 67 11.78 3.14 -4.57
CA LEU A 67 10.61 3.34 -5.39
C LEU A 67 9.44 3.53 -4.51
N TYR A 68 8.58 4.42 -4.88
CA TYR A 68 7.42 4.72 -4.14
C TYR A 68 6.25 4.68 -5.12
N ARG A 69 5.19 4.04 -4.77
CA ARG A 69 4.00 4.05 -5.59
C ARG A 69 2.83 4.22 -4.69
N LYS A 70 2.07 5.25 -4.87
CA LYS A 70 0.90 5.39 -4.09
C LYS A 70 -0.30 5.22 -4.99
N TYR A 71 -1.04 4.23 -4.72
CA TYR A 71 -2.19 3.89 -5.48
C TYR A 71 -3.40 4.54 -4.85
N THR A 72 -4.15 5.28 -5.61
CA THR A 72 -5.38 5.87 -5.12
C THR A 72 -6.53 4.97 -5.66
N LEU A 73 -7.24 4.30 -4.76
CA LEU A 73 -8.22 3.28 -5.18
C LEU A 73 -9.62 3.57 -4.74
N GLU A 74 -10.52 3.05 -5.51
CA GLU A 74 -11.92 3.01 -5.22
C GLU A 74 -12.41 1.61 -5.57
N LYS A 75 -13.26 1.12 -4.78
CA LYS A 75 -13.87 -0.16 -4.94
C LYS A 75 -15.32 0.05 -4.54
N GLU A 76 -16.13 -0.99 -4.57
CA GLU A 76 -17.56 -0.88 -4.25
C GLU A 76 -17.88 -0.37 -2.85
N GLY A 77 -17.92 0.95 -2.73
CA GLY A 77 -18.21 1.60 -1.48
C GLY A 77 -17.00 1.66 -0.60
N LYS A 78 -15.84 1.52 -1.21
CA LYS A 78 -14.61 1.48 -0.47
C LYS A 78 -13.64 2.41 -1.15
N LYS A 79 -12.93 3.18 -0.39
CA LYS A 79 -12.03 4.18 -0.91
C LYS A 79 -10.75 4.16 -0.10
N GLY A 80 -9.62 4.27 -0.74
CA GLY A 80 -8.37 4.28 0.01
C GLY A 80 -7.16 4.56 -0.84
N ILE A 81 -6.04 4.75 -0.20
CA ILE A 81 -4.77 4.96 -0.84
C ILE A 81 -3.81 3.91 -0.32
N VAL A 82 -2.96 3.43 -1.16
CA VAL A 82 -1.96 2.47 -0.78
C VAL A 82 -0.58 3.01 -1.13
N HIS A 83 0.17 3.35 -0.12
CA HIS A 83 1.52 3.88 -0.29
C HIS A 83 2.53 2.75 -0.19
N VAL A 84 3.06 2.35 -1.31
CA VAL A 84 4.03 1.26 -1.36
C VAL A 84 5.41 1.84 -1.61
N LYS A 85 6.31 1.71 -0.67
CA LYS A 85 7.65 2.18 -0.90
C LYS A 85 8.65 1.07 -0.67
N LEU A 86 9.61 0.94 -1.55
CA LEU A 86 10.54 -0.18 -1.50
C LEU A 86 11.91 0.34 -1.17
N ARG A 87 12.38 0.08 0.02
CA ARG A 87 13.70 0.54 0.37
C ARG A 87 14.71 -0.53 0.31
N LYS A 88 15.90 -0.15 0.04
CA LYS A 88 16.99 -1.09 0.00
C LYS A 88 17.52 -1.30 1.41
N ILE A 89 17.09 -2.37 2.05
CA ILE A 89 17.52 -2.67 3.40
C ILE A 89 18.94 -3.15 3.39
N THR A 90 19.77 -2.38 3.98
CA THR A 90 21.15 -2.67 4.04
C THR A 90 21.60 -2.46 5.45
N GLU A 91 22.87 -2.52 5.67
CA GLU A 91 23.41 -2.21 6.96
C GLU A 91 23.58 -0.70 7.11
N ASN A 92 23.33 0.01 6.02
CA ASN A 92 23.39 1.47 6.00
C ASN A 92 21.97 2.03 6.15
N CYS A 93 21.02 1.41 5.49
CA CYS A 93 19.65 1.85 5.53
C CYS A 93 18.79 0.97 6.42
N PRO A 94 18.19 1.55 7.46
CA PRO A 94 17.34 0.83 8.42
C PRO A 94 15.92 0.52 7.88
N PRO A 95 15.39 -0.68 8.23
CA PRO A 95 14.04 -1.12 7.87
C PRO A 95 12.96 -0.39 8.67
N VAL A 96 11.76 -0.48 8.23
CA VAL A 96 10.64 0.12 8.94
C VAL A 96 9.92 -0.99 9.70
N ASP A 97 9.16 -0.64 10.71
CA ASP A 97 8.49 -1.63 11.52
C ASP A 97 6.98 -1.56 11.33
N GLY A 98 6.45 -2.58 10.72
CA GLY A 98 5.04 -2.67 10.46
C GLY A 98 4.50 -3.96 10.94
N ASN A 99 3.35 -4.30 10.48
CA ASN A 99 2.73 -5.54 10.81
C ASN A 99 3.39 -6.67 10.06
N ARG A 100 3.55 -7.80 10.71
CA ARG A 100 4.11 -8.96 10.09
C ARG A 100 3.05 -9.73 9.34
N CYS A 101 3.03 -9.47 8.08
CA CYS A 101 2.14 -10.09 7.14
C CYS A 101 2.56 -11.56 6.96
N SER A 102 1.63 -12.42 6.62
CA SER A 102 1.91 -13.81 6.42
C SER A 102 2.59 -14.03 5.06
N VAL A 103 3.90 -14.03 5.09
CA VAL A 103 4.71 -14.13 3.89
C VAL A 103 5.07 -15.58 3.63
N LEU A 104 5.15 -15.91 2.38
CA LEU A 104 5.59 -17.21 1.85
C LEU A 104 6.08 -16.99 0.45
N GLU A 105 5.19 -17.13 -0.42
CA GLU A 105 5.34 -16.88 -1.82
C GLU A 105 4.06 -16.22 -2.27
N PHE A 106 4.03 -15.79 -3.53
CA PHE A 106 2.94 -14.97 -4.12
C PHE A 106 1.54 -15.24 -3.59
N GLU A 107 1.17 -16.49 -3.48
CA GLU A 107 -0.16 -16.90 -3.08
C GLU A 107 -0.55 -16.31 -1.72
N ARG A 108 0.27 -16.55 -0.74
CA ARG A 108 -0.02 -16.13 0.60
C ARG A 108 0.29 -14.66 0.76
N ASP A 109 1.26 -14.22 0.01
CA ASP A 109 1.69 -12.82 0.04
C ASP A 109 0.60 -11.92 -0.49
N ILE A 110 0.04 -12.27 -1.66
CA ILE A 110 -0.98 -11.44 -2.27
C ILE A 110 -2.24 -11.48 -1.43
N GLU A 111 -2.50 -12.62 -0.87
CA GLU A 111 -3.65 -12.85 -0.05
C GLU A 111 -3.58 -12.00 1.20
N CYS A 112 -2.43 -11.97 1.81
CA CYS A 112 -2.22 -11.20 3.01
C CYS A 112 -2.30 -9.71 2.71
N ILE A 113 -1.74 -9.30 1.58
CA ILE A 113 -1.76 -7.91 1.18
C ILE A 113 -3.19 -7.46 0.90
N VAL A 114 -3.94 -8.28 0.16
CA VAL A 114 -5.32 -7.92 -0.18
C VAL A 114 -6.17 -7.89 1.07
N LYS A 115 -5.88 -8.79 1.99
CA LYS A 115 -6.58 -8.87 3.25
C LYS A 115 -6.42 -7.59 4.03
N ALA A 116 -5.20 -7.10 4.10
CA ALA A 116 -4.91 -5.86 4.81
C ALA A 116 -5.60 -4.68 4.14
N ILE A 117 -5.60 -4.67 2.83
CA ILE A 117 -6.23 -3.59 2.09
C ILE A 117 -7.74 -3.63 2.29
N GLU A 118 -8.30 -4.81 2.22
CA GLU A 118 -9.72 -4.98 2.37
C GLU A 118 -10.21 -4.62 3.74
N GLU A 119 -9.41 -4.94 4.76
CA GLU A 119 -9.73 -4.58 6.13
C GLU A 119 -9.64 -3.08 6.30
N CYS A 120 -8.58 -2.50 5.78
CA CYS A 120 -8.33 -1.06 5.89
C CYS A 120 -9.50 -0.26 5.31
N LEU A 121 -9.96 -0.65 4.15
CA LEU A 121 -11.01 0.10 3.50
C LEU A 121 -12.39 -0.23 4.11
N ALA A 122 -12.48 -1.36 4.79
CA ALA A 122 -13.71 -1.75 5.46
C ALA A 122 -13.84 -1.02 6.78
N LYS A 123 -12.70 -0.69 7.37
CA LYS A 123 -12.68 0.07 8.61
C LYS A 123 -12.79 1.57 8.33
N GLY A 124 -12.84 1.92 7.04
CA GLY A 124 -13.01 3.30 6.62
C GLY A 124 -14.21 3.93 7.28
N GLU A 125 -14.01 5.12 7.85
CA GLU A 125 -14.98 5.82 8.69
C GLU A 125 -15.07 5.15 10.05
N LEU A 126 -14.07 5.37 10.84
CA LEU A 126 -13.97 4.82 12.13
C LEU A 126 -13.62 5.94 13.05
N ASN A 127 -14.04 5.87 14.26
CA ASN A 127 -13.75 6.95 15.16
C ASN A 127 -12.36 6.82 15.70
N SER A 128 -11.50 7.63 15.18
CA SER A 128 -10.14 7.69 15.49
C SER A 128 -9.77 9.14 15.24
N LYS A 129 -8.58 9.55 15.60
CA LYS A 129 -8.18 10.91 15.36
C LYS A 129 -6.69 11.05 15.17
N LEU A 130 -6.35 11.62 14.04
CA LEU A 130 -5.00 11.96 13.69
C LEU A 130 -5.09 12.98 12.58
N GLU A 131 -4.07 13.12 11.81
CA GLU A 131 -4.14 14.02 10.69
C GLU A 131 -4.43 13.28 9.39
N GLY A 132 -5.70 13.21 9.05
CA GLY A 132 -6.13 12.64 7.80
C GLY A 132 -5.62 13.44 6.61
N LYS A 133 -5.57 12.81 5.48
CA LYS A 133 -5.05 13.43 4.28
C LYS A 133 -6.14 13.98 3.37
N PRO A 134 -5.99 15.24 2.92
CA PRO A 134 -6.82 15.79 1.87
C PRO A 134 -6.47 15.09 0.55
N ILE A 135 -7.37 15.07 -0.38
CA ILE A 135 -7.14 14.37 -1.60
C ILE A 135 -7.10 15.36 -2.76
N PRO A 136 -5.92 15.70 -3.25
CA PRO A 136 -5.78 16.43 -4.48
C PRO A 136 -5.95 15.43 -5.63
N ASN A 137 -6.76 15.75 -6.59
CA ASN A 137 -7.00 14.80 -7.68
C ASN A 137 -5.89 14.86 -8.70
N PRO A 138 -5.15 13.76 -8.87
CA PRO A 138 -4.05 13.69 -9.83
C PRO A 138 -4.55 13.70 -11.27
N LEU A 139 -5.80 13.25 -11.41
CA LEU A 139 -6.45 13.09 -12.70
C LEU A 139 -5.65 12.13 -13.56
N LEU A 140 -5.65 10.92 -13.11
CA LEU A 140 -4.95 9.84 -13.69
C LEU A 140 -5.76 8.61 -13.42
N GLY A 141 -6.27 8.00 -14.44
CA GLY A 141 -7.07 6.85 -14.24
C GLY A 141 -7.50 6.25 -15.54
N LEU A 142 -8.81 6.00 -15.65
CA LEU A 142 -9.41 5.33 -16.81
C LEU A 142 -8.87 3.92 -16.92
N ASP A 143 -8.53 3.37 -15.77
CA ASP A 143 -7.97 2.05 -15.68
C ASP A 143 -9.11 1.09 -15.62
N SER A 144 -9.41 0.53 -16.74
CA SER A 144 -10.54 -0.33 -16.87
C SER A 144 -10.17 -1.78 -16.64
N THR A 145 -11.10 -2.51 -16.11
CA THR A 145 -10.96 -3.90 -15.85
C THR A 145 -12.34 -4.52 -15.99
N ARG A 146 -12.42 -5.82 -16.00
CA ARG A 146 -13.67 -6.48 -16.10
C ARG A 146 -13.67 -7.67 -15.15
N THR A 147 -14.24 -7.48 -14.02
CA THR A 147 -14.31 -8.48 -12.98
C THR A 147 -15.59 -8.25 -12.16
N GLY A 148 -16.21 -9.33 -11.76
CA GLY A 148 -17.41 -9.25 -11.00
C GLY A 148 -18.36 -10.30 -11.48
N MET A 1 21.21 -8.18 -1.86
CA MET A 1 20.57 -7.40 -0.80
C MET A 1 19.11 -7.69 -0.82
N LYS A 2 18.40 -7.12 0.10
CA LYS A 2 17.00 -7.27 0.15
C LYS A 2 16.39 -5.91 0.34
N TYR A 3 15.19 -5.77 -0.11
CA TYR A 3 14.46 -4.56 0.00
C TYR A 3 13.30 -4.76 0.92
N ASP A 4 12.98 -3.73 1.64
CA ASP A 4 11.94 -3.74 2.60
C ASP A 4 10.77 -3.02 2.00
N VAL A 5 9.74 -3.76 1.72
CA VAL A 5 8.58 -3.20 1.12
C VAL A 5 7.61 -2.83 2.22
N VAL A 6 7.43 -1.57 2.37
CA VAL A 6 6.56 -1.07 3.36
C VAL A 6 5.32 -0.48 2.69
N ILE A 7 4.23 -1.15 2.90
CA ILE A 7 2.97 -0.77 2.32
C ILE A 7 2.09 -0.11 3.37
N ILE A 8 1.64 1.07 3.05
CA ILE A 8 0.85 1.86 3.94
C ILE A 8 -0.52 2.12 3.31
N PRO A 9 -1.56 1.41 3.75
CA PRO A 9 -2.91 1.68 3.32
C PRO A 9 -3.49 2.84 4.14
N GLU A 10 -4.23 3.70 3.50
CA GLU A 10 -4.82 4.82 4.19
C GLU A 10 -6.05 5.33 3.44
N SER A 11 -7.19 5.20 4.04
CA SER A 11 -8.42 5.62 3.45
C SER A 11 -8.59 7.13 3.64
N PHE A 12 -8.84 7.85 2.54
CA PHE A 12 -8.93 9.30 2.56
C PHE A 12 -9.97 9.86 3.50
N HIS A 13 -9.49 10.38 4.59
CA HIS A 13 -10.31 10.96 5.61
C HIS A 13 -9.63 12.16 6.15
N ARG A 14 -10.15 13.29 5.79
CA ARG A 14 -9.73 14.54 6.37
C ARG A 14 -10.21 14.53 7.82
N PHE A 15 -9.62 15.32 8.65
CA PHE A 15 -10.10 15.40 9.98
C PHE A 15 -11.27 16.34 10.07
N ASP A 16 -12.44 15.78 9.93
CA ASP A 16 -13.70 16.50 10.01
C ASP A 16 -13.91 17.03 11.42
N LYS A 17 -14.73 16.40 12.20
CA LYS A 17 -14.82 16.74 13.58
C LYS A 17 -14.30 15.57 14.39
N HIS A 18 -14.94 14.43 14.26
CA HIS A 18 -14.45 13.23 14.91
C HIS A 18 -14.59 12.00 14.01
N ASN A 19 -15.77 11.78 13.52
CA ASN A 19 -16.08 10.59 12.75
C ASN A 19 -15.73 10.77 11.29
N MET A 20 -14.43 10.72 11.06
CA MET A 20 -13.78 10.84 9.76
C MET A 20 -12.29 10.87 10.05
N GLU A 21 -11.67 9.69 10.01
CA GLU A 21 -10.29 9.48 10.34
C GLU A 21 -9.98 8.01 10.08
N HIS A 22 -9.14 7.73 9.16
CA HIS A 22 -8.69 6.35 8.99
C HIS A 22 -7.38 6.28 8.31
N ILE A 23 -6.37 6.13 9.09
CA ILE A 23 -5.05 5.96 8.60
C ILE A 23 -4.58 4.62 9.11
N CYS A 24 -4.04 3.82 8.25
CA CYS A 24 -3.64 2.50 8.67
C CYS A 24 -2.12 2.40 8.75
N PRO A 25 -1.60 1.91 9.90
CA PRO A 25 -0.16 1.75 10.13
C PRO A 25 0.51 0.87 9.06
N PRO A 26 1.77 1.19 8.71
CA PRO A 26 2.53 0.50 7.68
C PRO A 26 2.68 -1.01 7.91
N MET A 27 2.67 -1.73 6.83
CA MET A 27 2.95 -3.14 6.82
C MET A 27 4.34 -3.25 6.30
N VAL A 28 5.15 -3.99 6.95
CA VAL A 28 6.55 -4.06 6.61
C VAL A 28 6.94 -5.49 6.27
N ILE A 29 7.47 -5.67 5.08
CA ILE A 29 7.98 -6.95 4.63
C ILE A 29 9.38 -6.71 4.12
N GLY A 30 10.35 -7.16 4.84
CA GLY A 30 11.68 -6.83 4.45
C GLY A 30 12.60 -7.99 4.31
N ASP A 31 12.52 -8.65 3.17
CA ASP A 31 13.45 -9.72 2.81
C ASP A 31 13.22 -10.21 1.36
N ARG A 32 12.90 -9.29 0.48
CA ARG A 32 12.72 -9.62 -0.93
C ARG A 32 13.83 -8.93 -1.67
N SER A 33 14.51 -9.60 -2.57
CA SER A 33 15.56 -8.98 -3.30
C SER A 33 14.96 -8.09 -4.38
N TYR A 34 15.74 -7.20 -4.92
CA TYR A 34 15.29 -6.17 -5.89
C TYR A 34 14.53 -6.81 -7.05
N ASP A 35 15.08 -7.89 -7.53
CA ASP A 35 14.49 -8.61 -8.65
C ASP A 35 13.17 -9.25 -8.28
N ILE A 36 13.11 -9.80 -7.09
CA ILE A 36 11.92 -10.47 -6.60
C ILE A 36 10.86 -9.44 -6.27
N ALA A 37 11.33 -8.34 -5.68
CA ALA A 37 10.50 -7.25 -5.29
C ALA A 37 9.78 -6.68 -6.49
N MET A 38 10.50 -6.48 -7.59
CA MET A 38 9.89 -5.92 -8.78
C MET A 38 8.86 -6.87 -9.37
N GLU A 39 9.13 -8.16 -9.29
CA GLU A 39 8.18 -9.15 -9.79
C GLU A 39 6.92 -9.17 -8.96
N ILE A 40 7.07 -9.14 -7.64
CA ILE A 40 5.91 -9.21 -6.80
C ILE A 40 5.11 -7.91 -6.89
N VAL A 41 5.80 -6.78 -6.96
CA VAL A 41 5.15 -5.49 -7.08
C VAL A 41 4.35 -5.40 -8.38
N ASN A 42 4.95 -5.82 -9.49
CA ASN A 42 4.24 -5.72 -10.77
C ASN A 42 3.07 -6.68 -10.83
N GLY A 43 3.21 -7.81 -10.17
CA GLY A 43 2.15 -8.76 -10.13
C GLY A 43 1.00 -8.25 -9.30
N VAL A 44 1.33 -7.72 -8.13
CA VAL A 44 0.33 -7.16 -7.21
C VAL A 44 -0.37 -5.99 -7.88
N ASP A 45 0.40 -5.20 -8.56
CA ASP A 45 -0.07 -4.02 -9.29
C ASP A 45 -1.12 -4.41 -10.31
N ARG A 46 -0.81 -5.45 -11.06
CA ARG A 46 -1.74 -5.96 -12.05
C ARG A 46 -3.00 -6.50 -11.38
N VAL A 47 -2.83 -7.18 -10.25
CA VAL A 47 -3.96 -7.75 -9.54
C VAL A 47 -4.88 -6.64 -9.02
N ILE A 48 -4.31 -5.60 -8.47
CA ILE A 48 -5.09 -4.50 -7.92
C ILE A 48 -5.79 -3.72 -9.03
N LYS A 49 -5.09 -3.51 -10.12
CA LYS A 49 -5.63 -2.72 -11.19
C LYS A 49 -6.71 -3.48 -11.98
N ALA A 50 -6.63 -4.80 -11.93
CA ALA A 50 -7.59 -5.63 -12.61
C ALA A 50 -8.77 -6.02 -11.71
N SER A 51 -8.50 -6.37 -10.46
CA SER A 51 -9.53 -6.86 -9.59
C SER A 51 -10.31 -5.72 -8.93
N PHE A 52 -9.73 -4.54 -8.95
CA PHE A 52 -10.31 -3.42 -8.29
C PHE A 52 -10.27 -2.21 -9.18
N ASN A 53 -10.78 -1.14 -8.68
CA ASN A 53 -10.77 0.11 -9.35
C ASN A 53 -9.63 0.87 -8.77
N ALA A 54 -8.54 0.95 -9.47
CA ALA A 54 -7.40 1.58 -8.93
C ALA A 54 -6.75 2.52 -9.91
N SER A 55 -6.40 3.66 -9.41
CA SER A 55 -5.62 4.60 -10.14
C SER A 55 -4.21 4.46 -9.59
N VAL A 56 -3.31 3.95 -10.39
CA VAL A 56 -1.98 3.66 -9.93
C VAL A 56 -1.01 4.75 -10.35
N GLU A 57 -0.09 5.06 -9.49
CA GLU A 57 0.96 5.99 -9.78
C GLU A 57 2.27 5.47 -9.19
N GLU A 58 3.38 5.83 -9.79
CA GLU A 58 4.66 5.43 -9.30
C GLU A 58 5.54 6.65 -9.07
N LEU A 59 5.73 6.97 -7.84
CA LEU A 59 6.45 8.14 -7.42
C LEU A 59 7.86 7.75 -7.05
N GLU A 60 8.67 8.74 -6.80
CA GLU A 60 10.02 8.50 -6.43
C GLU A 60 10.22 8.84 -4.97
N GLY A 61 10.93 8.01 -4.29
CA GLY A 61 11.13 8.12 -2.89
C GLY A 61 12.43 8.79 -2.53
N GLU A 62 12.64 9.00 -1.24
CA GLU A 62 13.86 9.56 -0.69
C GLU A 62 14.99 8.56 -0.97
N ASP A 63 16.24 8.95 -0.82
CA ASP A 63 17.40 8.07 -1.10
C ASP A 63 17.26 6.63 -0.62
N CYS A 64 16.70 6.44 0.54
CA CYS A 64 16.48 5.12 1.11
C CYS A 64 15.33 4.38 0.40
N ASP A 65 14.38 5.13 -0.11
CA ASP A 65 13.21 4.55 -0.74
C ASP A 65 13.41 4.55 -2.24
N VAL A 66 13.47 3.41 -2.83
CA VAL A 66 13.81 3.32 -4.23
C VAL A 66 12.59 3.52 -5.16
N LEU A 67 11.46 3.11 -4.71
CA LEU A 67 10.26 3.20 -5.52
C LEU A 67 9.09 3.40 -4.61
N TYR A 68 8.18 4.22 -5.02
CA TYR A 68 7.00 4.47 -4.23
C TYR A 68 5.80 4.30 -5.16
N ARG A 69 4.89 3.49 -4.79
CA ARG A 69 3.73 3.23 -5.60
C ARG A 69 2.51 3.78 -4.85
N LYS A 70 1.61 4.39 -5.55
CA LYS A 70 0.38 4.90 -4.98
C LYS A 70 -0.78 4.29 -5.74
N TYR A 71 -1.73 3.77 -5.06
CA TYR A 71 -2.91 3.23 -5.67
C TYR A 71 -4.14 3.87 -5.05
N THR A 72 -4.88 4.60 -5.82
CA THR A 72 -6.13 5.12 -5.33
C THR A 72 -7.22 4.07 -5.60
N LEU A 73 -7.72 3.46 -4.55
CA LEU A 73 -8.72 2.41 -4.64
C LEU A 73 -10.12 2.94 -4.46
N GLU A 74 -11.02 2.38 -5.22
CA GLU A 74 -12.43 2.61 -5.07
C GLU A 74 -13.19 1.33 -5.37
N LYS A 75 -13.45 0.59 -4.36
CA LYS A 75 -14.19 -0.63 -4.48
C LYS A 75 -15.63 -0.29 -4.07
N GLU A 76 -16.49 -1.30 -4.03
CA GLU A 76 -17.89 -1.20 -3.61
C GLU A 76 -18.07 -0.44 -2.26
N GLY A 77 -18.26 0.85 -2.37
CA GLY A 77 -18.51 1.71 -1.22
C GLY A 77 -17.32 1.83 -0.29
N LYS A 78 -16.16 1.48 -0.78
CA LYS A 78 -14.96 1.50 0.02
C LYS A 78 -13.83 2.05 -0.81
N LYS A 79 -13.23 3.09 -0.35
CA LYS A 79 -12.24 3.77 -1.12
C LYS A 79 -11.12 4.34 -0.23
N GLY A 80 -9.91 4.35 -0.75
CA GLY A 80 -8.74 4.78 -0.01
C GLY A 80 -7.50 4.63 -0.84
N ILE A 81 -6.39 5.12 -0.37
CA ILE A 81 -5.15 5.00 -1.13
C ILE A 81 -4.26 3.93 -0.49
N VAL A 82 -3.56 3.19 -1.31
CA VAL A 82 -2.60 2.23 -0.86
C VAL A 82 -1.22 2.61 -1.41
N HIS A 83 -0.36 3.03 -0.53
CA HIS A 83 1.00 3.39 -0.84
C HIS A 83 1.92 2.20 -0.61
N VAL A 84 2.75 1.90 -1.56
CA VAL A 84 3.69 0.80 -1.44
C VAL A 84 5.08 1.31 -1.80
N LYS A 85 5.97 1.42 -0.86
CA LYS A 85 7.29 1.89 -1.21
C LYS A 85 8.35 0.86 -0.90
N LEU A 86 9.39 0.82 -1.71
CA LEU A 86 10.44 -0.16 -1.56
C LEU A 86 11.63 0.56 -0.98
N ARG A 87 11.92 0.31 0.24
CA ARG A 87 13.04 0.97 0.84
C ARG A 87 14.16 -0.02 0.94
N LYS A 88 15.33 0.42 0.60
CA LYS A 88 16.46 -0.47 0.62
C LYS A 88 16.94 -0.69 2.04
N ILE A 89 16.70 -1.87 2.53
CA ILE A 89 17.14 -2.22 3.85
C ILE A 89 18.60 -2.65 3.78
N THR A 90 19.42 -1.85 4.34
CA THR A 90 20.83 -2.02 4.34
C THR A 90 21.28 -1.50 5.71
N GLU A 91 22.57 -1.39 5.96
CA GLU A 91 23.06 -0.89 7.25
C GLU A 91 22.57 0.54 7.54
N ASN A 92 22.26 1.25 6.49
CA ASN A 92 21.81 2.64 6.59
C ASN A 92 20.36 2.70 7.04
N CYS A 93 19.56 1.80 6.54
CA CYS A 93 18.17 1.74 6.90
C CYS A 93 17.85 0.41 7.53
N PRO A 94 17.97 0.30 8.87
CA PRO A 94 17.62 -0.91 9.57
C PRO A 94 16.10 -1.11 9.61
N PRO A 95 15.64 -2.36 9.70
CA PRO A 95 14.21 -2.70 9.65
C PRO A 95 13.41 -2.09 10.80
N VAL A 96 12.22 -1.67 10.48
CA VAL A 96 11.32 -1.10 11.46
C VAL A 96 10.14 -2.04 11.56
N ASP A 97 9.46 -2.02 12.66
CA ASP A 97 8.34 -2.90 12.89
C ASP A 97 7.09 -2.30 12.32
N GLY A 98 6.25 -3.13 11.82
CA GLY A 98 4.98 -2.74 11.32
C GLY A 98 4.10 -3.91 11.34
N ASN A 99 3.08 -3.86 10.58
CA ASN A 99 2.27 -4.98 10.38
C ASN A 99 3.06 -5.99 9.58
N ARG A 100 3.46 -7.05 10.19
CA ARG A 100 4.19 -8.04 9.49
C ARG A 100 3.21 -8.92 8.77
N CYS A 101 3.20 -8.79 7.48
CA CYS A 101 2.30 -9.51 6.62
C CYS A 101 2.66 -10.99 6.62
N SER A 102 1.70 -11.82 6.29
CA SER A 102 1.92 -13.23 6.20
C SER A 102 2.60 -13.52 4.87
N VAL A 103 3.90 -13.58 4.91
CA VAL A 103 4.71 -13.70 3.71
C VAL A 103 5.05 -15.13 3.44
N LEU A 104 4.81 -15.53 2.26
CA LEU A 104 5.11 -16.84 1.77
C LEU A 104 5.65 -16.72 0.38
N GLU A 105 4.76 -16.80 -0.50
CA GLU A 105 4.98 -16.71 -1.91
C GLU A 105 3.88 -15.88 -2.48
N PHE A 106 4.07 -15.39 -3.70
CA PHE A 106 3.18 -14.43 -4.39
C PHE A 106 1.69 -14.59 -4.08
N GLU A 107 1.20 -15.80 -4.20
CA GLU A 107 -0.22 -16.10 -4.00
C GLU A 107 -0.69 -15.76 -2.58
N ARG A 108 0.08 -16.15 -1.61
CA ARG A 108 -0.29 -15.94 -0.24
C ARG A 108 -0.01 -14.51 0.17
N ASP A 109 1.02 -13.93 -0.45
CA ASP A 109 1.40 -12.56 -0.20
C ASP A 109 0.33 -11.61 -0.69
N ILE A 110 -0.17 -11.87 -1.91
CA ILE A 110 -1.20 -11.02 -2.49
C ILE A 110 -2.47 -11.08 -1.66
N GLU A 111 -2.81 -12.26 -1.14
CA GLU A 111 -3.99 -12.40 -0.28
C GLU A 111 -3.85 -11.52 0.93
N CYS A 112 -2.69 -11.58 1.54
CA CYS A 112 -2.39 -10.79 2.71
C CYS A 112 -2.47 -9.29 2.41
N ILE A 113 -1.97 -8.89 1.25
CA ILE A 113 -2.03 -7.51 0.84
C ILE A 113 -3.48 -7.07 0.62
N VAL A 114 -4.24 -7.91 -0.08
CA VAL A 114 -5.62 -7.61 -0.40
C VAL A 114 -6.45 -7.53 0.87
N LYS A 115 -6.20 -8.43 1.79
CA LYS A 115 -6.93 -8.47 3.04
C LYS A 115 -6.63 -7.25 3.89
N ALA A 116 -5.42 -6.73 3.80
CA ALA A 116 -5.04 -5.57 4.55
C ALA A 116 -5.60 -4.30 3.93
N ILE A 117 -5.67 -4.28 2.60
CA ILE A 117 -6.29 -3.17 1.89
C ILE A 117 -7.77 -3.15 2.27
N GLU A 118 -8.38 -4.32 2.20
CA GLU A 118 -9.77 -4.49 2.58
C GLU A 118 -10.00 -4.19 4.05
N GLU A 119 -8.99 -4.41 4.86
CA GLU A 119 -9.05 -4.10 6.28
C GLU A 119 -9.10 -2.58 6.48
N CYS A 120 -8.43 -1.87 5.63
CA CYS A 120 -8.38 -0.43 5.74
C CYS A 120 -9.60 0.18 5.05
N LEU A 121 -10.07 -0.48 4.04
CA LEU A 121 -11.23 -0.05 3.34
C LEU A 121 -12.51 -0.39 4.09
N ALA A 122 -12.55 -1.56 4.69
CA ALA A 122 -13.76 -2.01 5.33
C ALA A 122 -13.94 -1.51 6.75
N LYS A 123 -12.90 -1.00 7.41
CA LYS A 123 -13.10 -0.64 8.81
C LYS A 123 -13.71 0.73 9.07
N GLY A 124 -13.93 1.50 8.02
CA GLY A 124 -14.62 2.76 8.16
C GLY A 124 -13.77 3.84 8.77
N GLU A 125 -14.41 4.86 9.22
CA GLU A 125 -13.74 5.99 9.79
C GLU A 125 -13.57 5.87 11.30
N LEU A 126 -12.48 5.27 11.70
CA LEU A 126 -12.11 5.07 13.07
C LEU A 126 -10.62 4.75 13.07
N ASN A 127 -9.88 5.28 14.05
CA ASN A 127 -8.43 5.02 14.22
C ASN A 127 -7.54 5.81 13.27
N SER A 128 -6.78 6.70 13.83
CA SER A 128 -5.80 7.42 13.15
C SER A 128 -4.62 7.63 14.09
N LYS A 129 -3.56 6.90 13.87
CA LYS A 129 -2.38 6.98 14.71
C LYS A 129 -1.26 7.67 13.97
N LEU A 130 -1.66 8.57 13.14
CA LEU A 130 -0.80 9.33 12.29
C LEU A 130 -1.65 10.40 11.65
N GLU A 131 -1.15 11.61 11.60
CA GLU A 131 -1.86 12.68 10.97
C GLU A 131 -1.27 12.80 9.56
N GLY A 132 -2.02 12.36 8.60
CA GLY A 132 -1.57 12.38 7.24
C GLY A 132 -2.70 12.64 6.32
N LYS A 133 -2.40 13.19 5.18
CA LYS A 133 -3.41 13.51 4.21
C LYS A 133 -3.23 12.66 2.97
N PRO A 134 -4.07 11.64 2.77
CA PRO A 134 -4.04 10.82 1.57
C PRO A 134 -4.48 11.63 0.35
N ILE A 135 -3.62 11.70 -0.63
CA ILE A 135 -3.86 12.45 -1.84
C ILE A 135 -4.16 11.47 -2.97
N PRO A 136 -5.44 11.33 -3.33
CA PRO A 136 -5.85 10.49 -4.46
C PRO A 136 -5.35 11.09 -5.77
N ASN A 137 -4.96 10.25 -6.68
CA ASN A 137 -4.48 10.74 -7.95
C ASN A 137 -5.55 10.59 -9.01
N PRO A 138 -5.76 11.64 -9.84
CA PRO A 138 -6.72 11.58 -10.95
C PRO A 138 -6.31 10.53 -11.95
N LEU A 139 -5.06 10.63 -12.38
CA LEU A 139 -4.40 9.70 -13.32
C LEU A 139 -5.02 9.76 -14.71
N LEU A 140 -4.21 10.05 -15.70
CA LEU A 140 -4.68 9.99 -17.06
C LEU A 140 -4.55 8.55 -17.52
N GLY A 141 -5.48 7.76 -17.10
CA GLY A 141 -5.46 6.37 -17.39
C GLY A 141 -6.66 5.95 -18.14
N LEU A 142 -6.43 5.39 -19.27
CA LEU A 142 -7.47 4.86 -20.12
C LEU A 142 -7.13 3.41 -20.37
N ASP A 143 -6.42 2.86 -19.42
CA ASP A 143 -5.90 1.53 -19.48
C ASP A 143 -6.84 0.55 -18.80
N SER A 144 -7.71 -0.02 -19.57
CA SER A 144 -8.59 -1.04 -19.11
C SER A 144 -8.42 -2.22 -20.04
N THR A 145 -7.56 -3.11 -19.66
CA THR A 145 -7.23 -4.22 -20.45
C THR A 145 -6.77 -5.33 -19.53
N ARG A 146 -7.19 -6.51 -19.82
CA ARG A 146 -6.83 -7.64 -19.03
C ARG A 146 -6.45 -8.74 -20.01
N THR A 147 -5.20 -8.93 -20.21
CA THR A 147 -4.73 -9.95 -21.08
C THR A 147 -3.53 -10.64 -20.42
N GLY A 148 -3.53 -11.92 -20.48
CA GLY A 148 -2.53 -12.71 -19.84
C GLY A 148 -3.24 -13.67 -18.95
N MET A 1 21.82 -7.77 -2.62
CA MET A 1 21.29 -6.66 -1.86
C MET A 1 19.78 -6.70 -1.97
N LYS A 2 19.11 -6.53 -0.84
CA LYS A 2 17.69 -6.76 -0.74
C LYS A 2 16.89 -5.48 -0.53
N TYR A 3 15.60 -5.60 -0.72
CA TYR A 3 14.66 -4.54 -0.53
C TYR A 3 13.60 -4.94 0.50
N ASP A 4 13.16 -3.98 1.25
CA ASP A 4 12.17 -4.11 2.30
C ASP A 4 10.95 -3.30 1.86
N VAL A 5 9.82 -3.94 1.74
CA VAL A 5 8.65 -3.31 1.17
C VAL A 5 7.73 -2.87 2.29
N VAL A 6 7.52 -1.59 2.41
CA VAL A 6 6.66 -1.04 3.40
C VAL A 6 5.41 -0.54 2.71
N ILE A 7 4.30 -1.11 3.05
CA ILE A 7 3.06 -0.76 2.41
C ILE A 7 2.10 -0.18 3.42
N ILE A 8 1.66 1.01 3.16
CA ILE A 8 0.75 1.67 4.03
C ILE A 8 -0.59 1.85 3.31
N PRO A 9 -1.55 0.98 3.57
CA PRO A 9 -2.89 1.16 3.10
C PRO A 9 -3.59 2.11 4.07
N GLU A 10 -4.22 3.12 3.57
CA GLU A 10 -4.87 4.07 4.44
C GLU A 10 -6.05 4.72 3.74
N SER A 11 -7.19 4.74 4.39
CA SER A 11 -8.35 5.35 3.83
C SER A 11 -8.15 6.87 3.88
N PHE A 12 -8.21 7.54 2.75
CA PHE A 12 -7.93 8.96 2.75
C PHE A 12 -8.98 9.79 3.48
N HIS A 13 -8.64 10.25 4.64
CA HIS A 13 -9.55 10.99 5.43
C HIS A 13 -9.02 12.29 5.89
N ARG A 14 -9.79 13.29 5.58
CA ARG A 14 -9.64 14.57 6.16
C ARG A 14 -10.23 14.40 7.52
N PHE A 15 -9.51 14.79 8.51
CA PHE A 15 -9.84 14.50 9.84
C PHE A 15 -10.98 15.35 10.28
N ASP A 16 -12.06 14.72 10.49
CA ASP A 16 -13.24 15.35 11.00
C ASP A 16 -13.07 15.49 12.55
N LYS A 17 -14.12 15.75 13.24
CA LYS A 17 -14.07 15.94 14.64
C LYS A 17 -14.51 14.69 15.37
N HIS A 18 -15.39 13.91 14.77
CA HIS A 18 -15.90 12.76 15.49
C HIS A 18 -15.95 11.49 14.64
N ASN A 19 -16.52 11.60 13.50
CA ASN A 19 -16.62 10.48 12.63
C ASN A 19 -15.97 10.80 11.33
N MET A 20 -15.25 9.82 10.79
CA MET A 20 -14.44 9.91 9.56
C MET A 20 -13.01 10.18 9.88
N GLU A 21 -12.39 9.14 10.37
CA GLU A 21 -11.03 9.09 10.75
C GLU A 21 -10.59 7.63 10.71
N HIS A 22 -10.04 7.22 9.60
CA HIS A 22 -9.56 5.87 9.48
C HIS A 22 -8.32 5.86 8.70
N ILE A 23 -7.31 5.38 9.32
CA ILE A 23 -6.04 5.18 8.74
C ILE A 23 -5.66 3.79 9.17
N CYS A 24 -5.01 3.10 8.32
CA CYS A 24 -4.62 1.74 8.62
C CYS A 24 -3.11 1.67 8.86
N PRO A 25 -2.66 0.72 9.71
CA PRO A 25 -1.25 0.58 10.10
C PRO A 25 -0.32 0.19 8.94
N PRO A 26 0.92 0.76 8.92
CA PRO A 26 1.94 0.42 7.95
C PRO A 26 2.35 -1.05 8.08
N MET A 27 2.29 -1.76 6.99
CA MET A 27 2.69 -3.13 6.95
C MET A 27 4.06 -3.21 6.34
N VAL A 28 4.85 -4.13 6.79
CA VAL A 28 6.19 -4.25 6.29
C VAL A 28 6.46 -5.68 5.92
N ILE A 29 6.79 -5.90 4.69
CA ILE A 29 7.10 -7.20 4.18
C ILE A 29 8.38 -7.06 3.43
N GLY A 30 9.41 -7.49 4.04
CA GLY A 30 10.69 -7.30 3.48
C GLY A 30 11.37 -8.57 3.19
N ASP A 31 12.61 -8.44 2.81
CA ASP A 31 13.49 -9.52 2.43
C ASP A 31 13.09 -10.09 1.08
N ARG A 32 13.26 -9.27 0.07
CA ARG A 32 13.08 -9.60 -1.33
C ARG A 32 14.20 -8.91 -2.03
N SER A 33 14.77 -9.48 -3.04
CA SER A 33 15.76 -8.73 -3.78
C SER A 33 15.03 -7.76 -4.70
N TYR A 34 15.77 -6.99 -5.46
CA TYR A 34 15.21 -5.94 -6.31
C TYR A 34 14.17 -6.45 -7.26
N ASP A 35 14.53 -7.45 -7.98
CA ASP A 35 13.65 -8.03 -8.98
C ASP A 35 12.49 -8.70 -8.33
N ILE A 36 12.78 -9.38 -7.23
CA ILE A 36 11.78 -10.12 -6.49
C ILE A 36 10.74 -9.16 -5.91
N ALA A 37 11.20 -8.00 -5.45
CA ALA A 37 10.32 -6.99 -4.90
C ALA A 37 9.41 -6.45 -6.00
N MET A 38 9.99 -6.21 -7.16
CA MET A 38 9.22 -5.73 -8.29
C MET A 38 8.21 -6.76 -8.74
N GLU A 39 8.61 -8.00 -8.75
CA GLU A 39 7.72 -9.05 -9.19
C GLU A 39 6.56 -9.23 -8.25
N ILE A 40 6.82 -9.15 -6.96
CA ILE A 40 5.74 -9.33 -6.02
C ILE A 40 4.82 -8.12 -6.04
N VAL A 41 5.40 -6.94 -6.09
CA VAL A 41 4.59 -5.74 -6.04
C VAL A 41 3.82 -5.54 -7.34
N ASN A 42 4.42 -5.87 -8.48
CA ASN A 42 3.71 -5.74 -9.76
C ASN A 42 2.68 -6.83 -9.93
N GLY A 43 2.89 -7.93 -9.23
CA GLY A 43 1.92 -8.99 -9.23
C GLY A 43 0.70 -8.58 -8.44
N VAL A 44 0.94 -8.00 -7.26
CA VAL A 44 -0.13 -7.51 -6.41
C VAL A 44 -0.86 -6.38 -7.13
N ASP A 45 -0.07 -5.52 -7.77
CA ASP A 45 -0.54 -4.38 -8.58
C ASP A 45 -1.58 -4.80 -9.56
N ARG A 46 -1.25 -5.82 -10.30
CA ARG A 46 -2.12 -6.32 -11.33
C ARG A 46 -3.41 -6.86 -10.73
N VAL A 47 -3.29 -7.54 -9.61
CA VAL A 47 -4.44 -8.12 -8.96
C VAL A 47 -5.34 -7.02 -8.37
N ILE A 48 -4.72 -5.95 -7.87
CA ILE A 48 -5.47 -4.83 -7.36
C ILE A 48 -6.19 -4.12 -8.48
N LYS A 49 -5.51 -3.92 -9.59
CA LYS A 49 -6.07 -3.22 -10.72
C LYS A 49 -7.10 -4.06 -11.49
N ALA A 50 -7.10 -5.36 -11.26
CA ALA A 50 -8.08 -6.23 -11.87
C ALA A 50 -9.31 -6.45 -10.98
N SER A 51 -9.09 -6.48 -9.68
CA SER A 51 -10.14 -6.75 -8.74
C SER A 51 -10.75 -5.48 -8.16
N PHE A 52 -10.04 -4.39 -8.26
CA PHE A 52 -10.44 -3.14 -7.70
C PHE A 52 -10.16 -2.06 -8.72
N ASN A 53 -10.39 -0.86 -8.35
CA ASN A 53 -10.07 0.26 -9.15
C ASN A 53 -8.90 0.92 -8.51
N ALA A 54 -7.82 0.98 -9.21
CA ALA A 54 -6.67 1.59 -8.67
C ALA A 54 -5.99 2.43 -9.72
N SER A 55 -5.62 3.59 -9.32
CA SER A 55 -4.83 4.46 -10.13
C SER A 55 -3.46 4.48 -9.50
N VAL A 56 -2.46 4.08 -10.23
CA VAL A 56 -1.13 3.97 -9.67
C VAL A 56 -0.28 5.19 -10.04
N GLU A 57 0.29 5.81 -9.06
CA GLU A 57 1.17 6.92 -9.27
C GLU A 57 2.52 6.57 -8.66
N GLU A 58 3.55 6.49 -9.46
CA GLU A 58 4.86 6.12 -8.97
C GLU A 58 5.75 7.34 -8.79
N LEU A 59 6.15 7.56 -7.56
CA LEU A 59 7.01 8.67 -7.19
C LEU A 59 8.27 8.11 -6.55
N GLU A 60 9.17 8.99 -6.20
CA GLU A 60 10.38 8.62 -5.54
C GLU A 60 10.14 8.56 -4.05
N GLY A 61 10.85 7.70 -3.40
CA GLY A 61 10.74 7.55 -1.97
C GLY A 61 11.76 8.43 -1.29
N GLU A 62 11.74 8.48 0.02
CA GLU A 62 12.64 9.37 0.71
C GLU A 62 13.95 8.69 1.11
N ASP A 63 15.03 9.40 0.84
CA ASP A 63 16.43 9.02 1.20
C ASP A 63 16.89 7.70 0.62
N CYS A 64 16.45 6.62 1.19
CA CYS A 64 16.88 5.33 0.77
C CYS A 64 15.68 4.49 0.28
N ASP A 65 14.50 5.12 0.22
CA ASP A 65 13.36 4.46 -0.35
C ASP A 65 13.49 4.61 -1.83
N VAL A 66 13.48 3.53 -2.52
CA VAL A 66 13.73 3.55 -3.94
C VAL A 66 12.50 3.88 -4.74
N LEU A 67 11.39 3.40 -4.31
CA LEU A 67 10.17 3.58 -5.07
C LEU A 67 9.05 3.82 -4.13
N TYR A 68 8.22 4.74 -4.48
CA TYR A 68 7.06 5.04 -3.70
C TYR A 68 5.88 5.06 -4.65
N ARG A 69 5.10 4.04 -4.64
CA ARG A 69 3.95 4.00 -5.49
C ARG A 69 2.67 4.18 -4.70
N LYS A 70 1.99 5.21 -5.06
CA LYS A 70 0.78 5.65 -4.45
C LYS A 70 -0.38 5.15 -5.31
N TYR A 71 -1.11 4.20 -4.83
CA TYR A 71 -2.27 3.71 -5.51
C TYR A 71 -3.49 4.37 -4.95
N THR A 72 -4.32 4.87 -5.79
CA THR A 72 -5.58 5.39 -5.36
C THR A 72 -6.60 4.28 -5.54
N LEU A 73 -7.19 3.87 -4.46
CA LEU A 73 -8.07 2.73 -4.46
C LEU A 73 -9.53 3.13 -4.36
N GLU A 74 -10.30 2.49 -5.19
CA GLU A 74 -11.73 2.59 -5.22
C GLU A 74 -12.30 1.20 -5.38
N LYS A 75 -13.30 0.94 -4.65
CA LYS A 75 -14.06 -0.28 -4.70
C LYS A 75 -15.51 0.09 -4.49
N GLU A 76 -16.14 0.45 -5.59
CA GLU A 76 -17.52 0.95 -5.66
C GLU A 76 -17.96 1.79 -4.45
N GLY A 77 -17.38 2.96 -4.34
CA GLY A 77 -17.69 3.86 -3.27
C GLY A 77 -16.71 3.76 -2.12
N LYS A 78 -16.04 2.62 -1.99
CA LYS A 78 -15.05 2.43 -0.94
C LYS A 78 -13.77 2.98 -1.46
N LYS A 79 -13.19 3.90 -0.77
CA LYS A 79 -12.05 4.56 -1.30
C LYS A 79 -10.92 4.61 -0.29
N GLY A 80 -9.73 4.55 -0.80
CA GLY A 80 -8.55 4.61 0.01
C GLY A 80 -7.34 4.95 -0.82
N ILE A 81 -6.23 5.10 -0.18
CA ILE A 81 -5.00 5.38 -0.84
C ILE A 81 -3.97 4.36 -0.29
N VAL A 82 -3.15 3.82 -1.15
CA VAL A 82 -2.19 2.81 -0.73
C VAL A 82 -0.80 3.23 -1.14
N HIS A 83 -0.01 3.57 -0.18
CA HIS A 83 1.34 4.01 -0.38
C HIS A 83 2.31 2.85 -0.17
N VAL A 84 2.86 2.37 -1.25
CA VAL A 84 3.81 1.27 -1.18
C VAL A 84 5.20 1.80 -1.45
N LYS A 85 6.07 1.73 -0.50
CA LYS A 85 7.43 2.16 -0.69
C LYS A 85 8.36 0.96 -0.68
N LEU A 86 9.34 0.97 -1.55
CA LEU A 86 10.30 -0.10 -1.59
C LEU A 86 11.56 0.48 -1.04
N ARG A 87 11.91 0.08 0.12
CA ARG A 87 13.04 0.64 0.79
C ARG A 87 14.22 -0.26 0.58
N LYS A 88 15.32 0.31 0.23
CA LYS A 88 16.50 -0.46 -0.01
C LYS A 88 17.12 -0.82 1.33
N ILE A 89 17.12 -2.09 1.68
CA ILE A 89 17.74 -2.46 2.91
C ILE A 89 19.18 -2.81 2.65
N THR A 90 20.03 -1.99 3.14
CA THR A 90 21.41 -2.13 2.98
C THR A 90 22.00 -1.91 4.36
N GLU A 91 23.28 -2.12 4.55
CA GLU A 91 23.89 -1.92 5.87
C GLU A 91 23.81 -0.44 6.27
N ASN A 92 23.65 0.38 5.29
CA ASN A 92 23.56 1.84 5.48
C ASN A 92 22.12 2.30 5.59
N CYS A 93 21.18 1.41 5.38
CA CYS A 93 19.78 1.78 5.38
C CYS A 93 18.95 0.82 6.21
N PRO A 94 18.45 1.28 7.37
CA PRO A 94 17.63 0.46 8.24
C PRO A 94 16.21 0.28 7.69
N PRO A 95 15.67 -0.95 7.79
CA PRO A 95 14.29 -1.25 7.41
C PRO A 95 13.29 -0.60 8.37
N VAL A 96 12.05 -0.54 7.96
CA VAL A 96 11.04 0.08 8.79
C VAL A 96 10.36 -1.00 9.63
N ASP A 97 9.81 -0.60 10.72
CA ASP A 97 9.11 -1.48 11.61
C ASP A 97 7.63 -1.25 11.49
N GLY A 98 6.93 -2.28 11.16
CA GLY A 98 5.52 -2.18 11.00
C GLY A 98 4.90 -3.50 11.14
N ASN A 99 3.74 -3.63 10.62
CA ASN A 99 3.02 -4.88 10.68
C ASN A 99 3.56 -5.87 9.68
N ARG A 100 4.47 -6.66 10.14
CA ARG A 100 5.08 -7.71 9.39
C ARG A 100 4.08 -8.83 9.24
N CYS A 101 3.76 -9.20 8.03
CA CYS A 101 2.79 -10.23 7.83
C CYS A 101 3.47 -11.58 7.80
N SER A 102 2.69 -12.62 7.95
CA SER A 102 3.16 -13.96 7.91
C SER A 102 3.46 -14.36 6.47
N VAL A 103 4.72 -14.46 6.15
CA VAL A 103 5.15 -14.77 4.82
C VAL A 103 5.15 -16.27 4.62
N LEU A 104 4.65 -16.63 3.51
CA LEU A 104 4.51 -17.97 3.02
C LEU A 104 4.52 -17.83 1.53
N GLU A 105 4.08 -18.86 0.80
CA GLU A 105 4.03 -18.78 -0.65
C GLU A 105 3.23 -17.55 -1.12
N PHE A 106 3.67 -16.99 -2.26
CA PHE A 106 3.20 -15.73 -2.88
C PHE A 106 1.72 -15.47 -2.68
N GLU A 107 0.90 -16.46 -2.92
CA GLU A 107 -0.55 -16.31 -2.83
C GLU A 107 -0.99 -15.86 -1.43
N ARG A 108 -0.44 -16.43 -0.39
CA ARG A 108 -0.86 -16.07 0.96
C ARG A 108 -0.38 -14.68 1.35
N ASP A 109 0.76 -14.34 0.80
CA ASP A 109 1.39 -13.05 1.05
C ASP A 109 0.57 -11.97 0.34
N ILE A 110 0.19 -12.24 -0.91
CA ILE A 110 -0.63 -11.30 -1.64
C ILE A 110 -2.04 -11.21 -1.03
N GLU A 111 -2.57 -12.36 -0.54
CA GLU A 111 -3.89 -12.36 0.12
C GLU A 111 -3.84 -11.50 1.35
N CYS A 112 -2.72 -11.51 2.03
CA CYS A 112 -2.53 -10.71 3.21
C CYS A 112 -2.57 -9.23 2.86
N ILE A 113 -1.92 -8.90 1.77
CA ILE A 113 -1.94 -7.54 1.27
C ILE A 113 -3.36 -7.16 0.82
N VAL A 114 -3.99 -8.04 0.08
CA VAL A 114 -5.33 -7.78 -0.45
C VAL A 114 -6.32 -7.62 0.69
N LYS A 115 -6.18 -8.43 1.73
CA LYS A 115 -7.05 -8.37 2.89
C LYS A 115 -6.92 -7.03 3.59
N ALA A 116 -5.71 -6.51 3.64
CA ALA A 116 -5.46 -5.22 4.24
C ALA A 116 -6.13 -4.14 3.43
N ILE A 117 -6.02 -4.24 2.12
CA ILE A 117 -6.67 -3.29 1.23
C ILE A 117 -8.20 -3.42 1.33
N GLU A 118 -8.71 -4.66 1.39
CA GLU A 118 -10.15 -4.88 1.49
C GLU A 118 -10.68 -4.27 2.76
N GLU A 119 -9.98 -4.49 3.87
CA GLU A 119 -10.41 -3.91 5.11
C GLU A 119 -10.34 -2.42 5.04
N CYS A 120 -9.26 -1.90 4.56
CA CYS A 120 -9.04 -0.47 4.62
C CYS A 120 -10.00 0.29 3.68
N LEU A 121 -10.51 -0.39 2.69
CA LEU A 121 -11.51 0.19 1.85
C LEU A 121 -12.89 0.09 2.48
N ALA A 122 -13.24 -1.08 2.98
CA ALA A 122 -14.58 -1.34 3.45
C ALA A 122 -14.79 -0.85 4.88
N LYS A 123 -13.73 -0.78 5.63
CA LYS A 123 -13.76 -0.43 7.04
C LYS A 123 -13.31 1.02 7.15
N GLY A 124 -13.21 1.66 5.99
CA GLY A 124 -12.70 3.00 5.85
C GLY A 124 -13.62 4.09 6.30
N GLU A 125 -14.01 4.00 7.50
CA GLU A 125 -14.77 4.99 8.21
C GLU A 125 -14.85 4.54 9.64
N LEU A 126 -14.01 5.10 10.46
CA LEU A 126 -13.94 4.75 11.83
C LEU A 126 -13.91 5.99 12.66
N ASN A 127 -13.82 5.76 13.92
CA ASN A 127 -13.69 6.74 14.94
C ASN A 127 -12.58 6.25 15.86
N SER A 128 -12.00 7.15 16.62
CA SER A 128 -10.95 6.84 17.59
C SER A 128 -9.70 6.29 16.89
N LYS A 129 -9.46 6.80 15.74
CA LYS A 129 -8.36 6.42 14.93
C LYS A 129 -7.50 7.60 14.59
N LEU A 130 -6.34 7.65 15.21
CA LEU A 130 -5.40 8.68 14.97
C LEU A 130 -4.91 8.60 13.53
N GLU A 131 -4.67 9.73 12.97
CA GLU A 131 -4.22 9.85 11.61
C GLU A 131 -2.82 9.29 11.40
N GLY A 132 -2.49 9.11 10.17
CA GLY A 132 -1.17 8.77 9.76
C GLY A 132 -0.75 9.86 8.86
N LYS A 133 -1.30 9.85 7.67
CA LYS A 133 -1.15 10.93 6.76
C LYS A 133 -2.53 11.48 6.51
N PRO A 134 -2.80 12.75 6.83
CA PRO A 134 -4.05 13.37 6.46
C PRO A 134 -4.04 13.58 4.96
N ILE A 135 -4.79 12.80 4.25
CA ILE A 135 -4.76 12.85 2.82
C ILE A 135 -6.08 13.37 2.27
N PRO A 136 -6.10 14.64 1.86
CA PRO A 136 -7.18 15.17 1.08
C PRO A 136 -6.93 14.78 -0.38
N ASN A 137 -7.91 14.28 -1.04
CA ASN A 137 -7.70 13.86 -2.39
C ASN A 137 -8.87 14.31 -3.23
N PRO A 138 -8.70 15.43 -3.94
CA PRO A 138 -9.75 16.00 -4.75
C PRO A 138 -9.94 15.26 -6.08
N LEU A 139 -10.57 14.10 -6.00
CA LEU A 139 -10.93 13.34 -7.15
C LEU A 139 -12.25 12.65 -6.96
N LEU A 140 -12.84 12.24 -8.03
CA LEU A 140 -14.09 11.51 -8.00
C LEU A 140 -13.84 10.11 -8.47
N GLY A 141 -13.68 9.21 -7.52
CA GLY A 141 -13.44 7.83 -7.84
C GLY A 141 -14.61 7.22 -8.58
N LEU A 142 -14.33 6.58 -9.66
CA LEU A 142 -15.36 6.01 -10.47
C LEU A 142 -15.07 4.53 -10.65
N ASP A 143 -15.73 3.73 -9.84
CA ASP A 143 -15.60 2.28 -9.92
C ASP A 143 -16.94 1.63 -9.69
N SER A 144 -17.21 0.61 -10.44
CA SER A 144 -18.39 -0.16 -10.26
C SER A 144 -18.10 -1.60 -10.61
N THR A 145 -17.03 -2.07 -10.10
CA THR A 145 -16.66 -3.43 -10.28
C THR A 145 -17.30 -4.23 -9.16
N ARG A 146 -18.20 -5.13 -9.52
CA ARG A 146 -19.03 -5.88 -8.59
C ARG A 146 -18.19 -6.58 -7.52
N THR A 147 -18.33 -6.13 -6.30
CA THR A 147 -17.63 -6.68 -5.18
C THR A 147 -18.37 -7.93 -4.68
N GLY A 148 -17.68 -9.03 -4.68
CA GLY A 148 -18.24 -10.25 -4.22
C GLY A 148 -17.36 -11.40 -4.63
#